data_8Z0H
#
_entry.id   8Z0H
#
_cell.length_a   86.614
_cell.length_b   115.584
_cell.length_c   94.107
_cell.angle_alpha   90.000
_cell.angle_beta   111.158
_cell.angle_gamma   90.000
#
_symmetry.space_group_name_H-M   'P 1 21 1'
#
loop_
_entity.id
_entity.type
_entity.pdbx_description
1 polymer 'MHC class I alpha chain 2'
2 polymer Beta-2-microglobulin
3 polymer 'Gag protein'
4 water water
#
loop_
_entity_poly.entity_id
_entity_poly.type
_entity_poly.pdbx_seq_one_letter_code
_entity_poly.pdbx_strand_id
1 'polypeptide(L)'
;MELHTLRYIRTAMTDPGPGLPWYVDVGYVDGELFVHYNSTARRYVPRTEWIAAKADQQYWDGQTQIGQGNEQIDRENLGI
LQRRYNQTGGSHTVQWMYGCDILEGGPIRGYYQMAYDGRDFTAFDKGTMTFTAAVPEAVPTKRKWEEGDYAEGLKQYLEE
TCVEWLRRYVEYGKAELGRRERPEVRVWGKEADGILTLSCRAHGFYPRPIVVSWLKDGAVRGQDAHSGGIVPNGDGTYHT
WVTIDAQPGDGDKYQCRVEHASLPQPGLYSWEP
;
A,D,G,J
2 'polypeptide(L)'
;LTPKVQVYSRFPASAGTKNVLNCFAAGFHPPKISITLMKDGVPMEGAQYSDMSFNDDWTFQRLVHADFTPSSGSTYACKV
EHETLKEPQVYKWDPEF
;
B,E,H,K
3 'polypeptide(L)' SALQAFREV I,C,F,L
#
# COMPACT_ATOMS: atom_id res chain seq x y z
N MET A 1 5.61 -9.81 7.07
CA MET A 1 6.54 -10.36 6.05
C MET A 1 5.73 -10.56 4.77
N GLU A 2 6.31 -10.18 3.64
CA GLU A 2 5.59 -10.15 2.37
C GLU A 2 5.75 -11.47 1.64
N LEU A 3 4.66 -12.23 1.59
CA LEU A 3 4.62 -13.56 0.98
C LEU A 3 3.88 -13.44 -0.36
N HIS A 4 4.42 -14.08 -1.39
CA HIS A 4 3.71 -14.19 -2.65
C HIS A 4 3.91 -15.59 -3.22
N THR A 5 2.95 -16.00 -4.07
CA THR A 5 2.95 -17.33 -4.67
C THR A 5 2.57 -17.27 -6.15
N LEU A 6 3.25 -18.13 -6.92
CA LEU A 6 2.90 -18.38 -8.32
C LEU A 6 2.64 -19.88 -8.45
N ARG A 7 1.47 -20.24 -8.95
CA ARG A 7 1.11 -21.64 -9.08
C ARG A 7 0.50 -21.86 -10.46
N TYR A 8 0.98 -22.87 -11.15
CA TYR A 8 0.37 -23.34 -12.38
C TYR A 8 -0.24 -24.72 -12.16
N ILE A 9 -1.44 -24.94 -12.68
CA ILE A 9 -2.06 -26.26 -12.65
C ILE A 9 -2.56 -26.59 -14.06
N ARG A 10 -2.61 -27.89 -14.36
CA ARG A 10 -3.17 -28.32 -15.63
C ARG A 10 -3.77 -29.70 -15.46
N THR A 11 -4.76 -29.97 -16.31
CA THR A 11 -5.51 -31.20 -16.26
C THR A 11 -5.67 -31.68 -17.69
N ALA A 12 -5.41 -32.98 -17.93
CA ALA A 12 -5.80 -33.68 -19.15
C ALA A 12 -6.79 -34.79 -18.79
N MET A 13 -7.90 -34.81 -19.51
CA MET A 13 -9.04 -35.67 -19.20
C MET A 13 -9.38 -36.54 -20.39
N THR A 14 -9.74 -37.80 -20.14
CA THR A 14 -10.32 -38.60 -21.20
C THR A 14 -11.81 -38.28 -21.41
N ASP A 15 -12.51 -37.74 -20.40
CA ASP A 15 -13.96 -37.60 -20.47
C ASP A 15 -14.37 -36.28 -19.85
N PRO A 16 -14.07 -35.14 -20.49
CA PRO A 16 -14.44 -33.84 -19.92
C PRO A 16 -15.96 -33.56 -19.92
N GLY A 17 -16.69 -34.23 -20.82
CA GLY A 17 -18.12 -33.99 -20.99
C GLY A 17 -18.44 -33.37 -22.35
N PRO A 18 -19.72 -33.43 -22.77
CA PRO A 18 -20.16 -32.88 -24.05
C PRO A 18 -19.81 -31.42 -24.20
N GLY A 19 -19.09 -31.10 -25.27
CA GLY A 19 -18.81 -29.74 -25.65
C GLY A 19 -17.59 -29.15 -24.95
N LEU A 20 -16.95 -29.90 -24.04
CA LEU A 20 -15.96 -29.31 -23.16
C LEU A 20 -14.55 -29.72 -23.56
N PRO A 21 -13.55 -28.84 -23.34
CA PRO A 21 -12.15 -29.14 -23.67
C PRO A 21 -11.56 -30.22 -22.75
N TRP A 22 -10.81 -31.12 -23.34
CA TRP A 22 -10.19 -32.22 -22.60
C TRP A 22 -8.94 -31.77 -21.85
N TYR A 23 -8.39 -30.61 -22.20
CA TYR A 23 -7.17 -30.10 -21.57
C TYR A 23 -7.43 -28.65 -21.12
N VAL A 24 -7.18 -28.38 -19.82
CA VAL A 24 -7.37 -27.06 -19.25
C VAL A 24 -6.14 -26.75 -18.39
N ASP A 25 -5.75 -25.48 -18.40
CA ASP A 25 -4.44 -25.07 -17.95
C ASP A 25 -4.56 -23.65 -17.43
N VAL A 26 -4.31 -23.44 -16.12
CA VAL A 26 -4.50 -22.12 -15.53
C VAL A 26 -3.35 -21.76 -14.59
N GLY A 27 -3.14 -20.46 -14.40
CA GLY A 27 -2.12 -19.95 -13.49
C GLY A 27 -2.71 -19.00 -12.46
N TYR A 28 -2.09 -18.93 -11.27
CA TYR A 28 -2.54 -18.15 -10.13
C TYR A 28 -1.38 -17.37 -9.50
N VAL A 29 -1.62 -16.09 -9.22
CA VAL A 29 -0.69 -15.29 -8.42
C VAL A 29 -1.40 -14.92 -7.12
N ASP A 30 -0.80 -15.31 -6.00
CA ASP A 30 -1.39 -15.11 -4.67
C ASP A 30 -2.81 -15.64 -4.65
N GLY A 31 -3.02 -16.79 -5.28
CA GLY A 31 -4.30 -17.46 -5.34
C GLY A 31 -5.31 -16.86 -6.30
N GLU A 32 -4.95 -15.83 -7.06
CA GLU A 32 -5.90 -15.20 -7.98
C GLU A 32 -5.60 -15.65 -9.41
N LEU A 33 -6.63 -16.25 -10.04
CA LEU A 33 -6.53 -16.72 -11.42
C LEU A 33 -6.11 -15.59 -12.32
N PHE A 34 -5.04 -15.77 -13.11
CA PHE A 34 -4.64 -14.68 -14.00
C PHE A 34 -4.47 -15.11 -15.45
N VAL A 35 -4.30 -16.42 -15.74
CA VAL A 35 -4.19 -16.91 -17.13
C VAL A 35 -4.96 -18.24 -17.28
N HIS A 36 -5.50 -18.47 -18.50
CA HIS A 36 -6.22 -19.67 -18.84
C HIS A 36 -5.90 -20.07 -20.28
N TYR A 37 -5.60 -21.38 -20.46
CA TYR A 37 -5.44 -22.04 -21.73
C TYR A 37 -6.35 -23.26 -21.76
N ASN A 38 -6.91 -23.60 -22.94
CA ASN A 38 -7.54 -24.89 -23.09
C ASN A 38 -7.30 -25.37 -24.52
N SER A 39 -7.59 -26.67 -24.71
CA SER A 39 -7.29 -27.37 -25.95
C SER A 39 -8.19 -26.96 -27.11
N THR A 40 -9.29 -26.28 -26.83
CA THR A 40 -10.17 -25.83 -27.90
C THR A 40 -9.69 -24.47 -28.39
N ALA A 41 -9.51 -23.53 -27.46
CA ALA A 41 -9.04 -22.18 -27.78
C ALA A 41 -7.60 -22.17 -28.30
N ARG A 42 -6.75 -23.05 -27.78
CA ARG A 42 -5.38 -23.22 -28.19
C ARG A 42 -4.55 -21.95 -27.97
N ARG A 43 -4.97 -21.10 -27.01
CA ARG A 43 -4.11 -20.01 -26.61
C ARG A 43 -4.40 -19.68 -25.14
N TYR A 44 -3.46 -18.97 -24.54
CA TYR A 44 -3.70 -18.38 -23.23
C TYR A 44 -4.45 -17.06 -23.38
N VAL A 45 -5.38 -16.82 -22.47
CA VAL A 45 -6.06 -15.54 -22.37
C VAL A 45 -5.87 -15.01 -20.96
N PRO A 46 -5.89 -13.67 -20.79
CA PRO A 46 -5.86 -13.06 -19.45
C PRO A 46 -7.14 -13.29 -18.65
N ARG A 47 -6.99 -13.36 -17.32
CA ARG A 47 -8.13 -13.48 -16.44
C ARG A 47 -8.09 -12.39 -15.35
N THR A 48 -7.09 -11.52 -15.39
CA THR A 48 -7.13 -10.29 -14.59
C THR A 48 -6.88 -9.09 -15.49
N GLU A 49 -7.37 -7.93 -15.05
CA GLU A 49 -7.15 -6.71 -15.83
C GLU A 49 -5.67 -6.33 -15.79
N TRP A 50 -4.95 -6.58 -14.70
CA TRP A 50 -3.56 -6.18 -14.65
C TRP A 50 -2.67 -6.97 -15.61
N ILE A 51 -2.91 -8.27 -15.80
CA ILE A 51 -2.05 -8.97 -16.77
C ILE A 51 -2.43 -8.54 -18.18
N ALA A 52 -3.72 -8.32 -18.44
CA ALA A 52 -4.18 -7.87 -19.75
C ALA A 52 -3.53 -6.53 -20.10
N ALA A 53 -3.43 -5.66 -19.10
CA ALA A 53 -2.95 -4.29 -19.32
C ALA A 53 -1.44 -4.28 -19.48
N LYS A 54 -0.70 -5.12 -18.77
CA LYS A 54 0.74 -4.96 -18.66
C LYS A 54 1.54 -5.94 -19.50
N ALA A 55 0.94 -7.03 -19.97
CA ALA A 55 1.63 -8.03 -20.78
C ALA A 55 1.46 -7.63 -22.25
N ASP A 56 2.48 -7.87 -23.06
CA ASP A 56 2.39 -7.53 -24.47
C ASP A 56 2.12 -8.79 -25.30
N GLN A 57 2.04 -8.63 -26.63
CA GLN A 57 1.69 -9.74 -27.49
C GLN A 57 2.77 -10.84 -27.45
N GLN A 58 4.03 -10.44 -27.27
CA GLN A 58 5.10 -11.41 -27.22
C GLN A 58 4.89 -12.34 -26.01
N TYR A 59 4.42 -11.77 -24.89
CA TYR A 59 4.17 -12.57 -23.70
C TYR A 59 3.11 -13.63 -24.02
N TRP A 60 1.99 -13.20 -24.59
CA TRP A 60 0.88 -14.11 -24.90
C TRP A 60 1.32 -15.19 -25.88
N ASP A 61 2.06 -14.81 -26.92
CA ASP A 61 2.45 -15.77 -27.93
C ASP A 61 3.43 -16.80 -27.30
N GLY A 62 4.35 -16.31 -26.47
CA GLY A 62 5.31 -17.17 -25.78
C GLY A 62 4.62 -18.16 -24.84
N GLN A 63 3.63 -17.68 -24.08
CA GLN A 63 2.92 -18.57 -23.16
C GLN A 63 2.07 -19.56 -23.95
N THR A 64 1.42 -19.08 -25.04
CA THR A 64 0.64 -19.95 -25.90
C THR A 64 1.49 -21.11 -26.42
N GLN A 65 2.74 -20.84 -26.79
CA GLN A 65 3.62 -21.89 -27.31
C GLN A 65 3.84 -22.96 -26.25
N ILE A 66 4.00 -22.52 -25.00
CA ILE A 66 4.21 -23.43 -23.88
C ILE A 66 2.96 -24.24 -23.62
N GLY A 67 1.79 -23.58 -23.64
CA GLY A 67 0.54 -24.29 -23.47
C GLY A 67 0.32 -25.37 -24.52
N GLN A 68 0.62 -25.04 -25.78
CA GLN A 68 0.44 -25.99 -26.87
C GLN A 68 1.38 -27.17 -26.68
N GLY A 69 2.61 -26.87 -26.27
CA GLY A 69 3.60 -27.91 -26.00
C GLY A 69 3.15 -28.85 -24.89
N ASN A 70 2.60 -28.25 -23.81
CA ASN A 70 2.19 -29.03 -22.66
C ASN A 70 0.95 -29.86 -23.00
N GLU A 71 0.05 -29.31 -23.82
CA GLU A 71 -1.15 -30.03 -24.24
C GLU A 71 -0.71 -31.32 -24.94
N GLN A 72 0.29 -31.17 -25.83
CA GLN A 72 0.72 -32.30 -26.64
C GLN A 72 1.32 -33.40 -25.77
N ILE A 73 2.16 -33.00 -24.80
CA ILE A 73 2.82 -33.96 -23.95
C ILE A 73 1.82 -34.64 -23.01
N ASP A 74 0.85 -33.90 -22.47
CA ASP A 74 -0.12 -34.52 -21.58
C ASP A 74 -1.07 -35.46 -22.33
N ARG A 75 -1.36 -35.18 -23.60
CA ARG A 75 -2.12 -36.13 -24.39
C ARG A 75 -1.35 -37.46 -24.46
N GLU A 76 -0.04 -37.35 -24.72
CA GLU A 76 0.82 -38.52 -24.75
C GLU A 76 0.83 -39.22 -23.39
N ASN A 77 0.96 -38.42 -22.32
CA ASN A 77 1.01 -38.98 -20.97
C ASN A 77 -0.22 -39.79 -20.63
N LEU A 78 -1.42 -39.31 -21.00
CA LEU A 78 -2.65 -40.06 -20.74
C LEU A 78 -2.55 -41.47 -21.34
N GLY A 79 -2.04 -41.56 -22.58
CA GLY A 79 -1.90 -42.84 -23.23
C GLY A 79 -0.87 -43.76 -22.55
N ILE A 80 0.28 -43.17 -22.22
CA ILE A 80 1.34 -43.89 -21.53
C ILE A 80 0.83 -44.49 -20.23
N LEU A 81 0.13 -43.68 -19.44
CA LEU A 81 -0.30 -44.12 -18.13
C LEU A 81 -1.40 -45.17 -18.25
N GLN A 82 -2.34 -45.00 -19.17
CA GLN A 82 -3.36 -46.03 -19.33
C GLN A 82 -2.69 -47.39 -19.61
N ARG A 83 -1.66 -47.42 -20.46
CA ARG A 83 -0.99 -48.67 -20.77
C ARG A 83 -0.24 -49.22 -19.55
N ARG A 84 0.41 -48.34 -18.79
CA ARG A 84 1.15 -48.78 -17.62
C ARG A 84 0.21 -49.44 -16.61
N TYR A 85 -1.02 -48.93 -16.47
CA TYR A 85 -2.00 -49.45 -15.52
C TYR A 85 -2.84 -50.56 -16.16
N ASN A 86 -2.56 -50.92 -17.42
CA ASN A 86 -3.30 -51.98 -18.11
C ASN A 86 -4.79 -51.62 -18.24
N GLN A 87 -5.10 -50.36 -18.56
CA GLN A 87 -6.45 -49.82 -18.60
C GLN A 87 -6.84 -49.47 -20.03
N THR A 88 -8.04 -49.84 -20.52
CA THR A 88 -8.57 -49.25 -21.73
C THR A 88 -9.86 -48.50 -21.43
N GLY A 89 -10.02 -47.36 -22.11
CA GLY A 89 -11.19 -46.51 -22.00
C GLY A 89 -11.43 -46.13 -20.54
N GLY A 90 -12.69 -45.80 -20.24
CA GLY A 90 -13.07 -45.33 -18.94
C GLY A 90 -12.65 -43.87 -18.74
N SER A 91 -12.82 -43.41 -17.52
CA SER A 91 -12.52 -42.03 -17.20
C SER A 91 -11.15 -41.96 -16.53
N HIS A 92 -10.20 -41.20 -17.10
CA HIS A 92 -8.89 -41.01 -16.47
C HIS A 92 -8.46 -39.54 -16.57
N THR A 93 -7.63 -39.11 -15.61
CA THR A 93 -7.08 -37.75 -15.62
C THR A 93 -5.62 -37.72 -15.22
N VAL A 94 -4.87 -36.82 -15.86
CA VAL A 94 -3.56 -36.43 -15.42
C VAL A 94 -3.62 -34.99 -14.94
N GLN A 95 -3.06 -34.70 -13.77
CA GLN A 95 -3.05 -33.36 -13.21
C GLN A 95 -1.63 -32.99 -12.79
N TRP A 96 -1.28 -31.73 -12.99
CA TRP A 96 -0.02 -31.19 -12.56
C TRP A 96 -0.24 -29.93 -11.75
N MET A 97 0.63 -29.75 -10.76
CA MET A 97 0.67 -28.55 -9.97
C MET A 97 2.12 -28.21 -9.69
N TYR A 98 2.51 -26.95 -9.98
CA TYR A 98 3.90 -26.55 -9.77
C TYR A 98 3.94 -25.07 -9.53
N GLY A 99 5.08 -24.62 -9.01
CA GLY A 99 5.29 -23.21 -8.82
C GLY A 99 6.30 -22.88 -7.71
N CYS A 100 6.22 -21.63 -7.26
CA CYS A 100 7.18 -21.10 -6.32
C CYS A 100 6.49 -20.12 -5.38
N ASP A 101 7.09 -20.01 -4.19
CA ASP A 101 6.68 -19.06 -3.16
C ASP A 101 7.88 -18.21 -2.83
N ILE A 102 7.67 -16.91 -2.64
CA ILE A 102 8.71 -15.98 -2.25
C ILE A 102 8.30 -15.26 -0.97
N LEU A 103 9.31 -14.93 -0.17
CA LEU A 103 9.13 -14.25 1.09
C LEU A 103 10.16 -13.13 1.14
N GLU A 104 9.68 -11.88 1.25
CA GLU A 104 10.50 -10.68 1.13
C GLU A 104 11.35 -10.75 -0.14
N GLY A 105 10.73 -11.25 -1.22
CA GLY A 105 11.34 -11.27 -2.54
C GLY A 105 12.20 -12.49 -2.83
N GLY A 106 12.55 -13.27 -1.81
CA GLY A 106 13.44 -14.42 -1.96
C GLY A 106 12.67 -15.74 -1.98
N PRO A 107 13.10 -16.74 -2.75
CA PRO A 107 12.40 -18.02 -2.82
C PRO A 107 12.42 -18.77 -1.50
N ILE A 108 11.27 -19.32 -1.11
CA ILE A 108 11.20 -20.21 0.04
C ILE A 108 10.62 -21.56 -0.32
N ARG A 109 10.14 -21.76 -1.54
CA ARG A 109 9.56 -23.04 -1.90
C ARG A 109 9.51 -23.14 -3.41
N GLY A 110 9.81 -24.33 -3.91
CA GLY A 110 9.57 -24.67 -5.30
C GLY A 110 9.14 -26.12 -5.40
N TYR A 111 8.08 -26.37 -6.16
CA TYR A 111 7.48 -27.70 -6.19
C TYR A 111 7.04 -27.99 -7.62
N TYR A 112 6.92 -29.30 -7.90
CA TYR A 112 6.52 -29.78 -9.20
C TYR A 112 5.98 -31.19 -8.99
N GLN A 113 4.68 -31.36 -9.14
CA GLN A 113 3.96 -32.54 -8.70
C GLN A 113 2.94 -32.99 -9.73
N MET A 114 2.72 -34.31 -9.82
CA MET A 114 1.73 -34.88 -10.69
C MET A 114 0.83 -35.86 -9.95
N ALA A 115 -0.45 -35.91 -10.37
CA ALA A 115 -1.42 -36.91 -9.94
C ALA A 115 -2.00 -37.61 -11.16
N TYR A 116 -2.28 -38.92 -10.98
CA TYR A 116 -3.01 -39.73 -11.95
C TYR A 116 -4.25 -40.26 -11.28
N ASP A 117 -5.42 -40.03 -11.92
CA ASP A 117 -6.72 -40.39 -11.37
C ASP A 117 -6.86 -39.89 -9.94
N GLY A 118 -6.40 -38.67 -9.70
CA GLY A 118 -6.68 -38.00 -8.42
C GLY A 118 -5.78 -38.41 -7.24
N ARG A 119 -4.79 -39.27 -7.49
CA ARG A 119 -3.83 -39.70 -6.48
C ARG A 119 -2.40 -39.31 -6.89
N ASP A 120 -1.65 -38.88 -5.88
CA ASP A 120 -0.27 -38.50 -6.06
C ASP A 120 0.49 -39.55 -6.86
N PHE A 121 1.29 -39.09 -7.82
CA PHE A 121 2.04 -39.97 -8.68
C PHE A 121 3.53 -39.71 -8.51
N THR A 122 4.00 -38.49 -8.85
CA THR A 122 5.40 -38.18 -8.71
C THR A 122 5.50 -36.74 -8.22
N ALA A 123 6.60 -36.46 -7.51
CA ALA A 123 6.92 -35.09 -7.16
C ALA A 123 8.42 -34.89 -7.27
N PHE A 124 8.83 -33.65 -7.58
CA PHE A 124 10.24 -33.31 -7.52
C PHE A 124 10.64 -33.01 -6.09
N ASP A 125 11.77 -33.58 -5.64
CA ASP A 125 12.37 -33.20 -4.37
C ASP A 125 13.61 -32.36 -4.71
N LYS A 126 13.45 -31.04 -4.66
CA LYS A 126 14.47 -30.13 -5.14
C LYS A 126 15.73 -30.22 -4.26
N GLY A 127 15.54 -30.50 -2.98
CA GLY A 127 16.63 -30.63 -2.02
C GLY A 127 17.59 -31.79 -2.33
N THR A 128 17.06 -32.93 -2.76
CA THR A 128 17.91 -34.09 -3.07
C THR A 128 18.14 -34.20 -4.57
N MET A 129 17.44 -33.38 -5.36
CA MET A 129 17.54 -33.37 -6.81
C MET A 129 17.13 -34.75 -7.37
N THR A 130 16.05 -35.30 -6.78
CA THR A 130 15.47 -36.56 -7.23
C THR A 130 13.97 -36.39 -7.47
N PHE A 131 13.33 -37.42 -8.03
CA PHE A 131 11.87 -37.46 -8.14
C PHE A 131 11.32 -38.57 -7.25
N THR A 132 10.23 -38.30 -6.54
CA THR A 132 9.61 -39.27 -5.65
C THR A 132 8.61 -40.08 -6.46
N ALA A 133 8.50 -41.38 -6.15
CA ALA A 133 7.46 -42.22 -6.72
C ALA A 133 6.44 -42.53 -5.62
N ALA A 134 5.25 -41.96 -5.74
CA ALA A 134 4.23 -42.11 -4.71
C ALA A 134 3.56 -43.47 -4.80
N VAL A 135 3.57 -44.03 -6.00
CA VAL A 135 2.93 -45.30 -6.31
C VAL A 135 3.89 -46.12 -7.17
N PRO A 136 3.74 -47.46 -7.18
CA PRO A 136 4.64 -48.31 -7.96
C PRO A 136 4.72 -47.97 -9.44
N GLU A 137 3.61 -47.49 -10.02
CA GLU A 137 3.56 -47.17 -11.44
C GLU A 137 4.40 -45.93 -11.75
N ALA A 138 4.83 -45.18 -10.74
CA ALA A 138 5.65 -43.99 -10.98
C ALA A 138 7.15 -44.30 -10.96
N VAL A 139 7.52 -45.52 -10.58
CA VAL A 139 8.93 -45.87 -10.52
C VAL A 139 9.59 -45.75 -11.89
N PRO A 140 8.99 -46.18 -13.01
CA PRO A 140 9.57 -45.95 -14.33
C PRO A 140 9.75 -44.48 -14.73
N THR A 141 8.87 -43.62 -14.22
CA THR A 141 8.97 -42.19 -14.48
C THR A 141 10.16 -41.61 -13.70
N LYS A 142 10.25 -41.95 -12.41
CA LYS A 142 11.40 -41.58 -11.59
C LYS A 142 12.70 -41.98 -12.28
N ARG A 143 12.77 -43.24 -12.75
CA ARG A 143 13.97 -43.74 -13.39
C ARG A 143 14.33 -42.93 -14.63
N LYS A 144 13.34 -42.74 -15.52
CA LYS A 144 13.53 -42.04 -16.78
C LYS A 144 14.00 -40.61 -16.53
N TRP A 145 13.37 -39.94 -15.56
CA TRP A 145 13.64 -38.53 -15.35
C TRP A 145 14.97 -38.29 -14.63
N GLU A 146 15.35 -39.23 -13.75
CA GLU A 146 16.64 -39.16 -13.07
C GLU A 146 17.76 -39.46 -14.05
N GLU A 147 17.57 -40.47 -14.91
CA GLU A 147 18.58 -40.82 -15.90
C GLU A 147 18.75 -39.69 -16.91
N GLY A 148 17.68 -38.92 -17.18
CA GLY A 148 17.73 -37.87 -18.18
C GLY A 148 18.33 -36.56 -17.67
N ASP A 149 18.57 -36.47 -16.35
CA ASP A 149 19.21 -35.32 -15.75
C ASP A 149 18.39 -34.03 -15.91
N TYR A 150 17.06 -34.14 -15.83
CA TYR A 150 16.17 -33.00 -16.01
C TYR A 150 16.12 -32.15 -14.74
N ALA A 151 16.61 -32.67 -13.62
CA ALA A 151 16.50 -31.98 -12.35
C ALA A 151 17.16 -30.60 -12.41
N GLU A 152 18.31 -30.49 -13.10
CA GLU A 152 19.03 -29.21 -13.14
C GLU A 152 18.16 -28.11 -13.75
N GLY A 153 17.57 -28.38 -14.91
CA GLY A 153 16.71 -27.45 -15.61
C GLY A 153 15.44 -27.11 -14.80
N LEU A 154 14.88 -28.11 -14.12
CA LEU A 154 13.68 -27.88 -13.34
C LEU A 154 14.00 -27.00 -12.13
N LYS A 155 15.13 -27.29 -11.46
CA LYS A 155 15.57 -26.48 -10.33
C LYS A 155 15.77 -25.03 -10.79
N GLN A 156 16.34 -24.82 -11.98
CA GLN A 156 16.58 -23.48 -12.49
C GLN A 156 15.25 -22.74 -12.72
N TYR A 157 14.28 -23.45 -13.29
CA TYR A 157 12.95 -22.85 -13.47
C TYR A 157 12.39 -22.46 -12.10
N LEU A 158 12.44 -23.36 -11.11
CA LEU A 158 11.75 -23.15 -9.87
C LEU A 158 12.42 -22.06 -9.02
N GLU A 159 13.74 -21.95 -9.10
CA GLU A 159 14.48 -21.01 -8.24
C GLU A 159 14.77 -19.69 -8.91
N GLU A 160 14.79 -19.65 -10.24
CA GLU A 160 15.16 -18.45 -10.99
C GLU A 160 13.98 -17.94 -11.81
N THR A 161 13.57 -18.67 -12.84
CA THR A 161 12.60 -18.21 -13.81
C THR A 161 11.27 -17.91 -13.12
N CYS A 162 10.76 -18.89 -12.36
CA CYS A 162 9.49 -18.76 -11.67
C CYS A 162 9.52 -17.53 -10.75
N VAL A 163 10.63 -17.36 -10.03
CA VAL A 163 10.76 -16.29 -9.05
C VAL A 163 10.81 -14.93 -9.74
N GLU A 164 11.57 -14.83 -10.83
CA GLU A 164 11.68 -13.59 -11.58
C GLU A 164 10.32 -13.18 -12.12
N TRP A 165 9.56 -14.14 -12.65
CA TRP A 165 8.24 -13.83 -13.18
C TRP A 165 7.28 -13.43 -12.05
N LEU A 166 7.32 -14.18 -10.94
CA LEU A 166 6.43 -13.84 -9.82
C LEU A 166 6.72 -12.42 -9.31
N ARG A 167 7.99 -12.03 -9.20
CA ARG A 167 8.30 -10.66 -8.83
C ARG A 167 7.69 -9.65 -9.81
N ARG A 168 7.74 -9.94 -11.11
CA ARG A 168 7.19 -9.05 -12.13
C ARG A 168 5.67 -8.98 -11.97
N TYR A 169 5.00 -10.13 -11.79
CA TYR A 169 3.56 -10.14 -11.71
C TYR A 169 3.08 -9.36 -10.49
N VAL A 170 3.80 -9.49 -9.37
CA VAL A 170 3.37 -8.83 -8.15
C VAL A 170 3.51 -7.31 -8.35
N GLU A 171 4.48 -6.89 -9.16
CA GLU A 171 4.61 -5.47 -9.51
C GLU A 171 3.44 -5.05 -10.40
N TYR A 172 3.13 -5.84 -11.44
CA TYR A 172 2.02 -5.52 -12.32
C TYR A 172 0.70 -5.36 -11.53
N GLY A 173 0.45 -6.26 -10.60
CA GLY A 173 -0.86 -6.32 -9.93
C GLY A 173 -0.77 -5.82 -8.48
N LYS A 174 0.22 -4.99 -8.12
CA LYS A 174 0.48 -4.69 -6.71
C LYS A 174 -0.78 -4.13 -6.00
N ALA A 175 -1.44 -3.18 -6.64
CA ALA A 175 -2.60 -2.52 -6.01
C ALA A 175 -3.75 -3.50 -5.85
N GLU A 176 -4.03 -4.30 -6.87
CA GLU A 176 -5.12 -5.26 -6.83
C GLU A 176 -4.83 -6.36 -5.80
N LEU A 177 -3.59 -6.88 -5.76
CA LEU A 177 -3.30 -8.02 -4.90
C LEU A 177 -3.34 -7.57 -3.46
N GLY A 178 -2.97 -6.29 -3.21
CA GLY A 178 -2.90 -5.76 -1.86
C GLY A 178 -4.19 -5.12 -1.34
N ARG A 179 -5.21 -5.06 -2.17
CA ARG A 179 -6.46 -4.40 -1.78
C ARG A 179 -7.16 -5.13 -0.62
N ARG A 180 -8.10 -4.41 -0.01
CA ARG A 180 -8.97 -4.98 1.00
C ARG A 180 -10.40 -4.66 0.62
N GLU A 181 -11.24 -5.69 0.64
CA GLU A 181 -12.69 -5.51 0.48
C GLU A 181 -13.37 -6.06 1.74
N ARG A 182 -14.23 -5.24 2.34
CA ARG A 182 -14.92 -5.59 3.58
C ARG A 182 -16.07 -6.54 3.31
N PRO A 183 -16.30 -7.55 4.16
CA PRO A 183 -17.46 -8.41 4.01
C PRO A 183 -18.76 -7.67 4.39
N GLU A 184 -19.85 -7.99 3.68
CA GLU A 184 -21.18 -7.63 4.14
C GLU A 184 -21.73 -8.84 4.85
N VAL A 185 -22.08 -8.67 6.13
CA VAL A 185 -22.41 -9.84 6.95
C VAL A 185 -23.89 -9.82 7.29
N ARG A 186 -24.51 -11.02 7.25
CA ARG A 186 -25.88 -11.15 7.65
C ARG A 186 -26.04 -12.34 8.57
N VAL A 187 -26.77 -12.11 9.67
CA VAL A 187 -27.18 -13.21 10.53
C VAL A 187 -28.63 -13.55 10.24
N TRP A 188 -28.89 -14.84 10.10
CA TRP A 188 -30.22 -15.32 9.80
C TRP A 188 -30.49 -16.55 10.65
N GLY A 189 -31.75 -16.80 10.95
CA GLY A 189 -32.12 -17.89 11.83
C GLY A 189 -33.24 -18.68 11.18
N LYS A 190 -33.30 -19.99 11.46
CA LYS A 190 -34.41 -20.84 11.08
C LYS A 190 -34.61 -21.88 12.18
N GLU A 191 -35.85 -22.06 12.62
CA GLU A 191 -36.17 -23.13 13.56
C GLU A 191 -36.84 -24.29 12.82
N ALA A 192 -36.46 -25.50 13.23
CA ALA A 192 -37.06 -26.74 12.75
C ALA A 192 -36.81 -27.85 13.78
N ASP A 193 -37.83 -28.65 14.07
CA ASP A 193 -37.71 -29.85 14.89
C ASP A 193 -37.14 -29.52 16.27
N GLY A 194 -37.50 -28.36 16.81
CA GLY A 194 -37.08 -27.99 18.16
C GLY A 194 -35.66 -27.40 18.23
N ILE A 195 -35.02 -27.14 17.08
CA ILE A 195 -33.68 -26.60 17.02
C ILE A 195 -33.68 -25.26 16.25
N LEU A 196 -33.16 -24.20 16.88
CA LEU A 196 -32.93 -22.90 16.27
C LEU A 196 -31.53 -22.90 15.65
N THR A 197 -31.44 -22.87 14.31
CA THR A 197 -30.15 -22.84 13.64
C THR A 197 -29.87 -21.40 13.23
N LEU A 198 -28.80 -20.83 13.79
CA LEU A 198 -28.38 -19.48 13.44
C LEU A 198 -27.25 -19.59 12.41
N SER A 199 -27.31 -18.69 11.44
CA SER A 199 -26.34 -18.60 10.37
C SER A 199 -25.67 -17.24 10.40
N CYS A 200 -24.35 -17.23 10.22
CA CYS A 200 -23.61 -16.00 10.02
C CYS A 200 -22.89 -16.12 8.68
N ARG A 201 -23.23 -15.23 7.75
CA ARG A 201 -22.76 -15.31 6.38
C ARG A 201 -22.02 -14.03 6.04
N ALA A 202 -20.80 -14.16 5.54
CA ALA A 202 -19.96 -13.03 5.16
C ALA A 202 -19.83 -13.05 3.63
N HIS A 203 -20.27 -11.97 3.00
CA HIS A 203 -20.33 -11.84 1.55
C HIS A 203 -19.27 -10.85 1.08
N GLY A 204 -18.46 -11.27 0.12
CA GLY A 204 -17.72 -10.33 -0.70
C GLY A 204 -16.42 -9.81 -0.12
N PHE A 205 -15.69 -10.64 0.63
CA PHE A 205 -14.45 -10.19 1.21
C PHE A 205 -13.24 -10.51 0.38
N TYR A 206 -12.21 -9.69 0.55
CA TYR A 206 -10.89 -9.95 -0.03
C TYR A 206 -9.89 -9.31 0.89
N PRO A 207 -8.75 -9.95 1.25
CA PRO A 207 -8.36 -11.29 0.77
C PRO A 207 -9.12 -12.48 1.35
N ARG A 208 -8.74 -13.67 0.92
CA ARG A 208 -9.47 -14.90 1.20
C ARG A 208 -9.49 -15.24 2.68
N PRO A 209 -8.40 -15.16 3.46
CA PRO A 209 -8.44 -15.60 4.86
C PRO A 209 -9.43 -14.81 5.71
N ILE A 210 -10.19 -15.56 6.52
CA ILE A 210 -11.14 -14.93 7.43
C ILE A 210 -11.35 -15.87 8.61
N VAL A 211 -11.76 -15.29 9.74
CA VAL A 211 -12.24 -16.10 10.86
C VAL A 211 -13.66 -15.64 11.18
N VAL A 212 -14.59 -16.58 11.20
CA VAL A 212 -15.98 -16.29 11.56
C VAL A 212 -16.35 -17.27 12.67
N SER A 213 -16.64 -16.71 13.85
CA SER A 213 -16.90 -17.49 15.05
C SER A 213 -18.28 -17.13 15.64
N TRP A 214 -18.94 -18.14 16.21
CA TRP A 214 -20.10 -17.92 17.08
C TRP A 214 -19.65 -17.86 18.54
N LEU A 215 -20.10 -16.83 19.24
CA LEU A 215 -19.84 -16.61 20.65
C LEU A 215 -21.11 -16.84 21.44
N LYS A 216 -20.91 -17.37 22.68
CA LYS A 216 -21.97 -17.39 23.69
C LYS A 216 -21.28 -17.18 25.02
N ASP A 217 -21.83 -16.34 25.90
CA ASP A 217 -21.23 -16.08 27.21
C ASP A 217 -19.81 -15.55 27.04
N GLY A 218 -19.54 -14.85 25.91
CA GLY A 218 -18.27 -14.22 25.66
C GLY A 218 -17.22 -15.13 25.02
N ALA A 219 -17.55 -16.41 24.84
CA ALA A 219 -16.59 -17.45 24.51
C ALA A 219 -16.94 -18.03 23.15
N VAL A 220 -15.88 -18.34 22.40
CA VAL A 220 -16.02 -18.99 21.10
C VAL A 220 -16.58 -20.37 21.35
N ARG A 221 -17.61 -20.73 20.57
CA ARG A 221 -18.32 -21.98 20.76
C ARG A 221 -18.24 -22.77 19.45
N GLY A 222 -17.30 -23.73 19.39
CA GLY A 222 -17.20 -24.67 18.29
C GLY A 222 -18.15 -25.88 18.42
N GLN A 223 -18.82 -26.04 19.56
CA GLN A 223 -19.70 -27.18 19.79
C GLN A 223 -21.03 -26.89 19.11
N ASP A 224 -21.40 -27.76 18.15
CA ASP A 224 -22.60 -27.62 17.34
C ASP A 224 -22.44 -26.51 16.30
N ALA A 225 -21.22 -25.96 16.12
CA ALA A 225 -20.93 -24.92 15.13
C ALA A 225 -20.29 -25.55 13.88
N HIS A 226 -20.69 -25.13 12.68
CA HIS A 226 -20.24 -25.76 11.47
C HIS A 226 -19.94 -24.68 10.44
N SER A 227 -18.72 -24.70 9.90
CA SER A 227 -18.29 -23.78 8.86
C SER A 227 -18.35 -24.46 7.49
N GLY A 228 -18.86 -23.75 6.50
CA GLY A 228 -18.79 -24.19 5.12
C GLY A 228 -17.45 -23.93 4.43
N GLY A 229 -16.48 -23.42 5.16
CA GLY A 229 -15.21 -23.06 4.55
C GLY A 229 -15.38 -21.83 3.65
N ILE A 230 -14.32 -21.51 2.91
CA ILE A 230 -14.26 -20.27 2.18
C ILE A 230 -14.46 -20.61 0.71
N VAL A 231 -15.46 -20.00 0.09
CA VAL A 231 -15.84 -20.33 -1.27
C VAL A 231 -15.86 -19.07 -2.13
N PRO A 232 -15.66 -19.17 -3.45
CA PRO A 232 -15.48 -18.01 -4.30
C PRO A 232 -16.77 -17.39 -4.82
N ASN A 233 -16.74 -16.07 -5.06
CA ASN A 233 -17.75 -15.39 -5.85
C ASN A 233 -17.24 -15.32 -7.29
N GLY A 234 -18.08 -14.87 -8.21
CA GLY A 234 -17.63 -14.67 -9.60
C GLY A 234 -16.50 -13.65 -9.82
N ASP A 235 -16.22 -12.77 -8.85
CA ASP A 235 -15.62 -11.47 -9.12
C ASP A 235 -14.31 -11.26 -8.35
N GLY A 236 -13.63 -12.31 -7.89
CA GLY A 236 -12.37 -12.16 -7.21
C GLY A 236 -12.52 -11.94 -5.68
N THR A 237 -13.77 -12.05 -5.20
CA THR A 237 -14.02 -11.96 -3.77
C THR A 237 -14.54 -13.31 -3.29
N TYR A 238 -14.70 -13.43 -1.97
CA TYR A 238 -15.02 -14.69 -1.32
C TYR A 238 -16.23 -14.59 -0.40
N HIS A 239 -16.70 -15.79 0.01
CA HIS A 239 -17.91 -15.98 0.78
C HIS A 239 -17.62 -17.04 1.85
N THR A 240 -18.22 -16.89 3.04
CA THR A 240 -18.26 -17.99 3.99
C THR A 240 -19.51 -17.94 4.84
N TRP A 241 -19.91 -19.09 5.36
CA TRP A 241 -20.99 -19.17 6.33
C TRP A 241 -20.65 -20.15 7.44
N VAL A 242 -21.14 -19.81 8.61
CA VAL A 242 -20.99 -20.64 9.79
C VAL A 242 -22.34 -20.70 10.48
N THR A 243 -22.78 -21.90 10.84
CA THR A 243 -24.01 -22.10 11.60
C THR A 243 -23.69 -22.59 13.01
N ILE A 244 -24.68 -22.40 13.88
CA ILE A 244 -24.69 -22.99 15.20
C ILE A 244 -26.12 -23.36 15.56
N ASP A 245 -26.28 -24.51 16.24
CA ASP A 245 -27.58 -24.95 16.69
C ASP A 245 -27.82 -24.51 18.13
N ALA A 246 -28.97 -23.91 18.38
CA ALA A 246 -29.33 -23.35 19.68
C ALA A 246 -30.72 -23.87 20.06
N GLN A 247 -31.07 -23.66 21.32
CA GLN A 247 -32.38 -23.95 21.84
C GLN A 247 -33.29 -22.80 21.40
N PRO A 248 -34.54 -23.08 20.96
CA PRO A 248 -35.53 -22.02 20.77
C PRO A 248 -35.58 -21.09 21.97
N GLY A 249 -35.63 -19.78 21.69
CA GLY A 249 -35.71 -18.76 22.72
C GLY A 249 -34.34 -18.25 23.17
N ASP A 250 -33.25 -18.92 22.73
CA ASP A 250 -31.90 -18.59 23.14
C ASP A 250 -31.20 -17.73 22.07
N GLY A 251 -31.92 -17.23 21.06
CA GLY A 251 -31.27 -16.51 19.96
C GLY A 251 -30.43 -15.31 20.39
N ASP A 252 -30.90 -14.57 21.38
CA ASP A 252 -30.22 -13.34 21.78
C ASP A 252 -28.94 -13.63 22.58
N LYS A 253 -28.66 -14.87 22.92
CA LYS A 253 -27.46 -15.25 23.67
C LYS A 253 -26.25 -15.44 22.79
N TYR A 254 -26.45 -15.37 21.47
CA TYR A 254 -25.38 -15.69 20.53
C TYR A 254 -24.98 -14.45 19.74
N GLN A 255 -23.69 -14.38 19.37
CA GLN A 255 -23.18 -13.26 18.59
C GLN A 255 -22.11 -13.80 17.67
N CYS A 256 -22.15 -13.36 16.40
CA CYS A 256 -21.19 -13.77 15.40
C CYS A 256 -20.05 -12.76 15.40
N ARG A 257 -18.80 -13.24 15.38
CA ARG A 257 -17.64 -12.37 15.28
C ARG A 257 -16.87 -12.65 13.99
N VAL A 258 -16.55 -11.59 13.25
CA VAL A 258 -15.86 -11.67 11.98
C VAL A 258 -14.54 -10.95 12.07
N GLU A 259 -13.45 -11.69 11.84
CA GLU A 259 -12.09 -11.16 11.87
C GLU A 259 -11.52 -11.24 10.45
N HIS A 260 -11.11 -10.11 9.91
CA HIS A 260 -10.66 -10.07 8.52
C HIS A 260 -9.71 -8.88 8.36
N ALA A 261 -8.79 -8.98 7.39
CA ALA A 261 -7.78 -7.94 7.21
C ALA A 261 -8.39 -6.57 6.95
N SER A 262 -9.61 -6.52 6.37
CA SER A 262 -10.29 -5.28 6.01
C SER A 262 -10.87 -4.57 7.24
N LEU A 263 -10.90 -5.27 8.40
CA LEU A 263 -11.63 -4.80 9.57
C LEU A 263 -10.65 -4.53 10.71
N PRO A 264 -10.38 -3.25 11.04
CA PRO A 264 -9.42 -2.93 12.09
C PRO A 264 -9.82 -3.52 13.44
N GLN A 265 -11.12 -3.53 13.74
CA GLN A 265 -11.59 -4.32 14.86
C GLN A 265 -12.59 -5.33 14.32
N PRO A 266 -12.70 -6.50 14.97
CA PRO A 266 -13.62 -7.54 14.54
C PRO A 266 -15.05 -7.00 14.46
N GLY A 267 -15.79 -7.46 13.47
CA GLY A 267 -17.20 -7.16 13.39
C GLY A 267 -18.00 -8.07 14.32
N LEU A 268 -19.06 -7.53 14.92
CA LEU A 268 -19.90 -8.29 15.82
C LEU A 268 -21.34 -8.11 15.36
N TYR A 269 -22.08 -9.24 15.24
CA TYR A 269 -23.40 -9.26 14.62
C TYR A 269 -24.31 -10.21 15.39
N SER A 270 -25.57 -9.77 15.55
CA SER A 270 -26.57 -10.55 16.27
C SER A 270 -27.78 -10.82 15.39
N TRP A 271 -28.60 -11.79 15.81
CA TRP A 271 -29.82 -12.11 15.10
C TRP A 271 -30.92 -11.08 15.39
N GLU A 272 -31.33 -10.37 14.37
CA GLU A 272 -32.45 -9.43 14.44
C GLU A 272 -33.82 -10.15 14.46
N PRO A 273 -34.87 -9.58 15.13
CA PRO A 273 -36.06 -10.32 15.57
C PRO A 273 -36.32 -11.75 15.04
N LEU B 1 -15.44 -39.46 -6.35
CA LEU B 1 -15.64 -38.65 -5.12
C LEU B 1 -16.82 -37.71 -5.37
N THR B 2 -17.78 -37.69 -4.45
CA THR B 2 -19.03 -36.98 -4.68
C THR B 2 -18.81 -35.47 -4.53
N PRO B 3 -19.53 -34.65 -5.30
CA PRO B 3 -19.44 -33.20 -5.15
C PRO B 3 -20.08 -32.72 -3.85
N LYS B 4 -19.40 -31.76 -3.22
CA LYS B 4 -19.91 -31.00 -2.10
C LYS B 4 -20.36 -29.64 -2.64
N VAL B 5 -21.60 -29.26 -2.36
CA VAL B 5 -22.22 -28.16 -3.08
C VAL B 5 -22.74 -27.10 -2.11
N GLN B 6 -22.48 -25.83 -2.44
CA GLN B 6 -23.04 -24.70 -1.73
C GLN B 6 -23.70 -23.73 -2.70
N VAL B 7 -24.82 -23.13 -2.27
CA VAL B 7 -25.59 -22.19 -3.06
C VAL B 7 -25.76 -20.93 -2.24
N TYR B 8 -25.39 -19.77 -2.82
CA TYR B 8 -25.28 -18.51 -2.08
C TYR B 8 -25.30 -17.36 -3.07
N SER B 9 -25.70 -16.17 -2.60
CA SER B 9 -25.70 -14.98 -3.44
C SER B 9 -24.49 -14.12 -3.19
N ARG B 10 -24.09 -13.37 -4.22
CA ARG B 10 -22.93 -12.49 -4.14
C ARG B 10 -23.08 -11.50 -2.99
N PHE B 11 -24.24 -10.84 -2.93
CA PHE B 11 -24.58 -9.91 -1.88
C PHE B 11 -25.68 -10.49 -1.01
N PRO B 12 -25.77 -10.09 0.26
CA PRO B 12 -26.95 -10.45 1.05
C PRO B 12 -28.18 -9.95 0.32
N ALA B 13 -29.16 -10.82 0.11
CA ALA B 13 -30.23 -10.60 -0.85
C ALA B 13 -31.35 -9.75 -0.26
N SER B 14 -32.06 -9.05 -1.14
CA SER B 14 -33.30 -8.35 -0.83
C SER B 14 -34.17 -8.39 -2.07
N ALA B 15 -35.50 -8.44 -1.89
CA ALA B 15 -36.39 -8.50 -3.05
C ALA B 15 -36.20 -7.25 -3.92
N GLY B 16 -36.22 -7.46 -5.22
CA GLY B 16 -36.15 -6.38 -6.19
C GLY B 16 -34.78 -5.73 -6.34
N THR B 17 -33.75 -6.29 -5.68
CA THR B 17 -32.41 -5.76 -5.74
C THR B 17 -31.51 -6.72 -6.53
N LYS B 18 -30.80 -6.15 -7.50
CA LYS B 18 -29.98 -6.92 -8.40
C LYS B 18 -28.85 -7.61 -7.64
N ASN B 19 -28.56 -8.82 -8.07
CA ASN B 19 -27.61 -9.68 -7.35
C ASN B 19 -27.06 -10.73 -8.32
N VAL B 20 -26.29 -11.67 -7.77
CA VAL B 20 -25.76 -12.79 -8.53
C VAL B 20 -25.97 -14.06 -7.72
N LEU B 21 -26.46 -15.11 -8.37
CA LEU B 21 -26.65 -16.38 -7.68
C LEU B 21 -25.50 -17.31 -8.03
N ASN B 22 -24.91 -17.89 -6.99
CA ASN B 22 -23.75 -18.74 -7.14
C ASN B 22 -24.09 -20.18 -6.74
N CYS B 23 -23.51 -21.13 -7.49
CA CYS B 23 -23.50 -22.52 -7.09
C CYS B 23 -22.06 -23.03 -7.26
N PHE B 24 -21.50 -23.49 -6.15
CA PHE B 24 -20.11 -23.96 -6.10
C PHE B 24 -20.10 -25.44 -5.74
N ALA B 25 -19.54 -26.26 -6.64
CA ALA B 25 -19.35 -27.67 -6.44
C ALA B 25 -17.85 -27.95 -6.31
N ALA B 26 -17.49 -28.72 -5.26
CA ALA B 26 -16.09 -28.96 -4.97
C ALA B 26 -15.89 -30.38 -4.48
N GLY B 27 -14.61 -30.79 -4.48
CA GLY B 27 -14.21 -32.04 -3.83
C GLY B 27 -14.47 -33.28 -4.70
N PHE B 28 -14.71 -33.13 -6.02
CA PHE B 28 -15.23 -34.23 -6.82
C PHE B 28 -14.20 -34.74 -7.81
N HIS B 29 -14.45 -35.99 -8.21
CA HIS B 29 -13.70 -36.74 -9.18
C HIS B 29 -14.61 -37.84 -9.69
N PRO B 30 -14.69 -38.14 -11.00
CA PRO B 30 -13.98 -37.47 -12.07
C PRO B 30 -14.48 -36.03 -12.33
N PRO B 31 -13.77 -35.27 -13.18
CA PRO B 31 -14.12 -33.85 -13.40
C PRO B 31 -15.43 -33.59 -14.14
N LYS B 32 -15.93 -34.56 -14.93
CA LYS B 32 -17.19 -34.34 -15.63
C LYS B 32 -18.33 -34.11 -14.64
N ILE B 33 -19.13 -33.07 -14.87
CA ILE B 33 -20.19 -32.69 -13.94
C ILE B 33 -21.16 -31.76 -14.66
N SER B 34 -22.43 -31.79 -14.25
CA SER B 34 -23.44 -30.90 -14.74
C SER B 34 -23.98 -30.11 -13.54
N ILE B 35 -23.87 -28.78 -13.63
CA ILE B 35 -24.35 -27.89 -12.59
C ILE B 35 -25.28 -26.88 -13.25
N THR B 36 -26.50 -26.75 -12.74
CA THR B 36 -27.51 -25.92 -13.37
C THR B 36 -28.27 -25.10 -12.34
N LEU B 37 -28.20 -23.77 -12.47
CA LEU B 37 -28.98 -22.88 -11.61
C LEU B 37 -30.43 -22.87 -12.07
N MET B 38 -31.35 -22.91 -11.12
CA MET B 38 -32.77 -23.11 -11.42
C MET B 38 -33.63 -22.10 -10.66
N LYS B 39 -34.66 -21.59 -11.30
CA LYS B 39 -35.70 -20.78 -10.66
C LYS B 39 -37.05 -21.41 -10.92
N ASP B 40 -37.79 -21.74 -9.83
CA ASP B 40 -39.09 -22.35 -9.93
C ASP B 40 -39.06 -23.54 -10.91
N GLY B 41 -37.98 -24.35 -10.82
CA GLY B 41 -37.89 -25.60 -11.57
C GLY B 41 -37.53 -25.42 -13.05
N VAL B 42 -37.12 -24.21 -13.44
CA VAL B 42 -36.69 -23.90 -14.80
C VAL B 42 -35.24 -23.42 -14.75
N PRO B 43 -34.35 -23.82 -15.68
CA PRO B 43 -33.00 -23.24 -15.69
C PRO B 43 -33.00 -21.74 -15.82
N MET B 44 -32.18 -21.08 -15.02
CA MET B 44 -31.95 -19.65 -15.12
C MET B 44 -31.15 -19.30 -16.36
N GLU B 45 -31.50 -18.21 -17.02
CA GLU B 45 -30.75 -17.76 -18.20
C GLU B 45 -29.52 -16.97 -17.76
N GLY B 46 -28.51 -16.92 -18.64
CA GLY B 46 -27.35 -16.04 -18.49
C GLY B 46 -26.28 -16.61 -17.55
N ALA B 47 -26.33 -17.90 -17.26
CA ALA B 47 -25.39 -18.54 -16.37
C ALA B 47 -24.01 -18.51 -17.01
N GLN B 48 -23.01 -18.20 -16.17
CA GLN B 48 -21.61 -18.19 -16.55
C GLN B 48 -20.84 -19.22 -15.72
N TYR B 49 -19.89 -19.87 -16.39
CA TYR B 49 -19.18 -21.02 -15.82
C TYR B 49 -17.73 -20.61 -15.65
N SER B 50 -17.28 -20.45 -14.41
CA SER B 50 -15.91 -20.03 -14.16
C SER B 50 -15.02 -21.16 -14.65
N ASP B 51 -13.77 -20.84 -14.97
CA ASP B 51 -12.81 -21.87 -15.36
C ASP B 51 -12.75 -22.96 -14.30
N MET B 52 -12.75 -24.21 -14.75
CA MET B 52 -12.62 -25.30 -13.80
C MET B 52 -11.24 -25.24 -13.14
N SER B 53 -11.19 -25.63 -11.87
CA SER B 53 -9.95 -25.60 -11.12
C SER B 53 -9.86 -26.89 -10.29
N PHE B 54 -8.76 -27.02 -9.56
CA PHE B 54 -8.72 -28.06 -8.57
C PHE B 54 -7.88 -27.57 -7.40
N ASN B 55 -8.10 -28.22 -6.25
CA ASN B 55 -7.52 -27.77 -5.00
C ASN B 55 -6.18 -28.49 -4.75
N ASP B 56 -5.53 -28.17 -3.63
CA ASP B 56 -4.23 -28.75 -3.33
C ASP B 56 -4.29 -30.28 -3.21
N ASP B 57 -5.45 -30.82 -2.91
CA ASP B 57 -5.67 -32.25 -2.79
C ASP B 57 -6.10 -32.91 -4.09
N TRP B 58 -5.99 -32.18 -5.21
CA TRP B 58 -6.30 -32.65 -6.56
C TRP B 58 -7.81 -32.71 -6.88
N THR B 59 -8.70 -32.47 -5.92
CA THR B 59 -10.13 -32.60 -6.19
C THR B 59 -10.64 -31.41 -6.97
N PHE B 60 -11.57 -31.69 -7.89
CA PHE B 60 -12.04 -30.67 -8.82
C PHE B 60 -13.11 -29.79 -8.21
N GLN B 61 -13.19 -28.57 -8.74
CA GLN B 61 -14.25 -27.64 -8.36
C GLN B 61 -14.65 -26.75 -9.53
N ARG B 62 -15.92 -26.32 -9.48
CA ARG B 62 -16.51 -25.46 -10.47
C ARG B 62 -17.49 -24.49 -9.81
N LEU B 63 -17.38 -23.21 -10.18
CA LEU B 63 -18.39 -22.19 -9.84
C LEU B 63 -19.25 -21.90 -11.07
N VAL B 64 -20.55 -21.78 -10.83
CA VAL B 64 -21.50 -21.28 -11.80
C VAL B 64 -22.22 -20.10 -11.15
N HIS B 65 -22.40 -19.04 -11.93
CA HIS B 65 -23.00 -17.82 -11.41
C HIS B 65 -23.87 -17.16 -12.47
N ALA B 66 -25.02 -16.62 -12.03
CA ALA B 66 -25.91 -15.91 -12.93
C ALA B 66 -26.45 -14.66 -12.27
N ASP B 67 -26.41 -13.56 -13.00
CA ASP B 67 -27.10 -12.35 -12.58
C ASP B 67 -28.58 -12.63 -12.39
N PHE B 68 -29.14 -12.14 -11.29
CA PHE B 68 -30.57 -12.24 -11.09
C PHE B 68 -31.07 -11.20 -10.12
N THR B 69 -32.41 -11.02 -10.15
CA THR B 69 -33.06 -10.20 -9.14
C THR B 69 -33.99 -11.12 -8.37
N PRO B 70 -33.69 -11.46 -7.11
CA PRO B 70 -34.52 -12.41 -6.39
C PRO B 70 -35.93 -11.86 -6.15
N SER B 71 -36.88 -12.75 -6.33
CA SER B 71 -38.28 -12.47 -6.06
C SER B 71 -38.72 -13.26 -4.84
N SER B 72 -39.58 -12.62 -4.03
CA SER B 72 -40.15 -13.27 -2.87
C SER B 72 -40.99 -14.49 -3.26
N GLY B 73 -41.58 -14.47 -4.44
CA GLY B 73 -42.52 -15.51 -4.80
C GLY B 73 -41.89 -16.75 -5.40
N SER B 74 -40.56 -16.83 -5.44
CA SER B 74 -39.87 -17.82 -6.23
C SER B 74 -38.90 -18.65 -5.38
N THR B 75 -38.54 -19.86 -5.85
CA THR B 75 -37.52 -20.65 -5.19
C THR B 75 -36.38 -20.93 -6.16
N TYR B 76 -35.17 -20.83 -5.62
CA TYR B 76 -33.97 -20.91 -6.43
C TYR B 76 -33.15 -22.10 -5.91
N ALA B 77 -32.47 -22.77 -6.83
CA ALA B 77 -31.73 -23.98 -6.48
C ALA B 77 -30.64 -24.23 -7.50
N CYS B 78 -29.78 -25.18 -7.15
CA CYS B 78 -28.74 -25.68 -8.02
C CYS B 78 -28.95 -27.19 -8.20
N LYS B 79 -29.05 -27.65 -9.45
CA LYS B 79 -29.18 -29.05 -9.73
C LYS B 79 -27.83 -29.58 -10.20
N VAL B 80 -27.38 -30.68 -9.58
CA VAL B 80 -26.07 -31.25 -9.86
C VAL B 80 -26.21 -32.70 -10.27
N GLU B 81 -25.59 -33.04 -11.41
CA GLU B 81 -25.49 -34.41 -11.85
C GLU B 81 -24.03 -34.80 -11.94
N HIS B 82 -23.71 -35.99 -11.44
CA HIS B 82 -22.34 -36.47 -11.41
C HIS B 82 -22.41 -37.98 -11.38
N GLU B 83 -21.38 -38.67 -11.88
CA GLU B 83 -21.38 -40.13 -11.97
C GLU B 83 -21.54 -40.81 -10.62
N THR B 84 -21.12 -40.13 -9.55
CA THR B 84 -21.22 -40.67 -8.21
C THR B 84 -22.63 -40.61 -7.65
N LEU B 85 -23.55 -39.92 -8.33
CA LEU B 85 -24.91 -39.74 -7.82
C LEU B 85 -25.88 -40.50 -8.73
N LYS B 86 -26.71 -41.34 -8.12
CA LYS B 86 -27.65 -42.17 -8.90
C LYS B 86 -28.71 -41.27 -9.53
N GLU B 87 -29.11 -40.22 -8.80
CA GLU B 87 -30.07 -39.26 -9.31
C GLU B 87 -29.49 -37.86 -9.15
N PRO B 88 -29.97 -36.87 -9.94
CA PRO B 88 -29.58 -35.47 -9.74
C PRO B 88 -29.92 -35.02 -8.32
N GLN B 89 -29.07 -34.16 -7.77
CA GLN B 89 -29.20 -33.64 -6.42
C GLN B 89 -29.50 -32.15 -6.54
N VAL B 90 -30.54 -31.70 -5.82
CA VAL B 90 -30.96 -30.31 -5.88
C VAL B 90 -30.67 -29.63 -4.54
N TYR B 91 -29.93 -28.52 -4.59
CA TYR B 91 -29.51 -27.77 -3.41
C TYR B 91 -30.21 -26.40 -3.44
N LYS B 92 -30.99 -26.12 -2.40
CA LYS B 92 -31.87 -24.96 -2.37
C LYS B 92 -31.10 -23.77 -1.84
N TRP B 93 -31.31 -22.63 -2.47
CA TRP B 93 -30.84 -21.36 -1.94
C TRP B 93 -31.74 -20.85 -0.84
N ASP B 94 -31.15 -20.43 0.29
CA ASP B 94 -31.85 -19.69 1.32
C ASP B 94 -31.74 -18.20 1.06
N PRO B 95 -32.83 -17.49 0.75
CA PRO B 95 -32.73 -16.07 0.42
C PRO B 95 -32.28 -15.22 1.59
N GLU B 96 -32.60 -15.64 2.83
CA GLU B 96 -32.29 -14.86 4.02
C GLU B 96 -32.92 -13.45 4.00
N PHE B 97 -34.11 -13.36 3.40
CA PHE B 97 -34.96 -12.18 3.51
C PHE B 97 -36.42 -12.62 3.45
N MET C 1 -49.09 7.95 2.24
CA MET C 1 -50.00 7.96 1.05
C MET C 1 -49.19 7.44 -0.13
N GLU C 2 -49.77 6.53 -0.92
CA GLU C 2 -49.00 5.86 -1.97
C GLU C 2 -49.11 6.63 -3.29
N LEU C 3 -48.00 7.31 -3.68
CA LEU C 3 -47.94 8.07 -4.91
C LEU C 3 -47.24 7.29 -6.01
N HIS C 4 -47.78 7.33 -7.25
CA HIS C 4 -47.06 6.81 -8.40
C HIS C 4 -47.22 7.72 -9.60
N THR C 5 -46.24 7.67 -10.51
CA THR C 5 -46.20 8.53 -11.69
C THR C 5 -45.81 7.73 -12.93
N LEU C 6 -46.47 8.11 -14.04
CA LEU C 6 -46.09 7.65 -15.38
C LEU C 6 -45.81 8.89 -16.21
N ARG C 7 -44.62 8.98 -16.78
CA ARG C 7 -44.26 10.12 -17.60
C ARG C 7 -43.61 9.63 -18.88
N TYR C 8 -44.10 10.12 -20.00
CA TYR C 8 -43.46 9.93 -21.28
C TYR C 8 -42.86 11.25 -21.75
N ILE C 9 -41.64 11.20 -22.32
CA ILE C 9 -41.03 12.35 -22.94
C ILE C 9 -40.51 11.95 -24.32
N ARG C 10 -40.46 12.92 -25.22
CA ARG C 10 -39.84 12.70 -26.51
C ARG C 10 -39.21 13.98 -26.99
N THR C 11 -38.18 13.79 -27.80
CA THR C 11 -37.38 14.90 -28.30
C THR C 11 -37.12 14.64 -29.78
N ALA C 12 -37.36 15.67 -30.61
CA ALA C 12 -37.01 15.62 -32.02
C ALA C 12 -36.04 16.79 -32.33
N MET C 13 -34.89 16.45 -32.93
CA MET C 13 -33.78 17.37 -33.06
C MET C 13 -33.38 17.52 -34.52
N THR C 14 -33.02 18.75 -34.91
CA THR C 14 -32.38 18.93 -36.21
C THR C 14 -30.88 18.64 -36.11
N ASP C 15 -30.31 18.70 -34.90
CA ASP C 15 -28.86 18.67 -34.72
C ASP C 15 -28.50 17.81 -33.52
N PRO C 16 -28.75 16.49 -33.58
CA PRO C 16 -28.56 15.64 -32.42
C PRO C 16 -27.09 15.35 -32.09
N GLY C 17 -26.21 15.55 -33.07
CA GLY C 17 -24.83 15.12 -32.93
C GLY C 17 -24.50 14.07 -33.99
N PRO C 18 -23.19 13.74 -34.15
CA PRO C 18 -22.74 12.98 -35.34
C PRO C 18 -23.22 11.52 -35.36
N GLY C 19 -24.23 11.20 -36.18
CA GLY C 19 -24.77 9.85 -36.25
C GLY C 19 -25.69 9.46 -35.08
N LEU C 20 -25.91 10.38 -34.15
CA LEU C 20 -26.86 10.13 -33.07
C LEU C 20 -28.27 10.24 -33.61
N PRO C 21 -29.26 9.52 -33.01
CA PRO C 21 -30.63 9.55 -33.49
C PRO C 21 -31.23 10.93 -33.24
N TRP C 22 -31.95 11.42 -34.27
CA TRP C 22 -32.58 12.71 -34.21
C TRP C 22 -33.87 12.67 -33.37
N TYR C 23 -34.41 11.47 -33.13
CA TYR C 23 -35.63 11.29 -32.36
C TYR C 23 -35.41 10.26 -31.27
N VAL C 24 -35.66 10.69 -30.00
CA VAL C 24 -35.51 9.84 -28.84
C VAL C 24 -36.75 9.99 -27.97
N ASP C 25 -37.15 8.88 -27.32
CA ASP C 25 -38.51 8.73 -26.82
C ASP C 25 -38.40 7.75 -25.66
N VAL C 26 -38.74 8.21 -24.44
CA VAL C 26 -38.54 7.36 -23.26
C VAL C 26 -39.71 7.50 -22.30
N GLY C 27 -39.96 6.41 -21.55
CA GLY C 27 -40.95 6.43 -20.48
C GLY C 27 -40.34 6.14 -19.11
N TYR C 28 -41.00 6.68 -18.07
CA TYR C 28 -40.61 6.59 -16.68
C TYR C 28 -41.79 6.21 -15.79
N VAL C 29 -41.56 5.26 -14.89
CA VAL C 29 -42.49 4.94 -13.82
C VAL C 29 -41.82 5.28 -12.50
N ASP C 30 -42.47 6.14 -11.71
CA ASP C 30 -41.92 6.63 -10.45
C ASP C 30 -40.49 7.12 -10.63
N GLY C 31 -40.26 7.81 -11.76
CA GLY C 31 -38.97 8.39 -12.09
C GLY C 31 -37.91 7.41 -12.59
N GLU C 32 -38.25 6.13 -12.76
CA GLU C 32 -37.29 5.13 -13.23
C GLU C 32 -37.57 4.86 -14.70
N LEU C 33 -36.54 5.02 -15.54
CA LEU C 33 -36.63 4.72 -16.97
C LEU C 33 -37.03 3.25 -17.18
N PHE C 34 -38.06 3.00 -17.99
CA PHE C 34 -38.44 1.63 -18.27
C PHE C 34 -38.56 1.27 -19.74
N VAL C 35 -38.72 2.25 -20.63
CA VAL C 35 -38.81 1.99 -22.07
C VAL C 35 -38.07 3.10 -22.85
N HIS C 36 -37.45 2.72 -23.97
CA HIS C 36 -36.73 3.60 -24.85
C HIS C 36 -36.99 3.23 -26.32
N TYR C 37 -37.28 4.27 -27.11
CA TYR C 37 -37.38 4.17 -28.57
C TYR C 37 -36.49 5.25 -29.17
N ASN C 38 -35.84 4.96 -30.31
CA ASN C 38 -35.23 6.04 -31.07
C ASN C 38 -35.38 5.71 -32.56
N SER C 39 -35.10 6.72 -33.35
CA SER C 39 -35.25 6.71 -34.81
C SER C 39 -34.24 5.79 -35.51
N THR C 40 -33.16 5.38 -34.85
CA THR C 40 -32.24 4.43 -35.44
C THR C 40 -32.74 3.00 -35.24
N ALA C 41 -33.04 2.67 -33.99
CA ALA C 41 -33.51 1.33 -33.63
C ALA C 41 -34.90 1.02 -34.19
N ARG C 42 -35.76 2.02 -34.25
CA ARG C 42 -37.13 1.93 -34.75
C ARG C 42 -38.00 0.94 -33.99
N ARG C 43 -37.68 0.69 -32.71
CA ARG C 43 -38.58 -0.06 -31.86
C ARG C 43 -38.32 0.37 -30.42
N TYR C 44 -39.30 0.07 -29.55
CA TYR C 44 -39.07 0.23 -28.13
C TYR C 44 -38.32 -0.97 -27.60
N VAL C 45 -37.42 -0.70 -26.64
CA VAL C 45 -36.72 -1.75 -25.94
C VAL C 45 -37.01 -1.53 -24.46
N PRO C 46 -37.00 -2.61 -23.67
CA PRO C 46 -37.08 -2.47 -22.22
C PRO C 46 -35.82 -1.87 -21.59
N ARG C 47 -36.01 -1.17 -20.46
CA ARG C 47 -34.90 -0.64 -19.70
C ARG C 47 -35.00 -1.05 -18.23
N THR C 48 -35.99 -1.88 -17.90
CA THR C 48 -36.00 -2.57 -16.62
C THR C 48 -36.23 -4.06 -16.83
N GLU C 49 -35.79 -4.86 -15.87
CA GLU C 49 -35.99 -6.31 -15.98
C GLU C 49 -37.47 -6.64 -15.85
N TRP C 50 -38.23 -5.87 -15.06
CA TRP C 50 -39.63 -6.21 -14.86
C TRP C 50 -40.46 -5.98 -16.12
N ILE C 51 -40.20 -4.91 -16.88
CA ILE C 51 -40.99 -4.75 -18.10
C ILE C 51 -40.55 -5.80 -19.14
N ALA C 52 -39.27 -6.14 -19.17
CA ALA C 52 -38.78 -7.15 -20.11
C ALA C 52 -39.46 -8.48 -19.85
N ALA C 53 -39.63 -8.81 -18.57
CA ALA C 53 -40.13 -10.12 -18.19
C ALA C 53 -41.63 -10.20 -18.39
N LYS C 54 -42.34 -9.10 -18.15
CA LYS C 54 -43.80 -9.14 -18.01
C LYS C 54 -44.55 -8.61 -19.22
N ALA C 55 -43.87 -7.98 -20.19
CA ALA C 55 -44.51 -7.51 -21.41
C ALA C 55 -44.29 -8.55 -22.50
N ASP C 56 -45.31 -8.85 -23.28
CA ASP C 56 -45.23 -9.84 -24.35
C ASP C 56 -45.06 -9.15 -25.69
N GLN C 57 -44.99 -9.92 -26.78
CA GLN C 57 -44.68 -9.32 -28.08
C GLN C 57 -45.80 -8.39 -28.54
N GLN C 58 -47.04 -8.67 -28.16
CA GLN C 58 -48.15 -7.79 -28.52
C GLN C 58 -47.92 -6.40 -27.91
N TYR C 59 -47.44 -6.37 -26.68
CA TYR C 59 -47.18 -5.10 -26.01
C TYR C 59 -46.10 -4.33 -26.78
N TRP C 60 -44.96 -4.99 -27.07
CA TRP C 60 -43.86 -4.37 -27.75
C TRP C 60 -44.26 -3.91 -29.16
N ASP C 61 -45.04 -4.72 -29.87
CA ASP C 61 -45.42 -4.33 -31.22
C ASP C 61 -46.34 -3.13 -31.16
N GLY C 62 -47.27 -3.12 -30.18
CA GLY C 62 -48.22 -2.02 -30.01
C GLY C 62 -47.47 -0.72 -29.68
N GLN C 63 -46.49 -0.80 -28.79
CA GLN C 63 -45.74 0.40 -28.40
C GLN C 63 -44.90 0.88 -29.58
N THR C 64 -44.26 -0.06 -30.26
CA THR C 64 -43.41 0.27 -31.40
C THR C 64 -44.22 0.98 -32.47
N GLN C 65 -45.46 0.55 -32.70
CA GLN C 65 -46.31 1.21 -33.68
C GLN C 65 -46.50 2.67 -33.29
N ILE C 66 -46.74 2.91 -31.99
CA ILE C 66 -46.94 4.27 -31.50
C ILE C 66 -45.64 5.07 -31.63
N GLY C 67 -44.48 4.50 -31.28
CA GLY C 67 -43.22 5.18 -31.43
C GLY C 67 -42.95 5.59 -32.88
N GLN C 68 -43.21 4.67 -33.80
CA GLN C 68 -42.97 4.97 -35.22
C GLN C 68 -43.93 6.06 -35.69
N GLY C 69 -45.18 5.99 -35.23
CA GLY C 69 -46.18 6.99 -35.55
C GLY C 69 -45.78 8.37 -35.03
N ASN C 70 -45.29 8.41 -33.79
CA ASN C 70 -44.88 9.66 -33.19
C ASN C 70 -43.63 10.20 -33.88
N GLU C 71 -42.71 9.33 -34.28
CA GLU C 71 -41.50 9.74 -34.97
C GLU C 71 -41.93 10.43 -36.29
N GLN C 72 -42.91 9.84 -36.97
CA GLN C 72 -43.33 10.35 -38.28
C GLN C 72 -43.92 11.76 -38.09
N ILE C 73 -44.79 11.92 -37.07
CA ILE C 73 -45.44 13.20 -36.84
C ILE C 73 -44.46 14.26 -36.36
N ASP C 74 -43.47 13.88 -35.51
CA ASP C 74 -42.51 14.88 -35.05
C ASP C 74 -41.54 15.28 -36.16
N ARG C 75 -41.24 14.40 -37.12
CA ARG C 75 -40.46 14.80 -38.27
C ARG C 75 -41.19 15.92 -39.00
N GLU C 76 -42.48 15.70 -39.21
CA GLU C 76 -43.34 16.70 -39.84
C GLU C 76 -43.36 17.97 -39.00
N ASN C 77 -43.53 17.83 -37.68
CA ASN C 77 -43.64 18.99 -36.81
C ASN C 77 -42.40 19.86 -36.84
N LEU C 78 -41.21 19.26 -36.85
CA LEU C 78 -39.99 20.04 -36.92
C LEU C 78 -40.00 20.93 -38.15
N GLY C 79 -40.45 20.38 -39.27
CA GLY C 79 -40.47 21.14 -40.50
C GLY C 79 -41.54 22.24 -40.46
N ILE C 80 -42.72 21.91 -39.96
CA ILE C 80 -43.80 22.87 -39.79
C ILE C 80 -43.34 24.07 -38.98
N LEU C 81 -42.68 23.80 -37.84
CA LEU C 81 -42.32 24.89 -36.95
C LEU C 81 -41.20 25.72 -37.54
N GLN C 82 -40.20 25.08 -38.15
CA GLN C 82 -39.13 25.87 -38.75
C GLN C 82 -39.74 26.82 -39.79
N ARG C 83 -40.65 26.33 -40.62
CA ARG C 83 -41.27 27.19 -41.62
C ARG C 83 -42.13 28.28 -40.99
N ARG C 84 -42.89 27.93 -39.93
CA ARG C 84 -43.76 28.91 -39.29
C ARG C 84 -42.92 30.05 -38.72
N TYR C 85 -41.76 29.74 -38.13
CA TYR C 85 -40.89 30.76 -37.55
C TYR C 85 -39.94 31.36 -38.59
N ASN C 86 -40.03 30.93 -39.86
CA ASN C 86 -39.18 31.43 -40.94
C ASN C 86 -37.69 31.18 -40.63
N GLN C 87 -37.41 29.97 -40.15
CA GLN C 87 -36.06 29.47 -39.89
C GLN C 87 -35.64 28.56 -41.03
N THR C 88 -34.38 28.68 -41.48
CA THR C 88 -33.96 28.03 -42.72
C THR C 88 -33.03 26.83 -42.49
N GLY C 89 -32.38 26.80 -41.33
CA GLY C 89 -31.49 25.74 -40.90
C GLY C 89 -31.23 25.85 -39.40
N GLY C 90 -30.05 25.44 -38.94
CA GLY C 90 -29.65 25.73 -37.58
C GLY C 90 -30.15 24.65 -36.63
N SER C 91 -30.02 24.89 -35.33
CA SER C 91 -30.38 23.90 -34.32
C SER C 91 -31.80 24.18 -33.81
N HIS C 92 -32.71 23.21 -33.95
CA HIS C 92 -34.06 23.34 -33.44
C HIS C 92 -34.53 22.03 -32.82
N THR C 93 -35.37 22.14 -31.80
CA THR C 93 -35.76 20.97 -31.01
C THR C 93 -37.24 21.09 -30.66
N VAL C 94 -37.94 19.98 -30.79
CA VAL C 94 -39.30 19.83 -30.28
C VAL C 94 -39.26 18.84 -29.11
N GLN C 95 -39.90 19.20 -28.00
CA GLN C 95 -39.98 18.31 -26.85
C GLN C 95 -41.43 18.14 -26.46
N TRP C 96 -41.78 16.92 -26.02
CA TRP C 96 -43.09 16.62 -25.45
C TRP C 96 -42.89 15.97 -24.10
N MET C 97 -43.74 16.34 -23.14
CA MET C 97 -43.82 15.69 -21.86
C MET C 97 -45.28 15.50 -21.46
N TYR C 98 -45.67 14.27 -21.12
CA TYR C 98 -47.04 13.98 -20.75
C TYR C 98 -47.10 12.80 -19.81
N GLY C 99 -48.25 12.67 -19.16
CA GLY C 99 -48.47 11.53 -18.28
C GLY C 99 -49.49 11.80 -17.18
N CYS C 100 -49.39 10.97 -16.12
CA CYS C 100 -50.39 10.98 -15.06
C CYS C 100 -49.71 10.62 -13.76
N ASP C 101 -50.29 11.13 -12.68
CA ASP C 101 -49.92 10.80 -11.32
C ASP C 101 -51.15 10.22 -10.64
N ILE C 102 -50.94 9.16 -9.85
CA ILE C 102 -52.00 8.59 -9.03
C ILE C 102 -51.61 8.61 -7.54
N LEU C 103 -52.63 8.67 -6.68
CA LEU C 103 -52.46 8.68 -5.23
C LEU C 103 -53.51 7.72 -4.66
N GLU C 104 -53.06 6.71 -3.94
CA GLU C 104 -53.92 5.63 -3.47
C GLU C 104 -54.76 5.07 -4.62
N GLY C 105 -54.14 4.98 -5.79
CA GLY C 105 -54.74 4.34 -6.94
C GLY C 105 -55.58 5.25 -7.83
N GLY C 106 -55.91 6.47 -7.35
CA GLY C 106 -56.75 7.39 -8.09
C GLY C 106 -55.95 8.50 -8.77
N PRO C 107 -56.37 8.97 -9.94
CA PRO C 107 -55.65 10.06 -10.63
C PRO C 107 -55.69 11.35 -9.85
N ILE C 108 -54.55 12.05 -9.79
CA ILE C 108 -54.48 13.39 -9.23
C ILE C 108 -53.86 14.40 -10.19
N ARG C 109 -53.37 13.95 -11.34
CA ARG C 109 -52.81 14.86 -12.31
C ARG C 109 -52.81 14.16 -13.66
N GLY C 110 -53.11 14.92 -14.69
CA GLY C 110 -52.84 14.51 -16.05
C GLY C 110 -52.40 15.71 -16.89
N TYR C 111 -51.32 15.55 -17.65
CA TYR C 111 -50.71 16.71 -18.31
C TYR C 111 -50.22 16.25 -19.69
N TYR C 112 -50.14 17.22 -20.59
CA TYR C 112 -49.71 17.01 -21.96
C TYR C 112 -49.19 18.35 -22.48
N GLN C 113 -47.87 18.43 -22.67
CA GLN C 113 -47.17 19.69 -22.89
C GLN C 113 -46.14 19.55 -24.01
N MET C 114 -45.95 20.64 -24.77
CA MET C 114 -44.93 20.69 -25.81
C MET C 114 -44.07 21.93 -25.62
N ALA C 115 -42.78 21.81 -25.96
CA ALA C 115 -41.83 22.91 -26.06
C ALA C 115 -41.22 22.93 -27.45
N TYR C 116 -40.82 24.13 -27.88
CA TYR C 116 -40.08 24.33 -29.12
C TYR C 116 -38.89 25.21 -28.76
N ASP C 117 -37.69 24.78 -29.13
CA ASP C 117 -36.43 25.44 -28.83
C ASP C 117 -36.34 25.75 -27.34
N GLY C 118 -36.75 24.79 -26.52
CA GLY C 118 -36.48 24.82 -25.09
C GLY C 118 -37.47 25.66 -24.28
N ARG C 119 -38.54 26.14 -24.93
CA ARG C 119 -39.51 27.02 -24.28
C ARG C 119 -40.91 26.47 -24.52
N ASP C 120 -41.78 26.65 -23.51
CA ASP C 120 -43.16 26.26 -23.61
C ASP C 120 -43.78 26.70 -24.94
N PHE C 121 -44.55 25.81 -25.56
CA PHE C 121 -45.22 26.09 -26.81
C PHE C 121 -46.73 25.93 -26.62
N THR C 122 -47.19 24.73 -26.27
CA THR C 122 -48.60 24.50 -26.01
C THR C 122 -48.72 23.49 -24.88
N ALA C 123 -49.83 23.59 -24.15
CA ALA C 123 -50.17 22.62 -23.12
C ALA C 123 -51.67 22.37 -23.12
N PHE C 124 -52.07 21.15 -22.77
CA PHE C 124 -53.47 20.86 -22.56
C PHE C 124 -53.93 21.35 -21.20
N ASP C 125 -55.08 22.03 -21.15
CA ASP C 125 -55.75 22.34 -19.90
C ASP C 125 -56.96 21.41 -19.83
N LYS C 126 -56.80 20.31 -19.09
CA LYS C 126 -57.79 19.26 -19.05
C LYS C 126 -59.10 19.75 -18.43
N GLY C 127 -58.99 20.67 -17.47
CA GLY C 127 -60.13 21.24 -16.77
C GLY C 127 -61.09 21.99 -17.69
N THR C 128 -60.54 22.77 -18.62
CA THR C 128 -61.37 23.58 -19.51
C THR C 128 -61.51 22.91 -20.88
N MET C 129 -60.76 21.82 -21.10
CA MET C 129 -60.78 21.07 -22.34
C MET C 129 -60.34 21.95 -23.51
N THR C 130 -59.33 22.77 -23.24
CA THR C 130 -58.73 23.65 -24.25
C THR C 130 -57.21 23.42 -24.28
N PHE C 131 -56.56 24.02 -25.27
CA PHE C 131 -55.10 24.00 -25.33
C PHE C 131 -54.59 25.43 -25.17
N THR C 132 -53.55 25.62 -24.36
CA THR C 132 -53.03 26.97 -24.15
C THR C 132 -51.95 27.21 -25.18
N ALA C 133 -51.85 28.45 -25.68
CA ALA C 133 -50.78 28.84 -26.57
C ALA C 133 -49.82 29.73 -25.76
N ALA C 134 -48.62 29.21 -25.52
CA ALA C 134 -47.66 29.90 -24.69
C ALA C 134 -46.98 31.03 -25.46
N VAL C 135 -46.95 30.91 -26.80
CA VAL C 135 -46.26 31.86 -27.66
C VAL C 135 -47.16 32.14 -28.86
N PRO C 136 -47.00 33.30 -29.54
CA PRO C 136 -47.85 33.60 -30.71
C PRO C 136 -47.86 32.53 -31.80
N GLU C 137 -46.72 31.86 -31.99
CA GLU C 137 -46.58 30.87 -33.04
C GLU C 137 -47.41 29.62 -32.72
N ALA C 138 -47.89 29.49 -31.47
CA ALA C 138 -48.67 28.33 -31.08
C ALA C 138 -50.18 28.54 -31.28
N VAL C 139 -50.58 29.78 -31.58
CA VAL C 139 -52.00 30.08 -31.70
C VAL C 139 -52.61 29.27 -32.85
N PRO C 140 -51.95 29.10 -34.00
CA PRO C 140 -52.50 28.21 -35.05
C PRO C 140 -52.67 26.74 -34.64
N THR C 141 -51.77 26.27 -33.77
CA THR C 141 -51.86 24.91 -33.24
C THR C 141 -53.06 24.78 -32.31
N LYS C 142 -53.21 25.71 -31.38
CA LYS C 142 -54.37 25.76 -30.49
C LYS C 142 -55.65 25.71 -31.32
N ARG C 143 -55.74 26.55 -32.35
CA ARG C 143 -56.95 26.65 -33.15
C ARG C 143 -57.25 25.32 -33.86
N LYS C 144 -56.22 24.74 -34.50
CA LYS C 144 -56.36 23.48 -35.22
C LYS C 144 -56.84 22.38 -34.28
N TRP C 145 -56.22 22.32 -33.10
CA TRP C 145 -56.51 21.23 -32.19
C TRP C 145 -57.86 21.35 -31.49
N GLU C 146 -58.30 22.60 -31.23
CA GLU C 146 -59.59 22.86 -30.65
C GLU C 146 -60.69 22.58 -31.67
N GLU C 147 -60.48 23.01 -32.92
CA GLU C 147 -61.45 22.75 -33.97
C GLU C 147 -61.60 21.26 -34.24
N GLY C 148 -60.51 20.50 -34.05
CA GLY C 148 -60.50 19.07 -34.37
C GLY C 148 -61.09 18.20 -33.26
N ASP C 149 -61.38 18.80 -32.10
CA ASP C 149 -62.07 18.09 -31.02
C ASP C 149 -61.24 16.92 -30.47
N TYR C 150 -59.92 17.12 -30.39
CA TYR C 150 -59.03 16.08 -29.89
C TYR C 150 -59.06 16.01 -28.37
N ALA C 151 -59.61 17.02 -27.71
CA ALA C 151 -59.54 17.11 -26.26
C ALA C 151 -60.19 15.88 -25.63
N GLU C 152 -61.33 15.40 -26.20
CA GLU C 152 -62.03 14.28 -25.57
C GLU C 152 -61.14 13.04 -25.49
N GLY C 153 -60.49 12.71 -26.60
CA GLY C 153 -59.60 11.56 -26.65
C GLY C 153 -58.37 11.72 -25.76
N LEU C 154 -57.82 12.94 -25.70
CA LEU C 154 -56.65 13.19 -24.86
C LEU C 154 -57.02 13.06 -23.37
N LYS C 155 -58.19 13.59 -22.99
CA LYS C 155 -58.66 13.47 -21.63
C LYS C 155 -58.82 12.00 -21.27
N GLN C 156 -59.37 11.20 -22.18
CA GLN C 156 -59.60 9.79 -21.91
C GLN C 156 -58.26 9.05 -21.73
N TYR C 157 -57.26 9.40 -22.55
CA TYR C 157 -55.93 8.82 -22.35
C TYR C 157 -55.40 9.17 -20.96
N LEU C 158 -55.48 10.44 -20.57
CA LEU C 158 -54.82 10.89 -19.37
C LEU C 158 -55.53 10.40 -18.11
N GLU C 159 -56.87 10.25 -18.17
CA GLU C 159 -57.62 9.86 -16.99
C GLU C 159 -57.87 8.36 -16.89
N GLU C 160 -57.85 7.66 -18.02
CA GLU C 160 -58.22 6.24 -18.05
C GLU C 160 -57.02 5.39 -18.48
N THR C 161 -56.62 5.48 -19.76
CA THR C 161 -55.58 4.64 -20.30
C THR C 161 -54.28 4.74 -19.49
N CYS C 162 -53.78 5.98 -19.32
CA CYS C 162 -52.52 6.23 -18.62
C CYS C 162 -52.60 5.63 -17.21
N VAL C 163 -53.72 5.82 -16.54
CA VAL C 163 -53.91 5.39 -15.16
C VAL C 163 -53.94 3.87 -15.05
N GLU C 164 -54.68 3.24 -15.97
CA GLU C 164 -54.75 1.79 -15.98
C GLU C 164 -53.37 1.18 -16.19
N TRP C 165 -52.60 1.74 -17.14
CA TRP C 165 -51.27 1.21 -17.39
C TRP C 165 -50.34 1.45 -16.22
N LEU C 166 -50.39 2.67 -15.66
CA LEU C 166 -49.53 2.95 -14.50
C LEU C 166 -49.81 1.94 -13.36
N ARG C 167 -51.08 1.66 -13.09
CA ARG C 167 -51.38 0.68 -12.05
C ARG C 167 -50.75 -0.69 -12.35
N ARG C 168 -50.77 -1.09 -13.63
CA ARG C 168 -50.21 -2.36 -14.05
C ARG C 168 -48.70 -2.33 -13.87
N TYR C 169 -48.03 -1.25 -14.30
CA TYR C 169 -46.60 -1.18 -14.24
C TYR C 169 -46.13 -1.23 -12.79
N VAL C 170 -46.83 -0.55 -11.89
CA VAL C 170 -46.45 -0.53 -10.49
C VAL C 170 -46.53 -1.95 -9.91
N GLU C 171 -47.52 -2.72 -10.36
CA GLU C 171 -47.62 -4.10 -9.92
C GLU C 171 -46.47 -4.94 -10.51
N TYR C 172 -46.16 -4.78 -11.80
CA TYR C 172 -45.04 -5.46 -12.40
C TYR C 172 -43.73 -5.21 -11.67
N GLY C 173 -43.49 -3.96 -11.27
CA GLY C 173 -42.20 -3.59 -10.70
C GLY C 173 -42.25 -3.33 -9.20
N LYS C 174 -43.26 -3.88 -8.50
CA LYS C 174 -43.51 -3.47 -7.11
C LYS C 174 -42.29 -3.72 -6.23
N ALA C 175 -41.62 -4.86 -6.39
CA ALA C 175 -40.49 -5.18 -5.53
C ALA C 175 -39.32 -4.25 -5.79
N GLU C 176 -39.03 -3.96 -7.06
CA GLU C 176 -37.94 -3.07 -7.44
C GLU C 176 -38.26 -1.64 -6.99
N LEU C 177 -39.49 -1.17 -7.18
CA LEU C 177 -39.81 0.23 -6.90
C LEU C 177 -39.80 0.44 -5.38
N GLY C 178 -40.13 -0.60 -4.64
CA GLY C 178 -40.26 -0.53 -3.20
C GLY C 178 -39.00 -0.89 -2.41
N ARG C 179 -37.94 -1.24 -3.09
CA ARG C 179 -36.72 -1.68 -2.41
C ARG C 179 -36.01 -0.52 -1.73
N ARG C 180 -35.09 -0.87 -0.82
CA ARG C 180 -34.25 0.13 -0.19
C ARG C 180 -32.79 -0.33 -0.29
N GLU C 181 -31.94 0.56 -0.80
CA GLU C 181 -30.50 0.31 -0.78
C GLU C 181 -29.81 1.42 0.01
N ARG C 182 -28.97 0.99 1.00
CA ARG C 182 -28.28 1.91 1.87
C ARG C 182 -27.12 2.58 1.17
N PRO C 183 -26.89 3.87 1.41
CA PRO C 183 -25.70 4.51 0.87
C PRO C 183 -24.43 4.07 1.58
N GLU C 184 -23.33 4.05 0.85
CA GLU C 184 -22.01 4.02 1.43
C GLU C 184 -21.54 5.46 1.46
N VAL C 185 -21.16 5.93 2.63
CA VAL C 185 -20.82 7.33 2.84
C VAL C 185 -19.33 7.50 3.08
N ARG C 186 -18.75 8.53 2.47
CA ARG C 186 -17.39 8.90 2.73
C ARG C 186 -17.28 10.40 2.97
N VAL C 187 -16.57 10.74 4.05
CA VAL C 187 -16.16 12.10 4.31
C VAL C 187 -14.70 12.31 3.91
N TRP C 188 -14.46 13.42 3.22
CA TRP C 188 -13.13 13.77 2.74
C TRP C 188 -12.92 15.25 2.99
N GLY C 189 -11.67 15.63 3.25
CA GLY C 189 -11.36 17.04 3.40
C GLY C 189 -10.14 17.42 2.56
N LYS C 190 -10.15 18.66 2.07
CA LYS C 190 -9.02 19.20 1.30
C LYS C 190 -8.92 20.69 1.59
N GLU C 191 -7.69 21.15 1.85
CA GLU C 191 -7.44 22.57 2.07
C GLU C 191 -6.85 23.22 0.82
N ALA C 192 -7.31 24.46 0.55
CA ALA C 192 -6.81 25.31 -0.52
C ALA C 192 -7.16 26.75 -0.19
N ASP C 193 -6.21 27.67 -0.39
CA ASP C 193 -6.45 29.10 -0.26
C ASP C 193 -6.98 29.45 1.12
N GLY C 194 -6.52 28.75 2.17
CA GLY C 194 -6.90 29.07 3.54
C GLY C 194 -8.26 28.49 3.96
N ILE C 195 -8.89 27.67 3.11
CA ILE C 195 -10.21 27.10 3.35
C ILE C 195 -10.12 25.58 3.35
N LEU C 196 -10.58 24.94 4.44
CA LEU C 196 -10.72 23.49 4.54
C LEU C 196 -12.12 23.15 4.04
N THR C 197 -12.21 22.48 2.88
CA THR C 197 -13.47 22.09 2.30
C THR C 197 -13.71 20.65 2.68
N LEU C 198 -14.78 20.41 3.44
CA LEU C 198 -15.16 19.09 3.87
C LEU C 198 -16.28 18.62 2.93
N SER C 199 -16.15 17.37 2.51
CA SER C 199 -17.07 16.76 1.55
C SER C 199 -17.69 15.53 2.20
N CYS C 200 -19.01 15.42 2.03
CA CYS C 200 -19.77 14.27 2.46
C CYS C 200 -20.46 13.72 1.22
N ARG C 201 -20.15 12.46 0.88
CA ARG C 201 -20.64 11.83 -0.33
C ARG C 201 -21.40 10.58 0.05
N ALA C 202 -22.65 10.49 -0.42
CA ALA C 202 -23.43 9.26 -0.29
C ALA C 202 -23.51 8.54 -1.62
N HIS C 203 -23.07 7.29 -1.63
CA HIS C 203 -22.93 6.49 -2.83
C HIS C 203 -23.94 5.35 -2.81
N GLY C 204 -24.74 5.24 -3.87
CA GLY C 204 -25.46 3.99 -4.12
C GLY C 204 -26.79 3.85 -3.36
N PHE C 205 -27.52 4.93 -3.12
CA PHE C 205 -28.76 4.80 -2.36
C PHE C 205 -29.96 4.68 -3.27
N TYR C 206 -31.01 4.05 -2.73
CA TYR C 206 -32.29 3.97 -3.42
C TYR C 206 -33.33 3.81 -2.34
N PRO C 207 -34.49 4.54 -2.33
CA PRO C 207 -34.93 5.45 -3.38
C PRO C 207 -34.21 6.79 -3.44
N ARG C 208 -34.66 7.63 -4.38
CA ARG C 208 -33.94 8.85 -4.71
C ARG C 208 -33.91 9.86 -3.58
N PRO C 209 -35.02 10.19 -2.88
CA PRO C 209 -34.96 11.25 -1.87
C PRO C 209 -33.99 10.95 -0.73
N ILE C 210 -33.23 11.99 -0.35
CA ILE C 210 -32.26 11.86 0.72
C ILE C 210 -32.02 13.24 1.30
N VAL C 211 -31.61 13.28 2.57
CA VAL C 211 -31.12 14.52 3.14
C VAL C 211 -29.69 14.26 3.63
N VAL C 212 -28.77 15.11 3.19
CA VAL C 212 -27.40 15.05 3.66
C VAL C 212 -27.06 16.46 4.15
N SER C 213 -26.76 16.55 5.45
CA SER C 213 -26.55 17.82 6.15
C SER C 213 -25.16 17.84 6.82
N TRP C 214 -24.54 19.01 6.84
CA TRP C 214 -23.40 19.27 7.70
C TRP C 214 -23.87 19.91 9.01
N LEU C 215 -23.38 19.34 10.10
CA LEU C 215 -23.52 19.83 11.47
C LEU C 215 -22.20 20.49 11.86
N LYS C 216 -22.28 21.63 12.55
CA LYS C 216 -21.13 22.24 13.20
C LYS C 216 -21.47 22.42 14.69
N ASP C 217 -20.64 21.83 15.54
CA ASP C 217 -20.85 21.84 16.99
C ASP C 217 -22.21 21.23 17.32
N GLY C 218 -22.63 20.25 16.52
CA GLY C 218 -23.85 19.48 16.79
C GLY C 218 -25.12 20.07 16.20
N ALA C 219 -25.03 21.22 15.51
CA ALA C 219 -26.19 21.91 14.97
C ALA C 219 -26.09 22.00 13.46
N VAL C 220 -27.21 21.81 12.76
CA VAL C 220 -27.26 21.86 11.31
C VAL C 220 -26.87 23.24 10.84
N ARG C 221 -25.97 23.31 9.85
CA ARG C 221 -25.65 24.55 9.16
C ARG C 221 -26.06 24.49 7.69
N GLY C 222 -27.34 24.77 7.40
CA GLY C 222 -27.93 24.48 6.10
C GLY C 222 -27.50 25.50 5.03
N GLN C 223 -27.36 26.75 5.48
CA GLN C 223 -26.57 27.75 4.75
C GLN C 223 -25.13 27.40 5.11
N ASP C 224 -24.21 27.76 4.22
CA ASP C 224 -22.79 27.39 4.33
C ASP C 224 -22.55 26.06 3.61
N ALA C 225 -23.58 25.18 3.53
CA ALA C 225 -23.46 23.89 2.87
C ALA C 225 -23.88 23.97 1.40
N HIS C 226 -23.07 23.38 0.51
CA HIS C 226 -23.34 23.42 -0.92
C HIS C 226 -23.55 21.99 -1.41
N SER C 227 -24.72 21.78 -2.01
CA SER C 227 -25.17 20.45 -2.42
C SER C 227 -25.05 20.34 -3.93
N GLY C 228 -24.59 19.18 -4.42
CA GLY C 228 -24.61 18.88 -5.85
C GLY C 228 -25.95 18.35 -6.34
N GLY C 229 -26.95 18.28 -5.47
CA GLY C 229 -28.23 17.68 -5.81
C GLY C 229 -28.06 16.15 -5.89
N ILE C 230 -29.14 15.51 -6.32
CA ILE C 230 -29.17 14.06 -6.37
C ILE C 230 -28.97 13.64 -7.82
N VAL C 231 -27.92 12.86 -8.08
CA VAL C 231 -27.51 12.52 -9.43
C VAL C 231 -27.45 11.01 -9.58
N PRO C 232 -27.65 10.48 -10.81
CA PRO C 232 -27.82 9.03 -11.00
C PRO C 232 -26.49 8.30 -11.12
N ASN C 233 -26.47 7.03 -10.71
CA ASN C 233 -25.44 6.07 -11.06
C ASN C 233 -25.96 5.29 -12.26
N GLY C 234 -25.09 4.54 -12.89
CA GLY C 234 -25.48 3.70 -14.03
C GLY C 234 -26.52 2.60 -13.75
N ASP C 235 -26.75 2.27 -12.47
CA ASP C 235 -27.36 1.01 -12.10
C ASP C 235 -28.69 1.17 -11.35
N GLY C 236 -29.38 2.31 -11.46
CA GLY C 236 -30.68 2.52 -10.85
C GLY C 236 -30.59 2.98 -9.39
N THR C 237 -29.38 3.31 -8.95
CA THR C 237 -29.16 3.93 -7.64
C THR C 237 -28.70 5.36 -7.85
N TYR C 238 -28.54 6.08 -6.77
CA TYR C 238 -28.25 7.52 -6.79
C TYR C 238 -27.04 7.88 -5.91
N HIS C 239 -26.60 9.13 -6.11
CA HIS C 239 -25.41 9.71 -5.53
C HIS C 239 -25.73 11.14 -5.10
N THR C 240 -25.12 11.60 -4.00
CA THR C 240 -25.13 13.03 -3.70
C THR C 240 -23.88 13.43 -2.94
N TRP C 241 -23.50 14.70 -3.09
CA TRP C 241 -22.28 15.31 -2.59
C TRP C 241 -22.65 16.62 -1.92
N VAL C 242 -22.22 16.86 -0.68
CA VAL C 242 -22.44 18.14 -0.01
C VAL C 242 -21.13 18.55 0.63
N THR C 243 -20.75 19.81 0.42
CA THR C 243 -19.56 20.37 1.02
C THR C 243 -19.93 21.48 2.00
N ILE C 244 -18.97 21.72 2.87
CA ILE C 244 -18.98 22.90 3.72
C ILE C 244 -17.55 23.42 3.83
N ASP C 245 -17.43 24.76 3.88
CA ASP C 245 -16.14 25.42 4.03
C ASP C 245 -15.87 25.69 5.51
N ALA C 246 -14.75 25.18 6.02
CA ALA C 246 -14.34 25.32 7.40
C ALA C 246 -12.97 26.02 7.47
N GLN C 247 -12.60 26.41 8.67
CA GLN C 247 -11.28 26.97 8.92
C GLN C 247 -10.32 25.81 9.06
N PRO C 248 -9.10 25.87 8.47
CA PRO C 248 -8.09 24.85 8.73
C PRO C 248 -7.96 24.55 10.23
N GLY C 249 -7.89 23.25 10.57
CA GLY C 249 -7.76 22.82 11.96
C GLY C 249 -9.10 22.58 12.68
N ASP C 250 -10.22 22.97 12.04
CA ASP C 250 -11.53 22.94 12.69
C ASP C 250 -12.35 21.72 12.31
N GLY C 251 -11.73 20.75 11.61
CA GLY C 251 -12.42 19.56 11.10
C GLY C 251 -13.19 18.79 12.17
N ASP C 252 -12.70 18.73 13.43
CA ASP C 252 -13.33 17.96 14.47
C ASP C 252 -14.69 18.52 14.89
N LYS C 253 -15.01 19.76 14.50
CA LYS C 253 -16.27 20.36 14.91
C LYS C 253 -17.43 19.91 14.03
N TYR C 254 -17.11 19.20 12.93
CA TYR C 254 -18.09 18.97 11.87
C TYR C 254 -18.46 17.49 11.80
N GLN C 255 -19.72 17.25 11.47
CA GLN C 255 -20.25 15.91 11.30
C GLN C 255 -21.25 15.97 10.16
N CYS C 256 -21.20 14.95 9.30
CA CYS C 256 -22.14 14.79 8.20
C CYS C 256 -23.29 13.91 8.69
N ARG C 257 -24.55 14.33 8.47
CA ARG C 257 -25.70 13.52 8.81
C ARG C 257 -26.47 13.09 7.54
N VAL C 258 -26.82 11.81 7.47
CA VAL C 258 -27.47 11.24 6.30
C VAL C 258 -28.80 10.64 6.75
N GLU C 259 -29.89 11.14 6.19
CA GLU C 259 -31.25 10.70 6.48
C GLU C 259 -31.82 10.08 5.20
N HIS C 260 -32.16 8.81 5.26
CA HIS C 260 -32.61 8.09 4.07
C HIS C 260 -33.56 6.98 4.48
N ALA C 261 -34.48 6.60 3.60
CA ALA C 261 -35.49 5.60 3.94
C ALA C 261 -34.86 4.25 4.30
N SER C 262 -33.64 3.96 3.83
CA SER C 262 -32.96 2.70 4.09
C SER C 262 -32.34 2.67 5.49
N LEU C 263 -32.34 3.81 6.18
CA LEU C 263 -31.62 3.96 7.45
C LEU C 263 -32.64 4.23 8.55
N PRO C 264 -32.91 3.27 9.44
CA PRO C 264 -33.91 3.50 10.50
C PRO C 264 -33.47 4.63 11.42
N GLN C 265 -32.17 4.73 11.68
CA GLN C 265 -31.63 5.91 12.33
C GLN C 265 -30.69 6.59 11.36
N PRO C 266 -30.69 7.93 11.33
CA PRO C 266 -29.76 8.69 10.51
C PRO C 266 -28.32 8.28 10.76
N GLY C 267 -27.55 8.27 9.68
CA GLY C 267 -26.12 8.01 9.79
C GLY C 267 -25.40 9.29 10.18
N LEU C 268 -24.36 9.17 11.02
CA LEU C 268 -23.58 10.31 11.45
C LEU C 268 -22.11 9.98 11.19
N TYR C 269 -21.36 10.87 10.53
CA TYR C 269 -20.04 10.57 10.02
C TYR C 269 -19.11 11.76 10.24
N SER C 270 -17.85 11.47 10.57
CA SER C 270 -16.83 12.51 10.74
C SER C 270 -15.69 12.27 9.75
N TRP C 271 -14.85 13.30 9.62
CA TRP C 271 -13.63 13.18 8.85
C TRP C 271 -12.56 12.53 9.71
N GLU C 272 -12.15 11.31 9.37
CA GLU C 272 -10.98 10.68 9.98
C GLU C 272 -9.72 11.43 9.51
N PRO C 273 -9.21 12.49 10.22
CA PRO C 273 -8.18 13.39 9.71
C PRO C 273 -6.74 13.23 10.26
N LEU D 1 -28.14 27.19 -22.62
CA LEU D 1 -27.97 27.03 -21.14
C LEU D 1 -26.78 26.09 -20.91
N THR D 2 -25.80 26.50 -20.09
CA THR D 2 -24.52 25.77 -20.05
C THR D 2 -24.71 24.50 -19.23
N PRO D 3 -23.99 23.40 -19.57
CA PRO D 3 -24.09 22.17 -18.79
C PRO D 3 -23.50 22.35 -17.39
N LYS D 4 -24.17 21.78 -16.42
CA LYS D 4 -23.68 21.66 -15.05
C LYS D 4 -23.18 20.23 -14.88
N VAL D 5 -21.91 20.07 -14.54
CA VAL D 5 -21.23 18.79 -14.67
C VAL D 5 -20.67 18.33 -13.32
N GLN D 6 -20.85 17.04 -13.03
CA GLN D 6 -20.27 16.40 -11.86
C GLN D 6 -19.63 15.09 -12.28
N VAL D 7 -18.48 14.79 -11.65
CA VAL D 7 -17.75 13.54 -11.88
C VAL D 7 -17.57 12.84 -10.55
N TYR D 8 -17.91 11.53 -10.51
CA TYR D 8 -18.00 10.80 -9.25
C TYR D 8 -17.98 9.31 -9.58
N SER D 9 -17.57 8.49 -8.60
CA SER D 9 -17.55 7.04 -8.80
C SER D 9 -18.74 6.39 -8.12
N ARG D 10 -19.14 5.21 -8.64
CA ARG D 10 -20.26 4.47 -8.12
C ARG D 10 -20.07 4.16 -6.64
N PHE D 11 -18.89 3.62 -6.31
CA PHE D 11 -18.51 3.30 -4.95
C PHE D 11 -17.43 4.24 -4.50
N PRO D 12 -17.30 4.52 -3.18
CA PRO D 12 -16.15 5.27 -2.69
C PRO D 12 -14.91 4.49 -3.11
N ALA D 13 -13.94 5.20 -3.71
CA ALA D 13 -12.87 4.52 -4.42
C ALA D 13 -11.80 4.02 -3.47
N SER D 14 -11.09 2.99 -3.92
CA SER D 14 -9.98 2.43 -3.18
C SER D 14 -9.04 1.80 -4.20
N ALA D 15 -7.76 1.75 -3.81
CA ALA D 15 -6.73 1.22 -4.68
C ALA D 15 -7.01 -0.24 -5.00
N GLY D 16 -6.85 -0.55 -6.27
CA GLY D 16 -6.93 -1.89 -6.82
C GLY D 16 -8.33 -2.47 -6.85
N THR D 17 -9.36 -1.65 -6.60
CA THR D 17 -10.72 -2.13 -6.44
C THR D 17 -11.59 -1.64 -7.60
N LYS D 18 -12.26 -2.62 -8.23
CA LYS D 18 -13.11 -2.34 -9.36
C LYS D 18 -14.22 -1.38 -8.96
N ASN D 19 -14.55 -0.52 -9.92
CA ASN D 19 -15.48 0.57 -9.69
C ASN D 19 -16.09 0.99 -11.02
N VAL D 20 -16.87 2.10 -10.98
CA VAL D 20 -17.46 2.71 -12.16
C VAL D 20 -17.25 4.22 -12.06
N LEU D 21 -16.77 4.85 -13.12
CA LEU D 21 -16.60 6.29 -13.14
C LEU D 21 -17.78 6.90 -13.88
N ASN D 22 -18.38 7.92 -13.24
CA ASN D 22 -19.56 8.56 -13.80
C ASN D 22 -19.25 10.03 -14.13
N CYS D 23 -19.85 10.50 -15.21
CA CYS D 23 -19.88 11.93 -15.52
C CYS D 23 -21.33 12.27 -15.86
N PHE D 24 -21.88 13.23 -15.11
CA PHE D 24 -23.26 13.64 -15.28
C PHE D 24 -23.31 15.12 -15.67
N ALA D 25 -23.94 15.41 -16.81
CA ALA D 25 -24.14 16.77 -17.27
C ALA D 25 -25.64 17.03 -17.29
N ALA D 26 -26.04 18.20 -16.81
CA ALA D 26 -27.46 18.54 -16.69
C ALA D 26 -27.68 20.03 -16.94
N GLY D 27 -28.94 20.39 -17.17
CA GLY D 27 -29.39 21.76 -17.21
C GLY D 27 -29.06 22.47 -18.51
N PHE D 28 -28.81 21.73 -19.60
CA PHE D 28 -28.28 22.32 -20.81
C PHE D 28 -29.30 22.34 -21.94
N HIS D 29 -29.04 23.25 -22.90
CA HIS D 29 -29.81 23.38 -24.11
C HIS D 29 -28.94 24.14 -25.08
N PRO D 30 -28.80 23.79 -26.37
CA PRO D 30 -29.51 22.66 -27.01
C PRO D 30 -28.98 21.30 -26.57
N PRO D 31 -29.62 20.21 -26.98
CA PRO D 31 -29.22 18.89 -26.52
C PRO D 31 -27.91 18.32 -27.02
N LYS D 32 -27.42 18.78 -28.18
CA LYS D 32 -26.13 18.27 -28.64
C LYS D 32 -25.04 18.60 -27.62
N ILE D 33 -24.20 17.61 -27.30
CA ILE D 33 -23.17 17.72 -26.30
C ILE D 33 -22.20 16.56 -26.49
N SER D 34 -20.93 16.83 -26.20
CA SER D 34 -19.88 15.85 -26.29
C SER D 34 -19.33 15.69 -24.87
N ILE D 35 -19.51 14.50 -24.32
CA ILE D 35 -19.06 14.17 -22.98
C ILE D 35 -18.12 12.97 -23.09
N THR D 36 -16.92 13.12 -22.60
CA THR D 36 -15.91 12.09 -22.74
C THR D 36 -15.20 11.82 -21.42
N LEU D 37 -15.26 10.56 -20.95
CA LEU D 37 -14.48 10.15 -19.80
C LEU D 37 -13.05 9.85 -20.23
N MET D 38 -12.09 10.38 -19.47
CA MET D 38 -10.69 10.35 -19.85
C MET D 38 -9.83 9.83 -18.71
N LYS D 39 -8.80 9.06 -19.07
CA LYS D 39 -7.75 8.69 -18.13
C LYS D 39 -6.43 9.18 -18.70
N ASP D 40 -5.74 10.03 -17.93
CA ASP D 40 -4.50 10.63 -18.37
C ASP D 40 -4.66 11.27 -19.76
N GLY D 41 -5.82 11.90 -20.02
CA GLY D 41 -6.05 12.63 -21.26
C GLY D 41 -6.38 11.76 -22.47
N VAL D 42 -6.61 10.47 -22.26
CA VAL D 42 -6.95 9.52 -23.31
C VAL D 42 -8.34 8.97 -22.99
N PRO D 43 -9.29 8.92 -23.97
CA PRO D 43 -10.62 8.42 -23.68
C PRO D 43 -10.60 7.03 -23.09
N MET D 44 -11.40 6.84 -22.04
CA MET D 44 -11.56 5.55 -21.41
C MET D 44 -12.36 4.61 -22.29
N GLU D 45 -11.93 3.33 -22.33
CA GLU D 45 -12.65 2.34 -23.12
C GLU D 45 -13.80 1.80 -22.29
N GLY D 46 -14.87 1.37 -22.99
CA GLY D 46 -16.02 0.76 -22.34
C GLY D 46 -17.07 1.76 -21.86
N ALA D 47 -16.96 3.05 -22.21
CA ALA D 47 -17.93 4.04 -21.79
C ALA D 47 -19.31 3.72 -22.33
N GLN D 48 -20.29 3.88 -21.46
CA GLN D 48 -21.71 3.67 -21.76
C GLN D 48 -22.46 4.97 -21.57
N TYR D 49 -23.33 5.29 -22.53
CA TYR D 49 -24.08 6.53 -22.52
C TYR D 49 -25.54 6.20 -22.23
N SER D 50 -25.99 6.57 -21.05
CA SER D 50 -27.36 6.33 -20.65
C SER D 50 -28.26 7.10 -21.61
N ASP D 51 -29.52 6.65 -21.71
CA ASP D 51 -30.46 7.34 -22.57
C ASP D 51 -30.54 8.80 -22.14
N MET D 52 -30.56 9.68 -23.13
CA MET D 52 -30.65 11.10 -22.83
C MET D 52 -32.04 11.37 -22.27
N SER D 53 -32.15 12.34 -21.37
CA SER D 53 -33.42 12.71 -20.79
C SER D 53 -33.53 14.23 -20.73
N PHE D 54 -34.68 14.71 -20.26
CA PHE D 54 -34.78 16.11 -19.89
C PHE D 54 -35.73 16.24 -18.71
N ASN D 55 -35.59 17.35 -18.01
CA ASN D 55 -36.30 17.60 -16.77
C ASN D 55 -37.56 18.44 -16.99
N ASP D 56 -38.25 18.74 -15.90
CA ASP D 56 -39.53 19.45 -15.96
C ASP D 56 -39.39 20.82 -16.59
N ASP D 57 -38.19 21.42 -16.52
CA ASP D 57 -37.93 22.73 -17.08
C ASP D 57 -37.43 22.67 -18.53
N TRP D 58 -37.53 21.49 -19.14
CA TRP D 58 -37.11 21.21 -20.52
C TRP D 58 -35.60 21.03 -20.69
N THR D 59 -34.79 21.29 -19.67
CA THR D 59 -33.33 21.23 -19.87
C THR D 59 -32.87 19.77 -19.91
N PHE D 60 -31.85 19.51 -20.72
CA PHE D 60 -31.36 18.17 -21.02
C PHE D 60 -30.33 17.70 -20.00
N GLN D 61 -30.19 16.38 -19.92
CA GLN D 61 -29.16 15.76 -19.10
C GLN D 61 -28.71 14.46 -19.73
N ARG D 62 -27.46 14.09 -19.42
CA ARG D 62 -26.87 12.85 -19.88
C ARG D 62 -25.93 12.33 -18.81
N LEU D 63 -26.00 11.00 -18.60
CA LEU D 63 -25.01 10.28 -17.79
C LEU D 63 -24.12 9.46 -18.71
N VAL D 64 -22.81 9.47 -18.42
CA VAL D 64 -21.86 8.58 -19.05
C VAL D 64 -21.13 7.84 -17.95
N HIS D 65 -20.97 6.52 -18.12
CA HIS D 65 -20.34 5.71 -17.07
C HIS D 65 -19.47 4.63 -17.70
N ALA D 66 -18.32 4.38 -17.07
CA ALA D 66 -17.39 3.35 -17.54
C ALA D 66 -16.82 2.57 -16.36
N ASP D 67 -16.84 1.25 -16.50
CA ASP D 67 -16.15 0.41 -15.53
C ASP D 67 -14.68 0.76 -15.55
N PHE D 68 -14.08 0.82 -14.35
CA PHE D 68 -12.65 1.01 -14.27
C PHE D 68 -12.12 0.56 -12.91
N THR D 69 -10.79 0.41 -12.83
CA THR D 69 -10.12 0.22 -11.55
C THR D 69 -9.20 1.42 -11.37
N PRO D 70 -9.47 2.34 -10.43
CA PRO D 70 -8.70 3.57 -10.33
C PRO D 70 -7.26 3.25 -9.91
N SER D 71 -6.31 3.85 -10.62
CA SER D 71 -4.90 3.82 -10.24
C SER D 71 -4.53 5.13 -9.55
N SER D 72 -3.73 5.06 -8.49
CA SER D 72 -3.28 6.28 -7.86
C SER D 72 -2.37 7.11 -8.78
N GLY D 73 -1.73 6.48 -9.76
CA GLY D 73 -0.79 7.20 -10.60
C GLY D 73 -1.44 7.94 -11.77
N SER D 74 -2.79 7.95 -11.85
CA SER D 74 -3.51 8.43 -13.02
C SER D 74 -4.48 9.52 -12.64
N THR D 75 -4.81 10.37 -13.61
CA THR D 75 -5.79 11.43 -13.49
C THR D 75 -7.01 11.08 -14.34
N TYR D 76 -8.19 11.12 -13.73
CA TYR D 76 -9.42 10.82 -14.42
C TYR D 76 -10.22 12.10 -14.49
N ALA D 77 -10.80 12.32 -15.66
CA ALA D 77 -11.58 13.52 -15.86
C ALA D 77 -12.72 13.26 -16.83
N CYS D 78 -13.64 14.22 -16.85
CA CYS D 78 -14.66 14.31 -17.87
C CYS D 78 -14.50 15.58 -18.68
N LYS D 79 -14.43 15.44 -20.01
CA LYS D 79 -14.30 16.56 -20.92
C LYS D 79 -15.67 16.81 -21.54
N VAL D 80 -16.12 18.06 -21.49
CA VAL D 80 -17.44 18.42 -21.97
C VAL D 80 -17.30 19.55 -22.99
N GLU D 81 -17.95 19.35 -24.14
CA GLU D 81 -18.00 20.36 -25.19
C GLU D 81 -19.47 20.60 -25.47
N HIS D 82 -19.85 21.86 -25.55
CA HIS D 82 -21.22 22.26 -25.78
C HIS D 82 -21.17 23.65 -26.44
N GLU D 83 -22.19 23.96 -27.25
CA GLU D 83 -22.11 25.20 -28.01
C GLU D 83 -22.14 26.45 -27.14
N THR D 84 -22.53 26.34 -25.86
CA THR D 84 -22.48 27.47 -24.95
C THR D 84 -21.07 27.75 -24.44
N LEU D 85 -20.10 26.88 -24.71
CA LEU D 85 -18.76 26.99 -24.15
C LEU D 85 -17.77 27.25 -25.29
N LYS D 86 -16.92 28.27 -25.12
CA LYS D 86 -15.93 28.65 -26.13
C LYS D 86 -14.91 27.52 -26.32
N GLU D 87 -14.54 26.88 -25.21
CA GLU D 87 -13.56 25.81 -25.22
C GLU D 87 -14.12 24.63 -24.45
N PRO D 88 -13.61 23.40 -24.67
CA PRO D 88 -13.96 22.26 -23.83
C PRO D 88 -13.67 22.56 -22.35
N GLN D 89 -14.53 22.06 -21.47
CA GLN D 89 -14.35 22.16 -20.03
C GLN D 89 -13.99 20.77 -19.51
N VAL D 90 -12.92 20.71 -18.71
CA VAL D 90 -12.43 19.47 -18.14
C VAL D 90 -12.69 19.46 -16.63
N TYR D 91 -13.37 18.42 -16.15
CA TYR D 91 -13.73 18.28 -14.75
C TYR D 91 -12.97 17.07 -14.21
N LYS D 92 -12.07 17.32 -13.27
CA LYS D 92 -11.20 16.30 -12.69
C LYS D 92 -11.93 15.58 -11.57
N TRP D 93 -11.82 14.25 -11.59
CA TRP D 93 -12.35 13.41 -10.53
C TRP D 93 -11.42 13.43 -9.33
N ASP D 94 -12.01 13.62 -8.14
CA ASP D 94 -11.28 13.45 -6.88
C ASP D 94 -11.47 12.02 -6.39
N PRO D 95 -10.41 11.19 -6.35
CA PRO D 95 -10.57 9.81 -5.91
C PRO D 95 -10.98 9.68 -4.45
N GLU D 96 -10.63 10.67 -3.62
CA GLU D 96 -10.93 10.64 -2.19
C GLU D 96 -10.30 9.41 -1.52
N PHE D 97 -9.11 8.99 -2.01
CA PHE D 97 -8.24 8.05 -1.33
C PHE D 97 -6.78 8.37 -1.73
N MET E 1 0.92 -10.82 0.24
CA MET E 1 0.16 -11.40 1.38
C MET E 1 0.98 -11.19 2.65
N GLU E 2 0.31 -10.83 3.74
CA GLU E 2 1.00 -10.48 4.97
C GLU E 2 1.10 -11.71 5.86
N LEU E 3 2.33 -12.24 6.01
CA LEU E 3 2.60 -13.39 6.85
C LEU E 3 3.29 -12.93 8.14
N HIS E 4 2.83 -13.46 9.28
CA HIS E 4 3.48 -13.15 10.55
C HIS E 4 3.55 -14.42 11.40
N THR E 5 4.57 -14.44 12.30
CA THR E 5 4.80 -15.60 13.15
C THR E 5 5.09 -15.14 14.59
N LEU E 6 4.58 -15.95 15.52
CA LEU E 6 4.93 -15.84 16.93
C LEU E 6 5.47 -17.19 17.37
N ARG E 7 6.69 -17.20 17.90
CA ARG E 7 7.31 -18.45 18.35
C ARG E 7 7.90 -18.24 19.73
N TYR E 8 7.56 -19.13 20.65
CA TYR E 8 8.23 -19.19 21.95
C TYR E 8 9.11 -20.43 22.00
N ILE E 9 10.33 -20.29 22.54
CA ILE E 9 11.18 -21.44 22.80
C ILE E 9 11.67 -21.36 24.25
N ARG E 10 11.90 -22.53 24.82
CA ARG E 10 12.44 -22.65 26.17
C ARG E 10 13.48 -23.76 26.15
N THR E 11 14.52 -23.58 26.96
CA THR E 11 15.55 -24.59 27.09
C THR E 11 15.89 -24.73 28.56
N ALA E 12 15.85 -25.97 29.08
CA ALA E 12 16.27 -26.25 30.44
C ALA E 12 17.43 -27.24 30.38
N MET E 13 18.55 -26.86 31.00
CA MET E 13 19.81 -27.56 30.86
C MET E 13 20.31 -28.03 32.21
N THR E 14 20.90 -29.23 32.23
CA THR E 14 21.66 -29.63 33.42
C THR E 14 23.06 -28.99 33.42
N ASP E 15 23.58 -28.58 32.26
CA ASP E 15 24.98 -28.19 32.13
C ASP E 15 25.09 -27.00 31.18
N PRO E 16 24.61 -25.82 31.56
CA PRO E 16 24.62 -24.65 30.67
C PRO E 16 26.01 -24.09 30.40
N GLY E 17 26.94 -24.35 31.34
CA GLY E 17 28.28 -23.75 31.29
C GLY E 17 28.48 -22.76 32.44
N PRO E 18 29.75 -22.46 32.77
CA PRO E 18 30.08 -21.63 33.93
C PRO E 18 29.46 -20.24 33.84
N GLY E 19 28.71 -19.87 34.87
CA GLY E 19 28.20 -18.52 34.98
C GLY E 19 26.91 -18.27 34.18
N LEU E 20 26.40 -19.30 33.49
CA LEU E 20 25.28 -19.13 32.59
C LEU E 20 24.01 -19.75 33.18
N PRO E 21 22.82 -19.19 32.86
CA PRO E 21 21.55 -19.66 33.40
C PRO E 21 21.20 -21.03 32.81
N TRP E 22 20.67 -21.90 33.67
CA TRP E 22 20.28 -23.24 33.25
C TRP E 22 18.95 -23.21 32.49
N TYR E 23 18.16 -22.12 32.65
CA TYR E 23 16.86 -22.02 32.00
C TYR E 23 16.79 -20.71 31.24
N VAL E 24 16.49 -20.80 29.92
CA VAL E 24 16.40 -19.64 29.05
C VAL E 24 15.12 -19.79 28.22
N ASP E 25 14.42 -18.66 28.06
CA ASP E 25 13.04 -18.64 27.63
C ASP E 25 12.83 -17.36 26.84
N VAL E 26 12.55 -17.50 25.53
CA VAL E 26 12.55 -16.34 24.66
C VAL E 26 11.41 -16.45 23.66
N GLY E 27 10.97 -15.29 23.20
CA GLY E 27 9.92 -15.18 22.21
C GLY E 27 10.41 -14.39 21.00
N TYR E 28 9.84 -14.76 19.82
CA TYR E 28 10.17 -14.17 18.52
C TYR E 28 8.90 -13.79 17.76
N VAL E 29 8.90 -12.55 17.22
CA VAL E 29 7.87 -12.15 16.27
C VAL E 29 8.55 -11.94 14.92
N ASP E 30 8.04 -12.64 13.89
CA ASP E 30 8.60 -12.59 12.55
C ASP E 30 10.11 -12.85 12.58
N GLY E 31 10.50 -13.79 13.45
CA GLY E 31 11.90 -14.17 13.61
C GLY E 31 12.75 -13.20 14.43
N GLU E 32 12.19 -12.12 14.97
CA GLU E 32 12.98 -11.16 15.71
C GLU E 32 12.71 -11.33 17.22
N LEU E 33 13.79 -11.55 17.99
CA LEU E 33 13.72 -11.66 19.44
C LEU E 33 13.05 -10.46 20.06
N PHE E 34 12.00 -10.68 20.88
CA PHE E 34 11.36 -9.52 21.50
C PHE E 34 11.23 -9.62 23.01
N VAL E 35 11.27 -10.83 23.59
CA VAL E 35 11.18 -11.02 25.05
C VAL E 35 12.15 -12.12 25.46
N HIS E 36 12.73 -11.95 26.66
CA HIS E 36 13.71 -12.87 27.21
C HIS E 36 13.49 -12.99 28.72
N TYR E 37 13.44 -14.26 29.16
CA TYR E 37 13.42 -14.65 30.56
C TYR E 37 14.57 -15.63 30.78
N ASN E 38 15.25 -15.55 31.94
CA ASN E 38 16.09 -16.65 32.34
C ASN E 38 16.02 -16.82 33.85
N SER E 39 16.56 -17.94 34.32
CA SER E 39 16.51 -18.37 35.70
C SER E 39 17.32 -17.50 36.64
N THR E 40 18.25 -16.68 36.11
CA THR E 40 19.00 -15.77 36.96
C THR E 40 18.21 -14.48 37.17
N ALA E 41 17.77 -13.87 36.07
CA ALA E 41 16.99 -12.64 36.11
C ALA E 41 15.61 -12.82 36.75
N ARG E 42 14.96 -13.96 36.51
CA ARG E 42 13.65 -14.31 37.06
C ARG E 42 12.55 -13.35 36.64
N ARG E 43 12.74 -12.68 35.49
CA ARG E 43 11.66 -11.90 34.90
C ARG E 43 11.88 -11.86 33.39
N TYR E 44 10.83 -11.52 32.68
CA TYR E 44 10.93 -11.20 31.26
C TYR E 44 11.38 -9.75 31.11
N VAL E 45 12.25 -9.51 30.14
CA VAL E 45 12.68 -8.17 29.77
C VAL E 45 12.43 -7.99 28.29
N PRO E 46 12.20 -6.72 27.86
CA PRO E 46 12.07 -6.43 26.42
C PRO E 46 13.39 -6.56 25.67
N ARG E 47 13.29 -6.98 24.39
CA ARG E 47 14.47 -7.07 23.55
C ARG E 47 14.25 -6.28 22.26
N THR E 48 13.08 -5.64 22.11
CA THR E 48 12.88 -4.66 21.06
C THR E 48 12.34 -3.37 21.67
N GLU E 49 12.57 -2.25 20.96
CA GLU E 49 12.06 -0.96 21.40
C GLU E 49 10.54 -0.94 21.37
N TRP E 50 9.92 -1.60 20.39
CA TRP E 50 8.48 -1.52 20.28
C TRP E 50 7.76 -2.24 21.41
N ILE E 51 8.28 -3.39 21.88
CA ILE E 51 7.56 -4.02 22.98
C ILE E 51 7.81 -3.22 24.27
N ALA E 52 8.99 -2.65 24.42
CA ALA E 52 9.29 -1.81 25.58
C ALA E 52 8.34 -0.63 25.64
N ALA E 53 8.06 -0.04 24.48
CA ALA E 53 7.28 1.17 24.40
C ALA E 53 5.80 0.88 24.60
N LYS E 54 5.30 -0.25 24.12
CA LYS E 54 3.86 -0.45 24.03
C LYS E 54 3.29 -1.39 25.09
N ALA E 55 4.13 -2.17 25.78
CA ALA E 55 3.68 -3.07 26.83
C ALA E 55 3.72 -2.31 28.15
N ASP E 56 2.74 -2.56 29.02
CA ASP E 56 2.69 -1.88 30.31
C ASP E 56 3.19 -2.82 31.41
N GLN E 57 3.23 -2.35 32.65
CA GLN E 57 3.79 -3.15 33.73
C GLN E 57 2.95 -4.42 33.96
N GLN E 58 1.63 -4.34 33.75
CA GLN E 58 0.77 -5.50 33.93
C GLN E 58 1.21 -6.61 32.97
N TYR E 59 1.59 -6.24 31.75
CA TYR E 59 2.04 -7.21 30.77
C TYR E 59 3.29 -7.93 31.28
N TRP E 60 4.28 -7.16 31.72
CA TRP E 60 5.55 -7.72 32.17
C TRP E 60 5.32 -8.60 33.41
N ASP E 61 4.46 -8.16 34.33
CA ASP E 61 4.25 -8.93 35.54
C ASP E 61 3.54 -10.25 35.20
N GLY E 62 2.57 -10.18 34.29
CA GLY E 62 1.81 -11.34 33.86
C GLY E 62 2.73 -12.36 33.17
N GLN E 63 3.60 -11.86 32.29
CA GLN E 63 4.50 -12.76 31.56
C GLN E 63 5.52 -13.35 32.53
N THR E 64 6.03 -12.51 33.46
CA THR E 64 7.00 -12.98 34.43
C THR E 64 6.42 -14.15 35.24
N GLN E 65 5.14 -14.07 35.60
CA GLN E 65 4.52 -15.14 36.38
C GLN E 65 4.51 -16.45 35.58
N ILE E 66 4.25 -16.34 34.27
CA ILE E 66 4.24 -17.50 33.39
C ILE E 66 5.66 -18.05 33.26
N GLY E 67 6.65 -17.19 33.07
CA GLY E 67 8.04 -17.63 32.97
C GLY E 67 8.51 -18.36 34.23
N GLN E 68 8.14 -17.81 35.41
CA GLN E 68 8.53 -18.45 36.65
C GLN E 68 7.85 -19.82 36.78
N GLY E 69 6.57 -19.88 36.38
CA GLY E 69 5.84 -21.14 36.40
C GLY E 69 6.46 -22.18 35.49
N ASN E 70 6.87 -21.74 34.30
CA ASN E 70 7.45 -22.64 33.32
C ASN E 70 8.84 -23.10 33.78
N GLU E 71 9.60 -22.21 34.43
CA GLU E 71 10.91 -22.55 34.96
C GLU E 71 10.75 -23.70 35.95
N GLN E 72 9.72 -23.56 36.80
CA GLN E 72 9.50 -24.55 37.86
C GLN E 72 9.15 -25.91 37.26
N ILE E 73 8.25 -25.92 36.25
CA ILE E 73 7.83 -27.17 35.65
C ILE E 73 8.94 -27.81 34.84
N ASP E 74 9.76 -27.02 34.14
CA ASP E 74 10.86 -27.64 33.39
C ASP E 74 11.97 -28.15 34.29
N ARG E 75 12.19 -27.53 35.45
CA ARG E 75 13.12 -28.08 36.43
C ARG E 75 12.62 -29.47 36.82
N GLU E 76 11.33 -29.56 37.11
CA GLU E 76 10.72 -30.85 37.44
C GLU E 76 10.87 -31.84 36.29
N ASN E 77 10.59 -31.38 35.06
CA ASN E 77 10.67 -32.25 33.90
C ASN E 77 12.06 -32.84 33.70
N LEU E 78 13.11 -32.01 33.87
CA LEU E 78 14.46 -32.49 33.72
C LEU E 78 14.71 -33.66 34.64
N GLY E 79 14.25 -33.52 35.89
CA GLY E 79 14.47 -34.56 36.86
C GLY E 79 13.68 -35.83 36.54
N ILE E 80 12.41 -35.65 36.16
CA ILE E 80 11.54 -36.76 35.80
C ILE E 80 12.17 -37.56 34.67
N LEU E 81 12.66 -36.88 33.62
CA LEU E 81 13.15 -37.58 32.47
C LEU E 81 14.49 -38.24 32.75
N GLN E 82 15.36 -37.59 33.52
CA GLN E 82 16.61 -38.25 33.89
C GLN E 82 16.31 -39.57 34.60
N ARG E 83 15.36 -39.54 35.51
CA ARG E 83 15.00 -40.76 36.25
C ARG E 83 14.33 -41.78 35.34
N ARG E 84 13.47 -41.35 34.43
CA ARG E 84 12.79 -42.26 33.52
C ARG E 84 13.80 -43.02 32.65
N TYR E 85 14.84 -42.31 32.20
CA TYR E 85 15.87 -42.91 31.37
C TYR E 85 16.99 -43.54 32.22
N ASN E 86 16.85 -43.54 33.55
CA ASN E 86 17.84 -44.12 34.46
C ASN E 86 19.22 -43.51 34.30
N GLN E 87 19.22 -42.17 34.18
CA GLN E 87 20.43 -41.38 33.94
C GLN E 87 20.85 -40.72 35.23
N THR E 88 22.16 -40.82 35.52
CA THR E 88 22.73 -40.09 36.66
C THR E 88 23.73 -39.07 36.11
N GLY E 89 23.49 -37.80 36.47
CA GLY E 89 24.25 -36.65 35.99
C GLY E 89 24.42 -36.66 34.47
N GLY E 90 25.54 -36.13 34.00
CA GLY E 90 25.79 -36.01 32.57
C GLY E 90 25.08 -34.78 32.02
N SER E 91 25.09 -34.63 30.70
CA SER E 91 24.49 -33.46 30.11
C SER E 91 23.10 -33.81 29.56
N HIS E 92 22.05 -33.15 30.05
CA HIS E 92 20.70 -33.37 29.53
C HIS E 92 19.98 -32.04 29.32
N THR E 93 19.03 -32.02 28.37
CA THR E 93 18.33 -30.81 28.02
C THR E 93 16.88 -31.11 27.68
N VAL E 94 16.01 -30.22 28.10
CA VAL E 94 14.62 -30.20 27.65
C VAL E 94 14.44 -28.96 26.80
N GLN E 95 13.82 -29.10 25.63
CA GLN E 95 13.52 -27.95 24.80
C GLN E 95 12.04 -27.94 24.43
N TRP E 96 11.46 -26.75 24.39
CA TRP E 96 10.11 -26.55 23.88
C TRP E 96 10.13 -25.51 22.76
N MET E 97 9.27 -25.74 21.77
CA MET E 97 9.04 -24.77 20.71
C MET E 97 7.54 -24.76 20.42
N TYR E 98 6.92 -23.58 20.43
CA TYR E 98 5.49 -23.49 20.16
C TYR E 98 5.16 -22.12 19.60
N GLY E 99 3.95 -22.04 19.04
CA GLY E 99 3.45 -20.78 18.55
C GLY E 99 2.45 -20.91 17.41
N CYS E 100 2.32 -19.81 16.66
CA CYS E 100 1.28 -19.69 15.66
C CYS E 100 1.76 -18.77 14.55
N ASP E 101 1.23 -19.04 13.35
CA ASP E 101 1.49 -18.25 12.16
C ASP E 101 0.13 -17.74 11.64
N ILE E 102 0.11 -16.50 11.15
CA ILE E 102 -1.09 -15.89 10.56
C ILE E 102 -0.77 -15.38 9.17
N LEU E 103 -1.77 -15.41 8.31
CA LEU E 103 -1.66 -14.96 6.93
C LEU E 103 -2.89 -14.11 6.64
N GLU E 104 -2.68 -12.85 6.29
CA GLU E 104 -3.78 -11.88 6.17
C GLU E 104 -4.64 -11.86 7.42
N GLY E 105 -3.98 -12.02 8.58
CA GLY E 105 -4.63 -11.93 9.87
C GLY E 105 -5.24 -13.24 10.37
N GLY E 106 -5.37 -14.24 9.48
CA GLY E 106 -6.00 -15.51 9.82
C GLY E 106 -4.96 -16.58 10.19
N PRO E 107 -5.24 -17.44 11.17
CA PRO E 107 -4.28 -18.50 11.52
C PRO E 107 -4.10 -19.52 10.41
N ILE E 108 -2.84 -19.92 10.17
CA ILE E 108 -2.52 -21.00 9.26
C ILE E 108 -1.64 -22.07 9.91
N ARG E 109 -1.16 -21.85 11.15
CA ARG E 109 -0.45 -22.91 11.83
C ARG E 109 -0.54 -22.68 13.33
N GLY E 110 -0.61 -23.77 14.06
CA GLY E 110 -0.42 -23.74 15.52
C GLY E 110 0.30 -25.02 15.97
N TYR E 111 1.40 -24.89 16.73
CA TYR E 111 2.25 -26.03 16.99
C TYR E 111 2.75 -25.95 18.44
N TYR E 112 3.10 -27.11 18.98
CA TYR E 112 3.56 -27.24 20.36
C TYR E 112 4.35 -28.53 20.47
N GLN E 113 5.68 -28.40 20.60
CA GLN E 113 6.61 -29.50 20.44
C GLN E 113 7.66 -29.51 21.55
N MET E 114 8.08 -30.71 22.00
CA MET E 114 9.14 -30.86 22.96
C MET E 114 10.18 -31.84 22.46
N ALA E 115 11.45 -31.56 22.83
CA ALA E 115 12.58 -32.44 22.64
C ALA E 115 13.26 -32.73 23.98
N TYR E 116 13.83 -33.94 24.07
CA TYR E 116 14.69 -34.35 25.17
C TYR E 116 16.01 -34.79 24.56
N ASP E 117 17.10 -34.21 25.07
CA ASP E 117 18.46 -34.47 24.60
C ASP E 117 18.54 -34.27 23.09
N GLY E 118 17.83 -33.26 22.59
CA GLY E 118 18.01 -32.81 21.22
C GLY E 118 17.22 -33.58 20.18
N ARG E 119 16.34 -34.49 20.62
CA ARG E 119 15.54 -35.33 19.73
C ARG E 119 14.07 -35.18 20.14
N ASP E 120 13.19 -35.18 19.14
CA ASP E 120 11.76 -35.18 19.36
C ASP E 120 11.33 -36.12 20.49
N PHE E 121 10.47 -35.62 21.36
CA PHE E 121 9.93 -36.40 22.46
C PHE E 121 8.41 -36.50 22.35
N THR E 122 7.73 -35.35 22.37
CA THR E 122 6.29 -35.31 22.22
C THR E 122 5.93 -34.04 21.46
N ALA E 123 4.79 -34.08 20.78
CA ALA E 123 4.22 -32.90 20.14
C ALA E 123 2.71 -32.99 20.18
N PHE E 124 2.06 -31.84 20.25
CA PHE E 124 0.61 -31.77 20.13
C PHE E 124 0.20 -31.80 18.66
N ASP E 125 -0.80 -32.63 18.35
CA ASP E 125 -1.45 -32.57 17.04
C ASP E 125 -2.84 -31.99 17.24
N LYS E 126 -3.00 -30.71 16.87
CA LYS E 126 -4.22 -29.98 17.10
C LYS E 126 -5.41 -30.59 16.34
N GLY E 127 -5.13 -31.13 15.17
CA GLY E 127 -6.15 -31.71 14.30
C GLY E 127 -6.76 -32.98 14.91
N THR E 128 -5.91 -33.83 15.50
CA THR E 128 -6.39 -35.10 16.03
C THR E 128 -6.67 -35.00 17.53
N MET E 129 -6.24 -33.90 18.15
CA MET E 129 -6.43 -33.62 19.57
C MET E 129 -5.76 -34.71 20.40
N THR E 130 -4.57 -35.13 19.95
CA THR E 130 -3.75 -36.10 20.64
C THR E 130 -2.34 -35.53 20.76
N PHE E 131 -1.54 -36.22 21.60
CA PHE E 131 -0.12 -35.96 21.70
C PHE E 131 0.66 -37.15 21.20
N THR E 132 1.82 -36.87 20.58
CA THR E 132 2.60 -37.92 19.97
C THR E 132 3.52 -38.54 21.03
N ALA E 133 3.82 -39.82 20.89
CA ALA E 133 4.98 -40.35 21.62
C ALA E 133 6.08 -40.62 20.62
N ALA E 134 7.07 -39.73 20.49
CA ALA E 134 8.04 -39.85 19.39
C ALA E 134 9.05 -40.96 19.71
N VAL E 135 9.22 -41.24 21.00
CA VAL E 135 10.11 -42.28 21.51
C VAL E 135 9.36 -43.07 22.58
N PRO E 136 9.79 -44.30 22.89
CA PRO E 136 9.08 -45.14 23.88
C PRO E 136 8.93 -44.47 25.24
N GLU E 137 9.94 -43.68 25.65
CA GLU E 137 9.93 -43.03 26.96
C GLU E 137 8.88 -41.92 27.00
N ALA E 138 8.28 -41.53 25.85
CA ALA E 138 7.25 -40.51 25.83
C ALA E 138 5.84 -41.11 25.96
N VAL E 139 5.72 -42.45 25.95
CA VAL E 139 4.41 -43.07 26.03
C VAL E 139 3.71 -42.68 27.32
N PRO E 140 4.40 -42.66 28.50
CA PRO E 140 3.73 -42.24 29.71
C PRO E 140 3.26 -40.78 29.74
N THR E 141 3.95 -39.94 29.00
CA THR E 141 3.60 -38.52 28.90
C THR E 141 2.35 -38.39 28.03
N LYS E 142 2.36 -39.04 26.86
CA LYS E 142 1.16 -39.06 26.02
C LYS E 142 -0.05 -39.52 26.82
N ARG E 143 0.10 -40.61 27.57
CA ARG E 143 -1.00 -41.17 28.33
C ARG E 143 -1.50 -40.18 29.37
N LYS E 144 -0.59 -39.61 30.14
CA LYS E 144 -0.93 -38.67 31.21
C LYS E 144 -1.68 -37.46 30.62
N TRP E 145 -1.15 -36.94 29.51
CA TRP E 145 -1.72 -35.70 28.96
C TRP E 145 -3.05 -35.93 28.26
N GLU E 146 -3.26 -37.11 27.68
CA GLU E 146 -4.51 -37.47 27.07
C GLU E 146 -5.56 -37.77 28.13
N GLU E 147 -5.17 -38.45 29.21
CA GLU E 147 -6.08 -38.72 30.32
C GLU E 147 -6.51 -37.41 30.99
N GLY E 148 -5.63 -36.40 31.01
CA GLY E 148 -5.87 -35.12 31.62
C GLY E 148 -6.73 -34.18 30.76
N ASP E 149 -6.95 -34.55 29.50
CA ASP E 149 -7.79 -33.82 28.56
C ASP E 149 -7.28 -32.39 28.34
N TYR E 150 -5.96 -32.20 28.28
CA TYR E 150 -5.39 -30.88 28.15
C TYR E 150 -5.51 -30.33 26.73
N ALA E 151 -5.81 -31.22 25.78
CA ALA E 151 -5.86 -30.85 24.38
C ALA E 151 -6.74 -29.61 24.10
N GLU E 152 -7.92 -29.57 24.74
CA GLU E 152 -8.88 -28.51 24.44
C GLU E 152 -8.29 -27.13 24.78
N GLY E 153 -7.74 -27.01 25.97
CA GLY E 153 -7.12 -25.76 26.41
C GLY E 153 -5.92 -25.35 25.55
N LEU E 154 -5.10 -26.33 25.15
CA LEU E 154 -3.94 -26.03 24.33
C LEU E 154 -4.37 -25.58 22.92
N LYS E 155 -5.40 -26.23 22.37
CA LYS E 155 -5.96 -25.82 21.09
C LYS E 155 -6.44 -24.37 21.15
N GLN E 156 -7.12 -24.01 22.26
CA GLN E 156 -7.64 -22.65 22.43
C GLN E 156 -6.48 -21.65 22.48
N TYR E 157 -5.40 -22.00 23.20
CA TYR E 157 -4.24 -21.12 23.23
C TYR E 157 -3.70 -20.92 21.80
N LEU E 158 -3.53 -22.00 21.05
CA LEU E 158 -2.83 -21.93 19.77
C LEU E 158 -3.67 -21.23 18.71
N GLU E 159 -5.00 -21.37 18.77
CA GLU E 159 -5.88 -20.83 17.74
C GLU E 159 -6.45 -19.48 18.10
N GLU E 160 -6.55 -19.15 19.40
CA GLU E 160 -7.15 -17.90 19.82
C GLU E 160 -6.14 -16.98 20.51
N THR E 161 -5.64 -17.38 21.69
CA THR E 161 -4.77 -16.52 22.48
C THR E 161 -3.52 -16.11 21.71
N CYS E 162 -2.82 -17.10 21.17
CA CYS E 162 -1.57 -16.88 20.46
C CYS E 162 -1.82 -15.90 19.30
N VAL E 163 -2.94 -16.12 18.59
CA VAL E 163 -3.26 -15.36 17.38
C VAL E 163 -3.60 -13.91 17.74
N GLU E 164 -4.39 -13.74 18.80
CA GLU E 164 -4.76 -12.42 19.26
C GLU E 164 -3.52 -11.62 19.63
N TRP E 165 -2.57 -12.26 20.33
CA TRP E 165 -1.39 -11.56 20.76
C TRP E 165 -0.47 -11.24 19.57
N LEU E 166 -0.35 -12.18 18.63
CA LEU E 166 0.50 -11.94 17.46
C LEU E 166 -0.06 -10.75 16.68
N ARG E 167 -1.38 -10.68 16.51
CA ARG E 167 -1.95 -9.52 15.85
C ARG E 167 -1.59 -8.20 16.57
N ARG E 168 -1.61 -8.22 17.89
CA ARG E 168 -1.28 -7.06 18.67
C ARG E 168 0.20 -6.67 18.48
N TYR E 169 1.08 -7.68 18.57
CA TYR E 169 2.50 -7.42 18.46
C TYR E 169 2.84 -6.85 17.08
N VAL E 170 2.20 -7.36 16.04
CA VAL E 170 2.53 -6.92 14.68
C VAL E 170 2.11 -5.46 14.52
N GLU E 171 1.04 -5.05 15.21
CA GLU E 171 0.65 -3.65 15.19
C GLU E 171 1.66 -2.82 15.97
N TYR E 172 2.04 -3.28 17.17
CA TYR E 172 3.03 -2.56 17.96
C TYR E 172 4.34 -2.34 17.18
N GLY E 173 4.78 -3.36 16.44
CA GLY E 173 6.09 -3.34 15.81
C GLY E 173 6.06 -3.08 14.31
N LYS E 174 4.94 -2.62 13.77
CA LYS E 174 4.79 -2.57 12.31
C LYS E 174 5.90 -1.74 11.65
N ALA E 175 6.29 -0.60 12.22
CA ALA E 175 7.33 0.24 11.60
C ALA E 175 8.68 -0.50 11.51
N GLU E 176 9.07 -1.12 12.62
CA GLU E 176 10.34 -1.83 12.71
C GLU E 176 10.32 -3.09 11.86
N LEU E 177 9.22 -3.85 11.92
CA LEU E 177 9.18 -5.15 11.25
C LEU E 177 9.14 -4.93 9.74
N GLY E 178 8.56 -3.80 9.32
CA GLY E 178 8.38 -3.55 7.91
C GLY E 178 9.48 -2.72 7.26
N ARG E 179 10.50 -2.35 8.04
CA ARG E 179 11.60 -1.55 7.51
C ARG E 179 12.44 -2.37 6.54
N ARG E 180 13.24 -1.64 5.75
CA ARG E 180 14.21 -2.25 4.85
C ARG E 180 15.55 -1.58 5.09
N GLU E 181 16.59 -2.41 5.27
CA GLU E 181 17.96 -1.93 5.37
C GLU E 181 18.77 -2.60 4.25
N ARG E 182 19.49 -1.78 3.48
CA ARG E 182 20.23 -2.23 2.31
C ARG E 182 21.53 -2.91 2.73
N PRO E 183 21.92 -4.00 2.06
CA PRO E 183 23.22 -4.62 2.34
C PRO E 183 24.38 -3.76 1.83
N GLU E 184 25.48 -3.70 2.59
CA GLU E 184 26.72 -3.13 2.13
C GLU E 184 27.55 -4.32 1.67
N VAL E 185 27.96 -4.30 0.40
CA VAL E 185 28.52 -5.50 -0.23
C VAL E 185 29.99 -5.28 -0.51
N ARG E 186 30.76 -6.34 -0.28
CA ARG E 186 32.17 -6.32 -0.62
C ARG E 186 32.53 -7.61 -1.31
N VAL E 187 33.22 -7.46 -2.44
CA VAL E 187 33.86 -8.55 -3.14
C VAL E 187 35.34 -8.60 -2.81
N TRP E 188 35.82 -9.79 -2.49
CA TRP E 188 37.20 -10.00 -2.15
C TRP E 188 37.66 -11.30 -2.78
N GLY E 189 38.96 -11.41 -3.06
CA GLY E 189 39.47 -12.61 -3.72
C GLY E 189 40.74 -13.06 -3.00
N LYS E 190 40.96 -14.38 -2.98
CA LYS E 190 42.17 -14.97 -2.44
C LYS E 190 42.56 -16.14 -3.32
N GLU E 191 43.85 -16.21 -3.69
CA GLU E 191 44.34 -17.33 -4.46
C GLU E 191 45.18 -18.24 -3.55
N ALA E 192 44.99 -19.56 -3.75
CA ALA E 192 45.78 -20.57 -3.06
C ALA E 192 45.75 -21.85 -3.87
N ASP E 193 46.92 -22.49 -4.03
CA ASP E 193 47.03 -23.81 -4.64
C ASP E 193 46.45 -23.82 -6.05
N GLY E 194 46.58 -22.73 -6.79
CA GLY E 194 46.15 -22.66 -8.17
C GLY E 194 44.65 -22.38 -8.34
N ILE E 195 43.96 -22.04 -7.23
CA ILE E 195 42.53 -21.74 -7.25
C ILE E 195 42.29 -20.31 -6.76
N LEU E 196 41.63 -19.48 -7.57
CA LEU E 196 41.19 -18.15 -7.20
C LEU E 196 39.79 -18.26 -6.59
N THR E 197 39.66 -18.02 -5.28
CA THR E 197 38.38 -18.06 -4.62
C THR E 197 37.87 -16.62 -4.47
N LEU E 198 36.75 -16.32 -5.10
CA LEU E 198 36.12 -15.01 -5.01
C LEU E 198 34.99 -15.07 -3.99
N SER E 199 34.94 -14.01 -3.16
CA SER E 199 33.98 -13.91 -2.07
C SER E 199 33.07 -12.72 -2.32
N CYS E 200 31.77 -12.90 -2.09
CA CYS E 200 30.80 -11.83 -2.11
C CYS E 200 30.10 -11.83 -0.75
N ARG E 201 30.28 -10.76 0.01
CA ARG E 201 29.80 -10.67 1.38
C ARG E 201 28.84 -9.49 1.47
N ALA E 202 27.63 -9.77 1.99
CA ALA E 202 26.62 -8.75 2.20
C ALA E 202 26.43 -8.51 3.69
N HIS E 203 26.68 -7.26 4.10
CA HIS E 203 26.64 -6.85 5.49
C HIS E 203 25.40 -6.00 5.78
N GLY E 204 24.67 -6.37 6.83
CA GLY E 204 23.79 -5.42 7.51
C GLY E 204 22.41 -5.28 6.87
N PHE E 205 21.86 -6.35 6.25
CA PHE E 205 20.59 -6.21 5.56
C PHE E 205 19.44 -6.61 6.47
N TYR E 206 18.26 -6.05 6.14
CA TYR E 206 17.03 -6.42 6.81
C TYR E 206 15.93 -6.17 5.80
N PRO E 207 14.96 -7.07 5.58
CA PRO E 207 14.79 -8.33 6.32
C PRO E 207 15.73 -9.46 5.92
N ARG E 208 15.55 -10.63 6.56
CA ARG E 208 16.51 -11.71 6.49
C ARG E 208 16.64 -12.32 5.09
N PRO E 209 15.58 -12.58 4.32
CA PRO E 209 15.72 -13.26 3.03
C PRO E 209 16.57 -12.45 2.04
N ILE E 210 17.47 -13.15 1.37
CA ILE E 210 18.34 -12.53 0.37
C ILE E 210 18.77 -13.62 -0.60
N VAL E 211 19.09 -13.19 -1.84
CA VAL E 211 19.72 -14.09 -2.79
C VAL E 211 21.03 -13.42 -3.22
N VAL E 212 22.11 -14.14 -3.02
CA VAL E 212 23.42 -13.70 -3.49
C VAL E 212 23.96 -14.80 -4.38
N SER E 213 24.16 -14.44 -5.66
CA SER E 213 24.55 -15.36 -6.71
C SER E 213 25.85 -14.87 -7.36
N TRP E 214 26.70 -15.84 -7.71
CA TRP E 214 27.81 -15.61 -8.61
C TRP E 214 27.39 -15.93 -10.03
N LEU E 215 27.67 -14.97 -10.91
CA LEU E 215 27.48 -15.07 -12.36
C LEU E 215 28.86 -15.32 -12.99
N LYS E 216 28.91 -16.30 -13.90
CA LYS E 216 30.06 -16.43 -14.79
C LYS E 216 29.58 -16.19 -16.22
N ASP E 217 30.18 -15.19 -16.85
CA ASP E 217 29.82 -14.74 -18.18
C ASP E 217 28.33 -14.41 -18.23
N GLY E 218 27.78 -13.89 -17.13
CA GLY E 218 26.42 -13.39 -17.10
C GLY E 218 25.38 -14.44 -16.71
N ALA E 219 25.80 -15.69 -16.44
CA ALA E 219 24.88 -16.76 -16.06
C ALA E 219 25.14 -17.19 -14.63
N VAL E 220 24.07 -17.45 -13.86
CA VAL E 220 24.16 -17.95 -12.51
C VAL E 220 24.89 -19.29 -12.49
N ARG E 221 25.87 -19.41 -11.59
CA ARG E 221 26.74 -20.57 -11.56
C ARG E 221 26.82 -21.08 -10.13
N GLY E 222 26.06 -22.12 -9.80
CA GLY E 222 26.14 -22.78 -8.51
C GLY E 222 27.22 -23.86 -8.43
N GLN E 223 27.90 -24.15 -9.54
CA GLN E 223 28.93 -25.19 -9.54
C GLN E 223 30.22 -24.56 -9.00
N ASP E 224 30.73 -25.17 -7.92
CA ASP E 224 31.87 -24.66 -7.18
C ASP E 224 31.54 -23.39 -6.38
N ALA E 225 30.24 -23.09 -6.21
CA ALA E 225 29.77 -21.99 -5.36
C ALA E 225 29.36 -22.52 -3.99
N HIS E 226 29.73 -21.79 -2.93
CA HIS E 226 29.46 -22.22 -1.56
C HIS E 226 28.90 -21.03 -0.79
N SER E 227 27.77 -21.24 -0.11
CA SER E 227 27.13 -20.19 0.66
C SER E 227 27.31 -20.49 2.15
N GLY E 228 27.53 -19.45 2.96
CA GLY E 228 27.54 -19.57 4.40
C GLY E 228 26.14 -19.52 5.03
N GLY E 229 25.10 -19.40 4.21
CA GLY E 229 23.77 -19.15 4.70
C GLY E 229 23.65 -17.77 5.34
N ILE E 230 22.50 -17.50 5.94
CA ILE E 230 22.20 -16.19 6.44
C ILE E 230 22.41 -16.21 7.95
N VAL E 231 23.24 -15.31 8.46
CA VAL E 231 23.65 -15.34 9.86
C VAL E 231 23.45 -13.97 10.47
N PRO E 232 23.21 -13.89 11.79
CA PRO E 232 22.79 -12.64 12.43
C PRO E 232 23.93 -11.73 12.87
N ASN E 233 23.68 -10.42 12.84
CA ASN E 233 24.56 -9.45 13.45
C ASN E 233 24.18 -9.18 14.91
N GLY E 234 22.99 -9.63 15.34
CA GLY E 234 22.58 -9.26 16.71
C GLY E 234 22.32 -7.75 16.97
N ASP E 235 22.29 -6.90 15.94
CA ASP E 235 21.60 -5.60 15.99
C ASP E 235 20.30 -5.66 15.19
N GLY E 236 19.79 -6.87 14.91
CA GLY E 236 18.55 -7.03 14.18
C GLY E 236 18.75 -7.07 12.68
N THR E 237 20.00 -7.06 12.23
CA THR E 237 20.32 -7.16 10.81
C THR E 237 21.10 -8.45 10.58
N TYR E 238 21.33 -8.75 9.31
CA TYR E 238 21.85 -10.04 8.87
C TYR E 238 23.06 -9.89 7.95
N HIS E 239 23.70 -11.03 7.73
CA HIS E 239 24.97 -11.17 7.02
C HIS E 239 24.92 -12.42 6.17
N THR E 240 25.53 -12.40 4.98
CA THR E 240 25.78 -13.62 4.27
C THR E 240 27.06 -13.52 3.41
N TRP E 241 27.69 -14.65 3.15
CA TRP E 241 28.77 -14.71 2.17
C TRP E 241 28.60 -15.90 1.25
N VAL E 242 29.02 -15.69 0.00
CA VAL E 242 29.03 -16.73 -1.00
C VAL E 242 30.38 -16.66 -1.71
N THR E 243 31.00 -17.81 -1.91
CA THR E 243 32.24 -17.92 -2.66
C THR E 243 32.02 -18.72 -3.94
N ILE E 244 32.94 -18.52 -4.86
CA ILE E 244 33.06 -19.36 -6.05
C ILE E 244 34.55 -19.54 -6.36
N ASP E 245 34.89 -20.74 -6.82
CA ASP E 245 36.25 -21.08 -7.21
C ASP E 245 36.43 -20.85 -8.71
N ALA E 246 37.51 -20.14 -9.07
CA ALA E 246 37.80 -19.77 -10.44
C ALA E 246 39.26 -20.13 -10.74
N GLN E 247 39.59 -20.09 -12.02
CA GLN E 247 40.97 -20.21 -12.48
C GLN E 247 41.65 -18.87 -12.27
N PRO E 248 42.90 -18.83 -11.77
CA PRO E 248 43.68 -17.60 -11.75
C PRO E 248 43.64 -16.91 -13.11
N GLY E 249 43.48 -15.58 -13.08
CA GLY E 249 43.42 -14.79 -14.31
C GLY E 249 42.01 -14.60 -14.87
N ASP E 250 41.03 -15.35 -14.35
CA ASP E 250 39.66 -15.37 -14.85
C ASP E 250 38.72 -14.49 -14.03
N GLY E 251 39.25 -13.67 -13.13
CA GLY E 251 38.44 -12.86 -12.22
C GLY E 251 37.42 -11.98 -12.94
N ASP E 252 37.76 -11.43 -14.11
CA ASP E 252 36.89 -10.48 -14.79
C ASP E 252 35.65 -11.16 -15.40
N LYS E 253 35.58 -12.49 -15.41
CA LYS E 253 34.42 -13.18 -15.94
C LYS E 253 33.27 -13.28 -14.92
N TYR E 254 33.53 -12.84 -13.69
CA TYR E 254 32.66 -13.14 -12.57
C TYR E 254 32.03 -11.85 -12.04
N GLN E 255 30.75 -11.97 -11.62
CA GLN E 255 30.02 -10.85 -11.09
C GLN E 255 29.12 -11.39 -10.00
N CYS E 256 29.07 -10.70 -8.87
CA CYS E 256 28.19 -11.05 -7.76
C CYS E 256 26.89 -10.29 -7.94
N ARG E 257 25.74 -10.98 -7.81
CA ARG E 257 24.44 -10.32 -7.90
C ARG E 257 23.68 -10.48 -6.59
N VAL E 258 23.18 -9.35 -6.07
CA VAL E 258 22.51 -9.33 -4.77
C VAL E 258 21.07 -8.88 -4.98
N GLU E 259 20.12 -9.74 -4.57
CA GLU E 259 18.69 -9.48 -4.69
C GLU E 259 18.12 -9.44 -3.29
N HIS E 260 17.53 -8.30 -2.95
CA HIS E 260 17.01 -8.10 -1.60
C HIS E 260 15.82 -7.15 -1.68
N ALA E 261 14.93 -7.23 -0.68
CA ALA E 261 13.71 -6.42 -0.68
C ALA E 261 14.03 -4.93 -0.67
N SER E 262 15.20 -4.52 -0.15
CA SER E 262 15.61 -3.12 -0.05
C SER E 262 16.01 -2.55 -1.41
N LEU E 263 16.17 -3.41 -2.42
CA LEU E 263 16.80 -3.04 -3.69
C LEU E 263 15.81 -3.24 -4.82
N PRO E 264 15.36 -2.17 -5.49
CA PRO E 264 14.39 -2.33 -6.58
C PRO E 264 14.95 -3.08 -7.78
N GLN E 265 16.24 -3.02 -8.01
CA GLN E 265 16.83 -3.93 -8.97
C GLN E 265 18.05 -4.56 -8.31
N PRO E 266 18.51 -5.71 -8.81
CA PRO E 266 19.67 -6.38 -8.20
C PRO E 266 20.90 -5.50 -8.19
N GLY E 267 21.68 -5.58 -7.09
CA GLY E 267 22.99 -4.97 -7.04
C GLY E 267 24.00 -5.88 -7.75
N LEU E 268 24.92 -5.29 -8.53
CA LEU E 268 25.92 -6.04 -9.26
C LEU E 268 27.30 -5.57 -8.86
N TYR E 269 28.21 -6.51 -8.54
CA TYR E 269 29.54 -6.19 -8.03
C TYR E 269 30.59 -7.06 -8.67
N SER E 270 31.78 -6.48 -8.91
CA SER E 270 32.89 -7.21 -9.49
C SER E 270 34.10 -7.19 -8.54
N TRP E 271 35.07 -8.04 -8.83
CA TRP E 271 36.32 -8.07 -8.08
C TRP E 271 37.24 -7.00 -8.67
N GLU E 272 37.52 -5.96 -7.88
CA GLU E 272 38.21 -4.75 -8.30
C GLU E 272 37.41 -4.08 -9.41
N PRO E 273 36.20 -3.51 -9.13
CA PRO E 273 35.17 -3.24 -10.15
C PRO E 273 35.60 -3.16 -11.64
N LEU F 1 26.58 -33.00 18.09
CA LEU F 1 26.66 -32.39 16.73
C LEU F 1 27.64 -31.22 16.77
N THR F 2 28.63 -31.17 15.86
CA THR F 2 29.74 -30.23 16.03
C THR F 2 29.29 -28.83 15.63
N PRO F 3 29.82 -27.77 16.26
CA PRO F 3 29.48 -26.40 15.89
C PRO F 3 30.00 -26.05 14.49
N LYS F 4 29.16 -25.38 13.71
CA LYS F 4 29.52 -24.78 12.44
C LYS F 4 29.71 -23.29 12.70
N VAL F 5 30.92 -22.77 12.39
CA VAL F 5 31.32 -21.49 12.92
C VAL F 5 31.74 -20.55 11.80
N GLN F 6 31.30 -19.30 11.90
CA GLN F 6 31.66 -18.26 10.95
C GLN F 6 32.07 -17.01 11.73
N VAL F 7 33.09 -16.32 11.20
CA VAL F 7 33.61 -15.10 11.81
C VAL F 7 33.55 -14.00 10.75
N TYR F 8 32.98 -12.86 11.13
CA TYR F 8 32.67 -11.77 10.21
C TYR F 8 32.47 -10.49 10.99
N SER F 9 32.70 -9.34 10.34
CA SER F 9 32.48 -8.05 10.95
C SER F 9 31.12 -7.48 10.54
N ARG F 10 30.54 -6.65 11.42
CA ARG F 10 29.23 -6.03 11.18
C ARG F 10 29.24 -5.24 9.86
N PHE F 11 30.25 -4.40 9.71
CA PHE F 11 30.46 -3.59 8.52
C PHE F 11 31.67 -4.10 7.76
N PRO F 12 31.71 -3.91 6.43
CA PRO F 12 32.95 -4.18 5.70
C PRO F 12 34.05 -3.32 6.33
N ALA F 13 35.18 -3.94 6.65
CA ALA F 13 36.18 -3.39 7.56
C ALA F 13 37.17 -2.49 6.80
N SER F 14 37.75 -1.57 7.55
CA SER F 14 38.87 -0.73 7.14
C SER F 14 39.73 -0.47 8.38
N ALA F 15 41.05 -0.42 8.21
CA ALA F 15 41.92 -0.20 9.36
C ALA F 15 41.58 1.12 10.04
N GLY F 16 41.54 1.09 11.37
CA GLY F 16 41.30 2.30 12.15
C GLY F 16 39.84 2.77 12.15
N THR F 17 38.90 1.99 11.59
CA THR F 17 37.49 2.36 11.59
C THR F 17 36.70 1.46 12.54
N LYS F 18 35.91 2.08 13.41
CA LYS F 18 35.15 1.37 14.42
C LYS F 18 34.20 0.37 13.79
N ASN F 19 34.07 -0.78 14.44
CA ASN F 19 33.34 -1.90 13.87
C ASN F 19 32.93 -2.84 15.00
N VAL F 20 32.39 -4.00 14.61
CA VAL F 20 32.00 -5.04 15.52
C VAL F 20 32.45 -6.38 14.95
N LEU F 21 33.11 -7.19 15.78
CA LEU F 21 33.55 -8.51 15.34
C LEU F 21 32.56 -9.55 15.85
N ASN F 22 32.10 -10.41 14.94
CA ASN F 22 31.09 -11.40 15.25
C ASN F 22 31.66 -12.79 15.09
N CYS F 23 31.24 -13.67 16.01
CA CYS F 23 31.51 -15.09 15.84
C CYS F 23 30.20 -15.83 16.10
N PHE F 24 29.76 -16.57 15.07
CA PHE F 24 28.48 -17.28 15.15
C PHE F 24 28.75 -18.78 15.04
N ALA F 25 28.27 -19.53 16.03
CA ALA F 25 28.29 -20.98 16.03
C ALA F 25 26.85 -21.48 15.96
N ALA F 26 26.63 -22.48 15.11
CA ALA F 26 25.30 -23.05 14.94
C ALA F 26 25.40 -24.57 14.76
N GLY F 27 24.22 -25.22 14.89
CA GLY F 27 24.05 -26.61 14.53
C GLY F 27 24.59 -27.60 15.57
N PHE F 28 24.75 -27.17 16.82
CA PHE F 28 25.46 -27.99 17.79
C PHE F 28 24.52 -28.49 18.89
N HIS F 29 25.01 -29.55 19.54
CA HIS F 29 24.37 -30.15 20.71
C HIS F 29 25.45 -30.95 21.42
N PRO F 30 25.57 -30.93 22.76
CA PRO F 30 24.73 -30.17 23.67
C PRO F 30 24.97 -28.66 23.66
N PRO F 31 24.16 -27.88 24.41
CA PRO F 31 24.24 -26.43 24.31
C PRO F 31 25.46 -25.76 24.94
N LYS F 32 26.14 -26.43 25.88
CA LYS F 32 27.32 -25.82 26.47
C LYS F 32 28.37 -25.63 25.37
N ILE F 33 28.95 -24.43 25.33
CA ILE F 33 29.95 -24.12 24.32
C ILE F 33 30.76 -22.93 24.82
N SER F 34 32.04 -22.94 24.46
CA SER F 34 32.92 -21.84 24.79
C SER F 34 33.33 -21.17 23.48
N ILE F 35 32.99 -19.89 23.35
CA ILE F 35 33.24 -19.13 22.13
C ILE F 35 33.96 -17.86 22.57
N THR F 36 35.20 -17.66 22.08
CA THR F 36 35.98 -16.53 22.56
C THR F 36 36.62 -15.78 21.41
N LEU F 37 36.32 -14.48 21.33
CA LEU F 37 36.94 -13.60 20.34
C LEU F 37 38.37 -13.28 20.79
N MET F 38 39.31 -13.32 19.83
CA MET F 38 40.73 -13.24 20.15
C MET F 38 41.39 -12.23 19.22
N LYS F 39 42.33 -11.45 19.77
CA LYS F 39 43.17 -10.58 18.98
C LYS F 39 44.61 -10.91 19.30
N ASP F 40 45.38 -11.29 18.25
CA ASP F 40 46.78 -11.68 18.45
C ASP F 40 46.90 -12.71 19.57
N GLY F 41 45.95 -13.66 19.65
CA GLY F 41 46.04 -14.77 20.59
C GLY F 41 45.65 -14.43 22.02
N VAL F 42 45.10 -13.23 22.25
CA VAL F 42 44.67 -12.76 23.56
C VAL F 42 43.16 -12.49 23.46
N PRO F 43 42.33 -12.91 24.45
CA PRO F 43 40.90 -12.57 24.41
C PRO F 43 40.65 -11.07 24.28
N MET F 44 39.72 -10.72 23.39
CA MET F 44 39.32 -9.34 23.19
C MET F 44 38.48 -8.84 24.36
N GLU F 45 38.62 -7.56 24.74
CA GLU F 45 37.79 -6.97 25.79
C GLU F 45 36.40 -6.61 25.27
N GLY F 46 35.36 -6.67 26.15
CA GLY F 46 34.03 -6.14 25.86
C GLY F 46 33.11 -7.07 25.03
N ALA F 47 33.42 -8.36 24.98
CA ALA F 47 32.59 -9.32 24.27
C ALA F 47 31.19 -9.42 24.89
N GLN F 48 30.17 -9.48 24.04
CA GLN F 48 28.77 -9.64 24.41
C GLN F 48 28.18 -10.92 23.80
N TYR F 49 27.37 -11.63 24.58
CA TYR F 49 26.89 -12.96 24.20
C TYR F 49 25.39 -12.82 23.99
N SER F 50 24.95 -12.89 22.74
CA SER F 50 23.54 -12.70 22.43
C SER F 50 22.78 -13.84 23.08
N ASP F 51 21.49 -13.63 23.35
CA ASP F 51 20.69 -14.67 23.97
C ASP F 51 20.77 -15.94 23.11
N MET F 52 20.99 -17.08 23.76
CA MET F 52 21.18 -18.31 23.01
C MET F 52 19.84 -18.67 22.34
N SER F 53 19.91 -19.35 21.20
CA SER F 53 18.68 -19.81 20.55
C SER F 53 18.82 -21.25 20.09
N PHE F 54 17.77 -21.78 19.48
CA PHE F 54 17.89 -23.01 18.74
C PHE F 54 16.94 -22.98 17.55
N ASN F 55 17.23 -23.81 16.57
CA ASN F 55 16.52 -23.83 15.31
C ASN F 55 15.43 -24.90 15.27
N ASP F 56 14.72 -24.96 14.14
CA ASP F 56 13.63 -25.91 13.93
C ASP F 56 14.03 -27.35 14.18
N ASP F 57 15.31 -27.68 13.93
CA ASP F 57 15.80 -29.04 14.10
C ASP F 57 16.35 -29.29 15.51
N TRP F 58 16.09 -28.36 16.45
CA TRP F 58 16.52 -28.43 17.84
C TRP F 58 18.00 -28.09 18.10
N THR F 59 18.80 -27.89 17.03
CA THR F 59 20.22 -27.59 17.26
C THR F 59 20.41 -26.16 17.72
N PHE F 60 21.41 -25.97 18.58
CA PHE F 60 21.66 -24.72 19.25
C PHE F 60 22.52 -23.81 18.39
N GLN F 61 22.41 -22.52 18.70
CA GLN F 61 23.27 -21.52 18.10
C GLN F 61 23.53 -20.39 19.10
N ARG F 62 24.69 -19.75 18.92
CA ARG F 62 25.11 -18.65 19.76
C ARG F 62 25.89 -17.66 18.89
N LEU F 63 25.56 -16.39 19.09
CA LEU F 63 26.34 -15.27 18.58
C LEU F 63 27.13 -14.63 19.71
N VAL F 64 28.39 -14.30 19.43
CA VAL F 64 29.20 -13.47 20.28
C VAL F 64 29.68 -12.30 19.43
N HIS F 65 29.68 -11.09 20.01
CA HIS F 65 30.08 -9.90 19.27
C HIS F 65 30.79 -8.92 20.20
N ALA F 66 31.81 -8.24 19.66
CA ALA F 66 32.55 -7.26 20.43
C ALA F 66 32.87 -6.06 19.55
N ASP F 67 32.67 -4.87 20.13
CA ASP F 67 33.16 -3.66 19.49
C ASP F 67 34.66 -3.74 19.33
N PHE F 68 35.16 -3.32 18.16
CA PHE F 68 36.59 -3.25 17.98
C PHE F 68 36.92 -2.30 16.84
N THR F 69 38.20 -1.91 16.83
CA THR F 69 38.70 -1.11 15.71
C THR F 69 39.82 -1.92 15.09
N PRO F 70 39.61 -2.55 13.91
CA PRO F 70 40.62 -3.46 13.38
C PRO F 70 41.90 -2.70 13.03
N SER F 71 43.05 -3.31 13.35
CA SER F 71 44.33 -2.80 12.93
C SER F 71 44.94 -3.71 11.87
N SER F 72 45.68 -3.11 10.92
CA SER F 72 46.40 -3.87 9.93
C SER F 72 47.44 -4.80 10.54
N GLY F 73 47.99 -4.45 11.71
CA GLY F 73 49.06 -5.21 12.28
C GLY F 73 48.64 -6.49 13.00
N SER F 74 47.33 -6.73 13.12
CA SER F 74 46.80 -7.70 14.07
C SER F 74 46.02 -8.81 13.35
N THR F 75 45.91 -9.96 14.00
CA THR F 75 45.01 -11.00 13.50
C THR F 75 43.91 -11.31 14.52
N TYR F 76 42.71 -11.51 13.99
CA TYR F 76 41.52 -11.69 14.81
C TYR F 76 40.98 -13.07 14.53
N ALA F 77 40.44 -13.71 15.58
CA ALA F 77 39.93 -15.07 15.42
C ALA F 77 38.86 -15.32 16.48
N CYS F 78 38.20 -16.47 16.30
CA CYS F 78 37.25 -16.99 17.27
C CYS F 78 37.72 -18.39 17.66
N LYS F 79 37.85 -18.63 18.96
CA LYS F 79 38.28 -19.92 19.48
C LYS F 79 37.06 -20.61 20.07
N VAL F 80 36.80 -21.84 19.64
CA VAL F 80 35.62 -22.57 20.03
C VAL F 80 36.01 -23.87 20.69
N GLU F 81 35.41 -24.13 21.86
CA GLU F 81 35.53 -25.42 22.51
C GLU F 81 34.13 -26.01 22.69
N HIS F 82 34.01 -27.30 22.45
CA HIS F 82 32.73 -27.98 22.53
C HIS F 82 33.03 -29.46 22.76
N GLU F 83 32.10 -30.18 23.42
CA GLU F 83 32.35 -31.57 23.76
C GLU F 83 32.60 -32.47 22.56
N THR F 84 32.11 -32.06 21.39
CA THR F 84 32.28 -32.82 20.17
C THR F 84 33.68 -32.69 19.58
N LEU F 85 34.51 -31.78 20.11
CA LEU F 85 35.81 -31.46 19.54
C LEU F 85 36.88 -31.88 20.53
N LYS F 86 37.88 -32.65 20.07
CA LYS F 86 38.97 -33.10 20.92
C LYS F 86 39.81 -31.93 21.38
N GLU F 87 40.00 -30.94 20.49
CA GLU F 87 40.82 -29.78 20.80
C GLU F 87 40.05 -28.52 20.42
N PRO F 88 40.37 -27.35 21.02
CA PRO F 88 39.78 -26.09 20.58
C PRO F 88 40.02 -25.87 19.09
N GLN F 89 39.04 -25.27 18.41
CA GLN F 89 39.12 -24.95 16.99
C GLN F 89 39.19 -23.44 16.89
N VAL F 90 40.11 -22.94 16.06
CA VAL F 90 40.29 -21.50 15.87
C VAL F 90 39.89 -21.13 14.45
N TYR F 91 38.99 -20.16 14.33
CA TYR F 91 38.45 -19.67 13.07
C TYR F 91 38.94 -18.24 12.88
N LYS F 92 39.69 -18.02 11.79
CA LYS F 92 40.34 -16.75 11.52
C LYS F 92 39.35 -15.81 10.84
N TRP F 93 39.35 -14.56 11.27
CA TRP F 93 38.64 -13.52 10.54
C TRP F 93 39.47 -13.04 9.35
N ASP F 94 38.83 -12.94 8.19
CA ASP F 94 39.43 -12.31 7.02
C ASP F 94 39.05 -10.85 6.98
N PRO F 95 39.99 -9.91 7.17
CA PRO F 95 39.61 -8.50 7.21
C PRO F 95 39.03 -7.98 5.90
N GLU F 96 39.46 -8.54 4.77
CA GLU F 96 39.04 -8.08 3.45
C GLU F 96 39.38 -6.60 3.22
N PHE F 97 40.56 -6.23 3.76
CA PHE F 97 41.19 -4.97 3.44
C PHE F 97 42.71 -5.14 3.52
N MET G 1 41.82 13.36 -1.79
CA MET G 1 42.64 14.39 -1.10
C MET G 1 41.84 14.90 0.09
N GLU G 2 42.48 14.96 1.26
CA GLU G 2 41.74 15.29 2.48
C GLU G 2 41.71 16.81 2.72
N LEU G 3 40.55 17.42 2.53
CA LEU G 3 40.32 18.85 2.66
C LEU G 3 39.61 19.14 3.96
N HIS G 4 40.07 20.20 4.68
CA HIS G 4 39.32 20.68 5.83
C HIS G 4 39.37 22.20 5.81
N THR G 5 38.33 22.81 6.42
CA THR G 5 38.17 24.25 6.44
C THR G 5 37.79 24.76 7.84
N LEU G 6 38.36 25.93 8.17
CA LEU G 6 37.97 26.66 9.37
C LEU G 6 37.56 28.06 8.93
N ARG G 7 36.34 28.46 9.27
CA ARG G 7 35.81 29.74 8.84
C ARG G 7 35.16 30.42 10.04
N TYR G 8 35.61 31.65 10.32
CA TYR G 8 34.91 32.49 11.27
C TYR G 8 34.14 33.61 10.56
N ILE G 9 32.92 33.89 10.99
CA ILE G 9 32.17 35.03 10.50
C ILE G 9 31.62 35.83 11.69
N ARG G 10 31.53 37.14 11.48
CA ARG G 10 30.99 38.07 12.48
C ARG G 10 30.04 39.05 11.78
N THR G 11 28.99 39.44 12.47
CA THR G 11 28.05 40.44 11.95
C THR G 11 27.77 41.44 13.05
N ALA G 12 27.95 42.74 12.76
CA ALA G 12 27.57 43.79 13.69
C ALA G 12 26.52 44.67 13.01
N MET G 13 25.39 44.85 13.70
CA MET G 13 24.19 45.43 13.12
C MET G 13 23.75 46.65 13.93
N THR G 14 23.31 47.70 13.25
CA THR G 14 22.55 48.75 13.93
C THR G 14 21.10 48.32 14.18
N ASP G 15 20.57 47.35 13.42
CA ASP G 15 19.14 47.06 13.44
C ASP G 15 18.93 45.55 13.39
N PRO G 16 19.25 44.81 14.46
CA PRO G 16 19.14 43.35 14.43
C PRO G 16 17.71 42.83 14.48
N GLY G 17 16.80 43.66 15.03
CA GLY G 17 15.44 43.22 15.29
C GLY G 17 15.14 43.17 16.77
N PRO G 18 13.83 43.29 17.15
CA PRO G 18 13.43 43.32 18.55
C PRO G 18 13.93 42.10 19.33
N GLY G 19 14.65 42.36 20.41
CA GLY G 19 15.02 41.31 21.35
C GLY G 19 16.25 40.52 20.91
N LEU G 20 16.86 40.90 19.79
CA LEU G 20 17.96 40.12 19.21
C LEU G 20 19.29 40.84 19.43
N PRO G 21 20.40 40.07 19.53
CA PRO G 21 21.73 40.66 19.72
C PRO G 21 22.21 41.38 18.46
N TRP G 22 22.82 42.56 18.68
CA TRP G 22 23.32 43.35 17.57
C TRP G 22 24.64 42.78 17.01
N TYR G 23 25.32 41.94 17.80
CA TYR G 23 26.61 41.37 17.39
C TYR G 23 26.56 39.86 17.54
N VAL G 24 26.80 39.16 16.40
CA VAL G 24 26.80 37.70 16.40
C VAL G 24 28.07 37.21 15.70
N ASP G 25 28.60 36.10 16.21
CA ASP G 25 29.98 35.71 15.93
C ASP G 25 30.05 34.20 16.02
N VAL G 26 30.36 33.53 14.88
CA VAL G 26 30.27 32.07 14.85
C VAL G 26 31.47 31.51 14.09
N GLY G 27 31.78 30.25 14.42
CA GLY G 27 32.81 29.52 13.70
C GLY G 27 32.28 28.21 13.14
N TYR G 28 32.91 27.77 12.04
CA TYR G 28 32.55 26.58 11.30
C TYR G 28 33.82 25.75 11.00
N VAL G 29 33.72 24.44 11.23
CA VAL G 29 34.73 23.48 10.81
C VAL G 29 34.08 22.57 9.75
N ASP G 30 34.67 22.53 8.56
CA ASP G 30 34.13 21.73 7.46
C ASP G 30 32.66 22.05 7.24
N GLY G 31 32.32 23.32 7.33
CA GLY G 31 30.96 23.81 7.11
C GLY G 31 30.02 23.62 8.29
N GLU G 32 30.47 23.06 9.40
CA GLU G 32 29.58 22.72 10.51
C GLU G 32 29.80 23.70 11.65
N LEU G 33 28.72 24.36 12.09
CA LEU G 33 28.74 25.32 13.19
C LEU G 33 29.30 24.67 14.45
N PHE G 34 30.34 25.25 15.07
CA PHE G 34 30.85 24.66 16.28
C PHE G 34 30.96 25.61 17.47
N VAL G 35 31.04 26.93 17.25
CA VAL G 35 31.09 27.92 18.33
C VAL G 35 30.21 29.13 17.98
N HIS G 36 29.63 29.75 19.03
CA HIS G 36 28.76 30.90 18.89
C HIS G 36 28.97 31.87 20.06
N TYR G 37 29.18 33.14 19.69
CA TYR G 37 29.23 34.27 20.62
C TYR G 37 28.20 35.31 20.19
N ASN G 38 27.55 35.96 21.15
CA ASN G 38 26.80 37.15 20.81
C ASN G 38 26.88 38.17 21.95
N SER G 39 26.47 39.39 21.63
CA SER G 39 26.60 40.54 22.53
C SER G 39 25.65 40.48 23.72
N THR G 40 24.66 39.59 23.70
CA THR G 40 23.79 39.43 24.87
C THR G 40 24.43 38.46 25.85
N ALA G 41 24.81 37.28 25.37
CA ALA G 41 25.45 36.25 26.16
C ALA G 41 26.83 36.67 26.67
N ARG G 42 27.57 37.41 25.84
CA ARG G 42 28.93 37.88 26.15
C ARG G 42 29.89 36.71 26.39
N ARG G 43 29.60 35.53 25.84
CA ARG G 43 30.54 34.44 25.86
C ARG G 43 30.34 33.54 24.65
N TYR G 44 31.36 32.78 24.34
CA TYR G 44 31.25 31.71 23.38
C TYR G 44 30.69 30.47 24.05
N VAL G 45 29.84 29.76 23.31
CA VAL G 45 29.33 28.49 23.74
C VAL G 45 29.61 27.47 22.67
N PRO G 46 29.70 26.17 23.02
CA PRO G 46 29.81 25.09 22.04
C PRO G 46 28.52 24.86 21.27
N ARG G 47 28.66 24.44 20.02
CA ARG G 47 27.51 24.10 19.19
C ARG G 47 27.65 22.69 18.63
N THR G 48 28.73 21.99 18.97
CA THR G 48 28.85 20.56 18.70
C THR G 48 29.28 19.84 19.97
N GLU G 49 28.97 18.53 20.02
CA GLU G 49 29.34 17.74 21.18
C GLU G 49 30.86 17.56 21.25
N TRP G 50 31.53 17.47 20.11
CA TRP G 50 32.96 17.21 20.14
C TRP G 50 33.72 18.42 20.68
N ILE G 51 33.31 19.65 20.39
CA ILE G 51 34.07 20.77 20.95
C ILE G 51 33.77 20.87 22.44
N ALA G 52 32.52 20.60 22.84
CA ALA G 52 32.18 20.60 24.27
C ALA G 52 33.04 19.59 25.04
N ALA G 53 33.25 18.42 24.43
CA ALA G 53 33.96 17.34 25.06
C ALA G 53 35.46 17.59 25.13
N LYS G 54 36.06 18.24 24.12
CA LYS G 54 37.51 18.30 24.06
C LYS G 54 38.10 19.66 24.50
N ALA G 55 37.31 20.72 24.52
CA ALA G 55 37.74 22.01 25.02
C ALA G 55 37.67 22.01 26.54
N ASP G 56 38.44 22.83 27.19
CA ASP G 56 38.33 23.02 28.63
C ASP G 56 37.83 24.45 28.90
N GLN G 57 37.66 24.81 30.19
CA GLN G 57 37.14 26.13 30.52
C GLN G 57 38.11 27.23 30.11
N GLN G 58 39.43 26.97 30.14
CA GLN G 58 40.38 27.95 29.68
C GLN G 58 40.18 28.27 28.19
N TYR G 59 39.82 27.28 27.40
CA TYR G 59 39.55 27.51 25.97
C TYR G 59 38.37 28.47 25.84
N TRP G 60 37.28 28.18 26.55
CA TRP G 60 36.07 29.00 26.47
C TRP G 60 36.36 30.42 26.94
N ASP G 61 37.07 30.55 28.04
CA ASP G 61 37.35 31.87 28.58
C ASP G 61 38.25 32.65 27.63
N GLY G 62 39.23 31.99 27.05
CA GLY G 62 40.15 32.63 26.11
C GLY G 62 39.44 33.07 24.82
N GLN G 63 38.57 32.22 24.30
CA GLN G 63 37.81 32.60 23.11
C GLN G 63 36.84 33.74 23.48
N THR G 64 36.24 33.69 24.66
CA THR G 64 35.32 34.72 25.12
C THR G 64 36.04 36.06 25.17
N GLN G 65 37.30 36.09 25.58
CA GLN G 65 38.06 37.34 25.64
C GLN G 65 38.19 37.91 24.23
N ILE G 66 38.45 37.06 23.25
CA ILE G 66 38.56 37.46 21.86
C ILE G 66 37.21 37.97 21.33
N GLY G 67 36.13 37.24 21.63
CA GLY G 67 34.80 37.69 21.22
C GLY G 67 34.48 39.07 21.78
N GLN G 68 34.73 39.26 23.07
CA GLN G 68 34.43 40.55 23.69
C GLN G 68 35.27 41.67 23.08
N GLY G 69 36.53 41.37 22.80
CA GLY G 69 37.41 42.32 22.15
C GLY G 69 36.91 42.68 20.74
N ASN G 70 36.46 41.68 20.00
CA ASN G 70 35.99 41.90 18.65
C ASN G 70 34.65 42.66 18.67
N GLU G 71 33.83 42.38 19.66
CA GLU G 71 32.54 43.08 19.81
C GLU G 71 32.86 44.58 19.99
N GLN G 72 33.86 44.88 20.82
CA GLN G 72 34.20 46.28 21.11
C GLN G 72 34.69 46.98 19.84
N ILE G 73 35.55 46.32 19.07
CA ILE G 73 36.12 46.94 17.89
C ILE G 73 35.07 47.09 16.80
N ASP G 74 34.14 46.13 16.65
CA ASP G 74 33.08 46.31 15.67
C ASP G 74 32.06 47.37 16.11
N ARG G 75 31.85 47.58 17.39
CA ARG G 75 31.02 48.68 17.86
C ARG G 75 31.70 49.97 17.41
N GLU G 76 33.02 50.07 17.61
CA GLU G 76 33.77 51.23 17.14
C GLU G 76 33.60 51.36 15.61
N ASN G 77 33.75 50.26 14.87
CA ASN G 77 33.71 50.29 13.42
C ASN G 77 32.36 50.78 12.90
N LEU G 78 31.27 50.37 13.53
CA LEU G 78 29.94 50.83 13.08
C LEU G 78 29.88 52.35 13.13
N GLY G 79 30.37 52.92 14.22
CA GLY G 79 30.38 54.35 14.41
C GLY G 79 31.35 55.05 13.48
N ILE G 80 32.55 54.49 13.30
CA ILE G 80 33.54 55.06 12.40
C ILE G 80 32.98 55.16 10.99
N LEU G 81 32.34 54.09 10.53
CA LEU G 81 31.85 54.07 9.17
C LEU G 81 30.62 54.96 9.04
N GLN G 82 29.76 55.05 10.03
CA GLN G 82 28.63 55.99 9.97
C GLN G 82 29.17 57.40 9.71
N ARG G 83 30.23 57.78 10.44
CA ARG G 83 30.78 59.13 10.31
C ARG G 83 31.48 59.27 8.97
N ARG G 84 32.23 58.24 8.56
CA ARG G 84 32.99 58.33 7.34
C ARG G 84 32.07 58.49 6.13
N TYR G 85 30.93 57.79 6.16
CA TYR G 85 29.98 57.84 5.06
C TYR G 85 29.02 59.02 5.23
N ASN G 86 29.11 59.74 6.34
CA ASN G 86 28.18 60.83 6.64
C ASN G 86 26.73 60.37 6.59
N GLN G 87 26.48 59.25 7.29
CA GLN G 87 25.18 58.64 7.40
C GLN G 87 24.47 59.07 8.67
N THR G 88 23.15 59.27 8.59
CA THR G 88 22.35 59.44 9.79
C THR G 88 21.35 58.28 9.90
N GLY G 89 21.35 57.68 11.10
CA GLY G 89 20.48 56.56 11.44
C GLY G 89 20.52 55.44 10.39
N GLY G 90 19.39 54.76 10.26
CA GLY G 90 19.20 53.81 9.19
C GLY G 90 19.73 52.45 9.61
N SER G 91 19.66 51.53 8.65
CA SER G 91 20.14 50.18 8.89
C SER G 91 21.55 50.06 8.30
N HIS G 92 22.54 49.68 9.14
CA HIS G 92 23.88 49.43 8.63
C HIS G 92 24.46 48.16 9.27
N THR G 93 25.34 47.49 8.52
CA THR G 93 25.89 46.22 8.95
C THR G 93 27.35 46.13 8.55
N VAL G 94 28.16 45.64 9.49
CA VAL G 94 29.51 45.22 9.21
C VAL G 94 29.56 43.70 9.25
N GLN G 95 30.20 43.08 8.24
CA GLN G 95 30.41 41.63 8.26
C GLN G 95 31.89 41.33 8.07
N TRP G 96 32.36 40.31 8.77
CA TRP G 96 33.69 39.76 8.56
C TRP G 96 33.62 38.28 8.25
N MET G 97 34.51 37.83 7.33
CA MET G 97 34.64 36.43 7.04
C MET G 97 36.13 36.11 6.89
N TYR G 98 36.65 35.15 7.64
CA TYR G 98 38.08 34.82 7.56
C TYR G 98 38.29 33.36 7.93
N GLY G 99 39.49 32.87 7.61
CA GLY G 99 39.81 31.49 7.92
C GLY G 99 40.89 30.90 7.02
N CYS G 100 40.93 29.57 7.02
CA CYS G 100 41.98 28.84 6.35
C CYS G 100 41.40 27.49 5.91
N ASP G 101 41.98 26.99 4.80
CA ASP G 101 41.67 25.68 4.27
C ASP G 101 43.00 24.90 4.26
N ILE G 102 42.94 23.64 4.63
CA ILE G 102 44.07 22.73 4.58
C ILE G 102 43.78 21.51 3.71
N LEU G 103 44.84 21.02 3.06
CA LEU G 103 44.77 19.87 2.18
C LEU G 103 45.91 18.94 2.56
N GLU G 104 45.58 17.72 2.93
CA GLU G 104 46.55 16.79 3.50
C GLU G 104 47.37 17.44 4.64
N GLY G 105 46.70 18.29 5.43
CA GLY G 105 47.31 18.87 6.61
C GLY G 105 47.98 20.23 6.36
N GLY G 106 48.21 20.58 5.10
CA GLY G 106 48.95 21.77 4.74
C GLY G 106 48.02 22.90 4.30
N PRO G 107 48.34 24.17 4.60
CA PRO G 107 47.48 25.28 4.18
C PRO G 107 47.44 25.42 2.66
N ILE G 108 46.25 25.64 2.11
CA ILE G 108 46.09 25.99 0.72
C ILE G 108 45.35 27.31 0.53
N ARG G 109 44.80 27.89 1.59
CA ARG G 109 44.10 29.15 1.46
C ARG G 109 44.04 29.83 2.81
N GLY G 110 44.20 31.15 2.80
CA GLY G 110 43.96 31.95 3.99
C GLY G 110 43.37 33.28 3.56
N TYR G 111 42.27 33.71 4.19
CA TYR G 111 41.54 34.86 3.71
C TYR G 111 41.03 35.64 4.92
N TYR G 112 40.83 36.95 4.68
CA TYR G 112 40.36 37.84 5.72
C TYR G 112 39.68 39.00 5.01
N GLN G 113 38.35 39.05 5.13
CA GLN G 113 37.54 39.95 4.32
C GLN G 113 36.47 40.65 5.16
N MET G 114 36.17 41.91 4.79
CA MET G 114 35.09 42.67 5.41
C MET G 114 34.14 43.18 4.34
N ALA G 115 32.86 43.28 4.72
CA ALA G 115 31.80 43.93 3.97
C ALA G 115 31.15 44.99 4.84
N TYR G 116 30.65 46.03 4.19
CA TYR G 116 29.86 47.09 4.80
C TYR G 116 28.59 47.21 3.98
N ASP G 117 27.45 47.15 4.68
CA ASP G 117 26.12 47.20 4.05
C ASP G 117 26.03 46.20 2.90
N GLY G 118 26.60 45.01 3.11
CA GLY G 118 26.32 43.88 2.22
C GLY G 118 27.22 43.81 1.00
N ARG G 119 28.22 44.71 0.89
CA ARG G 119 29.16 44.65 -0.23
C ARG G 119 30.59 44.75 0.26
N ASP G 120 31.50 44.20 -0.55
CA ASP G 120 32.93 44.20 -0.24
C ASP G 120 33.39 45.58 0.21
N PHE G 121 34.21 45.58 1.26
CA PHE G 121 34.85 46.78 1.76
C PHE G 121 36.36 46.66 1.63
N THR G 122 36.96 45.68 2.34
CA THR G 122 38.39 45.47 2.28
C THR G 122 38.64 43.97 2.35
N ALA G 123 39.78 43.55 1.79
CA ALA G 123 40.16 42.15 1.91
C ALA G 123 41.67 42.07 1.94
N PHE G 124 42.20 41.11 2.69
CA PHE G 124 43.64 40.87 2.72
C PHE G 124 44.06 40.09 1.47
N ASP G 125 45.13 40.54 0.81
CA ASP G 125 45.79 39.77 -0.23
C ASP G 125 47.09 39.25 0.35
N LYS G 126 47.09 38.01 0.83
CA LYS G 126 48.20 37.47 1.57
C LYS G 126 49.45 37.34 0.68
N GLY G 127 49.23 37.09 -0.61
CA GLY G 127 50.29 36.95 -1.59
C GLY G 127 51.12 38.23 -1.77
N THR G 128 50.47 39.39 -1.78
CA THR G 128 51.17 40.65 -1.95
C THR G 128 51.39 41.36 -0.62
N MET G 129 50.80 40.85 0.46
CA MET G 129 50.88 41.42 1.79
C MET G 129 50.29 42.83 1.79
N THR G 130 49.16 42.98 1.09
CA THR G 130 48.44 44.25 1.02
C THR G 130 46.98 44.04 1.42
N PHE G 131 46.24 45.13 1.58
CA PHE G 131 44.81 45.09 1.73
C PHE G 131 44.18 45.79 0.53
N THR G 132 43.08 45.25 0.04
CA THR G 132 42.37 45.82 -1.09
C THR G 132 41.35 46.82 -0.55
N ALA G 133 41.12 47.92 -1.28
CA ALA G 133 40.02 48.82 -0.95
C ALA G 133 38.97 48.71 -2.03
N ALA G 134 37.82 48.09 -1.73
CA ALA G 134 36.82 47.80 -2.74
C ALA G 134 35.99 49.05 -3.07
N VAL G 135 35.94 50.00 -2.13
CA VAL G 135 35.13 51.23 -2.25
C VAL G 135 35.96 52.38 -1.71
N PRO G 136 35.65 53.64 -2.10
CA PRO G 136 36.46 54.77 -1.67
C PRO G 136 36.64 54.92 -0.16
N GLU G 137 35.60 54.54 0.59
CA GLU G 137 35.63 54.70 2.03
C GLU G 137 36.58 53.68 2.66
N ALA G 138 37.05 52.68 1.92
CA ALA G 138 38.00 51.71 2.45
C ALA G 138 39.44 52.14 2.23
N VAL G 139 39.68 53.20 1.45
CA VAL G 139 41.04 53.60 1.16
C VAL G 139 41.74 54.03 2.45
N PRO G 140 41.11 54.78 3.36
CA PRO G 140 41.75 55.10 4.64
C PRO G 140 42.12 53.89 5.51
N THR G 141 41.31 52.83 5.40
CA THR G 141 41.56 51.59 6.11
C THR G 141 42.76 50.88 5.50
N LYS G 142 42.79 50.75 4.18
CA LYS G 142 43.94 50.18 3.47
C LYS G 142 45.23 50.87 3.90
N ARG G 143 45.21 52.22 3.84
CA ARG G 143 46.42 52.99 4.09
C ARG G 143 46.88 52.77 5.53
N LYS G 144 45.94 52.90 6.46
CA LYS G 144 46.23 52.77 7.88
C LYS G 144 46.78 51.37 8.19
N TRP G 145 46.16 50.33 7.62
CA TRP G 145 46.56 48.98 7.97
C TRP G 145 47.88 48.57 7.32
N GLU G 146 48.16 49.10 6.11
CA GLU G 146 49.42 48.86 5.44
C GLU G 146 50.54 49.60 6.17
N GLU G 147 50.30 50.86 6.56
CA GLU G 147 51.30 51.64 7.27
C GLU G 147 51.61 51.01 8.63
N GLY G 148 50.62 50.34 9.24
CA GLY G 148 50.76 49.77 10.57
C GLY G 148 51.44 48.41 10.57
N ASP G 149 51.68 47.83 9.39
CA ASP G 149 52.38 46.56 9.25
C ASP G 149 51.65 45.40 9.93
N TYR G 150 50.33 45.39 9.86
CA TYR G 150 49.55 44.32 10.46
C TYR G 150 49.57 43.09 9.57
N ALA G 151 50.00 43.20 8.31
CA ALA G 151 49.99 42.06 7.42
C ALA G 151 50.82 40.90 7.98
N GLU G 152 51.95 41.18 8.62
CA GLU G 152 52.83 40.11 9.11
C GLU G 152 52.08 39.23 10.15
N GLY G 153 51.43 39.89 11.12
CA GLY G 153 50.68 39.20 12.15
C GLY G 153 49.46 38.46 11.58
N LEU G 154 48.80 39.05 10.59
CA LEU G 154 47.64 38.40 9.98
C LEU G 154 48.07 37.17 9.18
N LYS G 155 49.16 37.28 8.45
CA LYS G 155 49.71 36.14 7.74
C LYS G 155 50.03 35.01 8.71
N GLN G 156 50.65 35.33 9.84
CA GLN G 156 50.99 34.33 10.86
C GLN G 156 49.73 33.67 11.41
N TYR G 157 48.68 34.43 11.67
CA TYR G 157 47.41 33.83 12.10
C TYR G 157 46.90 32.88 11.01
N LEU G 158 46.86 33.34 9.76
CA LEU G 158 46.21 32.56 8.71
C LEU G 158 47.00 31.30 8.35
N GLU G 159 48.32 31.36 8.41
CA GLU G 159 49.17 30.26 7.96
C GLU G 159 49.65 29.37 9.11
N GLU G 160 49.65 29.86 10.34
CA GLU G 160 50.14 29.07 11.48
C GLU G 160 49.02 28.81 12.50
N THR G 161 48.51 29.86 13.16
CA THR G 161 47.54 29.69 14.24
C THR G 161 46.28 28.98 13.75
N CYS G 162 45.67 29.52 12.69
CA CYS G 162 44.44 28.99 12.12
C CYS G 162 44.63 27.53 11.74
N VAL G 163 45.79 27.21 11.13
CA VAL G 163 46.06 25.85 10.66
C VAL G 163 46.24 24.88 11.83
N GLU G 164 46.98 25.31 12.84
CA GLU G 164 47.21 24.48 14.02
C GLU G 164 45.87 24.16 14.68
N TRP G 165 44.99 25.16 14.82
CA TRP G 165 43.70 24.91 15.46
C TRP G 165 42.80 24.04 14.58
N LEU G 166 42.79 24.26 13.27
CA LEU G 166 41.96 23.46 12.38
C LEU G 166 42.39 21.99 12.46
N ARG G 167 43.69 21.73 12.48
CA ARG G 167 44.14 20.36 12.64
C ARG G 167 43.65 19.74 13.96
N ARG G 168 43.66 20.52 15.03
CA ARG G 168 43.16 20.05 16.31
C ARG G 168 41.67 19.75 16.23
N TYR G 169 40.87 20.67 15.65
CA TYR G 169 39.45 20.53 15.61
C TYR G 169 39.06 19.28 14.82
N VAL G 170 39.73 19.05 13.69
CA VAL G 170 39.39 17.90 12.88
C VAL G 170 39.68 16.60 13.61
N GLU G 171 40.70 16.60 14.48
CA GLU G 171 40.97 15.44 15.32
C GLU G 171 39.88 15.31 16.39
N TYR G 172 39.50 16.41 17.04
CA TYR G 172 38.49 16.38 18.08
C TYR G 172 37.17 15.86 17.52
N GLY G 173 36.84 16.25 16.28
CA GLY G 173 35.56 15.98 15.69
C GLY G 173 35.57 14.89 14.64
N LYS G 174 36.63 14.10 14.57
CA LYS G 174 36.84 13.19 13.44
C LYS G 174 35.65 12.25 13.25
N ALA G 175 35.11 11.70 14.33
CA ALA G 175 34.00 10.74 14.24
C ALA G 175 32.76 11.40 13.61
N GLU G 176 32.41 12.59 14.12
CA GLU G 176 31.22 13.31 13.68
C GLU G 176 31.45 13.82 12.24
N LEU G 177 32.62 14.39 11.96
CA LEU G 177 32.84 15.03 10.65
C LEU G 177 32.89 13.97 9.56
N GLY G 178 33.35 12.77 9.92
CA GLY G 178 33.59 11.73 8.94
C GLY G 178 32.42 10.76 8.83
N ARG G 179 31.33 10.98 9.58
CA ARG G 179 30.20 10.09 9.52
C ARG G 179 29.47 10.21 8.18
N ARG G 180 28.63 9.20 7.92
CA ARG G 180 27.69 9.25 6.82
C ARG G 180 26.30 9.00 7.36
N GLU G 181 25.37 9.87 7.01
CA GLU G 181 23.95 9.63 7.25
C GLU G 181 23.22 9.54 5.91
N ARG G 182 22.47 8.44 5.75
CA ARG G 182 21.77 8.10 4.53
C ARG G 182 20.50 8.90 4.45
N PRO G 183 20.13 9.42 3.28
CA PRO G 183 18.88 10.15 3.18
C PRO G 183 17.69 9.22 3.18
N GLU G 184 16.56 9.67 3.76
CA GLU G 184 15.26 9.06 3.52
C GLU G 184 14.63 9.81 2.37
N VAL G 185 14.24 9.08 1.32
CA VAL G 185 13.83 9.71 0.08
C VAL G 185 12.36 9.42 -0.16
N ARG G 186 11.62 10.45 -0.56
CA ARG G 186 10.22 10.28 -0.89
C ARG G 186 9.96 10.91 -2.25
N VAL G 187 9.29 10.10 -3.09
CA VAL G 187 8.79 10.58 -4.36
C VAL G 187 7.28 10.82 -4.24
N TRP G 188 6.86 11.98 -4.69
CA TRP G 188 5.47 12.43 -4.60
C TRP G 188 5.09 13.01 -5.94
N GLY G 189 3.83 12.90 -6.31
CA GLY G 189 3.40 13.39 -7.61
C GLY G 189 2.07 14.08 -7.48
N LYS G 190 1.87 15.12 -8.30
CA LYS G 190 0.69 15.96 -8.25
C LYS G 190 0.39 16.42 -9.65
N GLU G 191 -0.88 16.31 -10.06
CA GLU G 191 -1.27 16.74 -11.40
C GLU G 191 -2.08 18.03 -11.31
N ALA G 192 -1.85 18.93 -12.27
CA ALA G 192 -2.68 20.12 -12.44
C ALA G 192 -2.57 20.60 -13.89
N ASP G 193 -3.72 20.88 -14.52
CA ASP G 193 -3.78 21.52 -15.83
C ASP G 193 -3.02 20.72 -16.87
N GLY G 194 -3.12 19.39 -16.79
CA GLY G 194 -2.52 18.49 -17.77
C GLY G 194 -1.02 18.26 -17.57
N ILE G 195 -0.47 18.70 -16.42
CA ILE G 195 0.96 18.49 -16.11
C ILE G 195 1.10 17.68 -14.82
N LEU G 196 1.83 16.55 -14.90
CA LEU G 196 2.19 15.73 -13.74
C LEU G 196 3.54 16.23 -13.23
N THR G 197 3.55 16.83 -12.04
CA THR G 197 4.80 17.26 -11.42
C THR G 197 5.23 16.18 -10.43
N LEU G 198 6.41 15.59 -10.67
CA LEU G 198 6.99 14.62 -9.76
C LEU G 198 8.04 15.33 -8.90
N SER G 199 8.01 15.01 -7.60
CA SER G 199 8.92 15.57 -6.62
C SER G 199 9.75 14.43 -6.03
N CYS G 200 11.06 14.68 -5.90
CA CYS G 200 11.97 13.78 -5.21
C CYS G 200 12.62 14.57 -4.08
N ARG G 201 12.38 14.16 -2.83
CA ARG G 201 12.84 14.89 -1.66
C ARG G 201 13.72 13.97 -0.83
N ALA G 202 14.94 14.42 -0.55
CA ALA G 202 15.92 13.65 0.23
C ALA G 202 16.08 14.31 1.59
N HIS G 203 15.77 13.55 2.64
CA HIS G 203 15.71 14.04 4.01
C HIS G 203 16.89 13.46 4.81
N GLY G 204 17.65 14.35 5.45
CA GLY G 204 18.51 13.95 6.55
C GLY G 204 19.88 13.38 6.13
N PHE G 205 20.46 13.84 5.02
CA PHE G 205 21.75 13.28 4.60
C PHE G 205 22.91 14.08 5.19
N TYR G 206 24.03 13.38 5.34
CA TYR G 206 25.27 13.99 5.75
C TYR G 206 26.36 13.12 5.16
N PRO G 207 27.42 13.64 4.53
CA PRO G 207 27.69 15.08 4.39
C PRO G 207 26.85 15.82 3.35
N ARG G 208 27.14 17.12 3.19
CA ARG G 208 26.29 18.03 2.48
C ARG G 208 26.20 17.73 1.00
N PRO G 209 27.29 17.46 0.25
CA PRO G 209 27.20 17.29 -1.20
C PRO G 209 26.33 16.10 -1.59
N ILE G 210 25.46 16.35 -2.56
CA ILE G 210 24.55 15.32 -3.06
C ILE G 210 24.23 15.65 -4.51
N VAL G 211 23.91 14.61 -5.27
CA VAL G 211 23.32 14.82 -6.59
C VAL G 211 21.99 14.09 -6.60
N VAL G 212 20.94 14.81 -6.98
CA VAL G 212 19.62 14.19 -7.14
C VAL G 212 19.18 14.51 -8.55
N SER G 213 18.95 13.45 -9.34
CA SER G 213 18.63 13.54 -10.75
C SER G 213 17.33 12.76 -11.05
N TRP G 214 16.53 13.28 -11.97
CA TRP G 214 15.40 12.59 -12.54
C TRP G 214 15.83 11.89 -13.83
N LEU G 215 15.55 10.58 -13.91
CA LEU G 215 15.78 9.76 -15.09
C LEU G 215 14.43 9.50 -15.76
N LYS G 216 14.38 9.65 -17.09
CA LYS G 216 13.25 9.17 -17.87
C LYS G 216 13.76 8.07 -18.80
N ASP G 217 13.19 6.87 -18.61
CA ASP G 217 13.58 5.68 -19.35
C ASP G 217 15.09 5.43 -19.18
N GLY G 218 15.65 5.79 -18.01
CA GLY G 218 17.03 5.48 -17.68
C GLY G 218 18.02 6.56 -18.10
N ALA G 219 17.55 7.66 -18.71
CA ALA G 219 18.41 8.77 -19.10
C ALA G 219 18.12 10.02 -18.27
N VAL G 220 19.19 10.70 -17.86
CA VAL G 220 19.10 11.91 -17.06
C VAL G 220 18.39 12.99 -17.85
N ARG G 221 17.40 13.62 -17.22
CA ARG G 221 16.50 14.52 -17.93
C ARG G 221 16.42 15.83 -17.17
N GLY G 222 17.14 16.86 -17.65
CA GLY G 222 17.08 18.19 -17.09
C GLY G 222 15.97 19.07 -17.69
N GLN G 223 15.10 18.51 -18.54
CA GLN G 223 14.28 19.25 -19.50
C GLN G 223 13.41 20.31 -18.81
N ASP G 224 12.48 19.88 -17.93
CA ASP G 224 11.74 20.79 -17.07
C ASP G 224 11.95 20.39 -15.61
N ALA G 225 13.23 20.23 -15.27
CA ALA G 225 13.68 19.82 -13.93
C ALA G 225 14.11 21.04 -13.11
N HIS G 226 13.75 21.07 -11.83
CA HIS G 226 14.05 22.23 -10.99
C HIS G 226 14.55 21.73 -9.63
N SER G 227 15.66 22.28 -9.14
CA SER G 227 16.23 21.89 -7.85
C SER G 227 16.03 23.02 -6.85
N GLY G 228 15.74 22.67 -5.60
CA GLY G 228 15.71 23.65 -4.52
C GLY G 228 17.08 23.91 -3.88
N GLY G 229 18.13 23.29 -4.42
CA GLY G 229 19.42 23.32 -3.75
C GLY G 229 19.43 22.60 -2.42
N ILE G 230 20.54 22.71 -1.69
CA ILE G 230 20.75 21.94 -0.48
C ILE G 230 20.51 22.89 0.68
N VAL G 231 19.61 22.49 1.58
CA VAL G 231 19.20 23.35 2.70
C VAL G 231 19.33 22.58 3.99
N PRO G 232 19.59 23.28 5.12
CA PRO G 232 19.91 22.62 6.37
C PRO G 232 18.71 22.18 7.20
N ASN G 233 18.87 21.08 7.93
CA ASN G 233 17.96 20.71 9.01
C ASN G 233 18.50 21.28 10.31
N GLY G 234 17.72 21.18 11.39
CA GLY G 234 18.21 21.64 12.69
C GLY G 234 19.41 20.90 13.30
N ASP G 235 19.77 19.72 12.76
CA ASP G 235 20.50 18.71 13.51
C ASP G 235 21.83 18.33 12.84
N GLY G 236 22.38 19.18 11.96
CA GLY G 236 23.64 18.92 11.31
C GLY G 236 23.52 18.05 10.05
N THR G 237 22.28 17.82 9.61
CA THR G 237 22.03 17.10 8.39
C THR G 237 21.36 18.05 7.41
N TYR G 238 21.16 17.57 6.16
CA TYR G 238 20.70 18.40 5.08
C TYR G 238 19.50 17.78 4.37
N HIS G 239 18.91 18.61 3.50
CA HIS G 239 17.66 18.34 2.80
C HIS G 239 17.82 18.85 1.38
N THR G 240 17.20 18.16 0.40
CA THR G 240 17.03 18.77 -0.92
C THR G 240 15.77 18.25 -1.60
N TRP G 241 15.24 19.02 -2.56
CA TRP G 241 14.18 18.53 -3.43
C TRP G 241 14.45 18.88 -4.88
N VAL G 242 13.98 18.00 -5.76
CA VAL G 242 14.05 18.21 -7.19
C VAL G 242 12.70 17.81 -7.78
N THR G 243 12.17 18.65 -8.68
CA THR G 243 10.96 18.30 -9.42
C THR G 243 11.25 18.14 -10.91
N ILE G 244 10.32 17.44 -11.57
CA ILE G 244 10.30 17.39 -13.02
C ILE G 244 8.82 17.37 -13.47
N ASP G 245 8.55 18.03 -14.60
CA ASP G 245 7.23 18.04 -15.21
C ASP G 245 7.12 16.93 -16.25
N ALA G 246 6.04 16.15 -16.16
CA ALA G 246 5.82 14.99 -17.00
C ALA G 246 4.40 15.04 -17.57
N GLN G 247 4.15 14.16 -18.54
CA GLN G 247 2.82 13.96 -19.07
C GLN G 247 2.07 13.06 -18.10
N PRO G 248 0.80 13.35 -17.78
CA PRO G 248 -0.04 12.41 -17.05
C PRO G 248 0.03 11.02 -17.69
N GLY G 249 0.10 9.99 -16.85
CA GLY G 249 0.20 8.60 -17.29
C GLY G 249 1.63 8.12 -17.52
N ASP G 250 2.61 9.04 -17.45
CA ASP G 250 4.01 8.71 -17.71
C ASP G 250 4.79 8.44 -16.43
N GLY G 251 4.13 8.38 -15.26
CA GLY G 251 4.79 8.24 -13.97
C GLY G 251 5.79 7.09 -13.90
N ASP G 252 5.43 5.93 -14.48
CA ASP G 252 6.25 4.73 -14.36
C ASP G 252 7.56 4.83 -15.15
N LYS G 253 7.70 5.83 -16.03
CA LYS G 253 8.92 6.00 -16.82
C LYS G 253 10.03 6.72 -16.03
N TYR G 254 9.70 7.22 -14.83
CA TYR G 254 10.59 8.14 -14.14
C TYR G 254 11.12 7.49 -12.87
N GLN G 255 12.39 7.80 -12.60
CA GLN G 255 13.06 7.33 -11.43
C GLN G 255 13.94 8.47 -10.94
N CYS G 256 13.94 8.67 -9.63
CA CYS G 256 14.81 9.61 -8.98
C CYS G 256 16.11 8.89 -8.60
N ARG G 257 17.25 9.48 -8.94
CA ARG G 257 18.54 8.85 -8.65
C ARG G 257 19.30 9.74 -7.67
N VAL G 258 19.69 9.14 -6.56
CA VAL G 258 20.36 9.88 -5.50
C VAL G 258 21.79 9.34 -5.38
N GLU G 259 22.76 10.26 -5.58
CA GLU G 259 24.18 9.95 -5.49
C GLU G 259 24.72 10.69 -4.26
N HIS G 260 25.20 9.93 -3.28
CA HIS G 260 25.61 10.49 -2.02
C HIS G 260 26.68 9.58 -1.42
N ALA G 261 27.57 10.13 -0.58
CA ALA G 261 28.66 9.36 -0.01
C ALA G 261 28.16 8.17 0.83
N SER G 262 26.92 8.27 1.38
CA SER G 262 26.35 7.24 2.24
C SER G 262 25.81 6.06 1.44
N LEU G 263 25.77 6.18 0.12
CA LEU G 263 25.20 5.17 -0.77
C LEU G 263 26.32 4.64 -1.66
N PRO G 264 26.87 3.43 -1.43
CA PRO G 264 27.96 2.92 -2.28
C PRO G 264 27.56 2.82 -3.75
N GLN G 265 26.30 2.44 -4.01
CA GLN G 265 25.76 2.55 -5.34
C GLN G 265 24.57 3.50 -5.25
N PRO G 266 24.35 4.34 -6.27
CA PRO G 266 23.27 5.33 -6.24
C PRO G 266 21.94 4.69 -5.90
N GLY G 267 21.13 5.41 -5.12
CA GLY G 267 19.79 4.98 -4.80
C GLY G 267 18.85 5.31 -5.96
N LEU G 268 17.91 4.39 -6.24
CA LEU G 268 16.92 4.62 -7.27
C LEU G 268 15.53 4.50 -6.63
N TYR G 269 14.68 5.47 -6.91
CA TYR G 269 13.39 5.59 -6.23
C TYR G 269 12.31 5.99 -7.23
N SER G 270 11.12 5.40 -7.06
CA SER G 270 10.04 5.61 -8.03
C SER G 270 8.80 6.10 -7.29
N TRP G 271 7.84 6.60 -8.06
CA TRP G 271 6.57 7.07 -7.52
C TRP G 271 5.64 5.88 -7.32
N GLU G 272 5.36 5.55 -6.06
CA GLU G 272 4.52 4.39 -5.76
C GLU G 272 3.09 4.90 -6.03
N PRO G 273 2.53 4.66 -7.25
CA PRO G 273 1.51 5.54 -7.86
C PRO G 273 0.65 6.41 -6.92
N LEU H 1 17.89 42.74 -0.77
CA LEU H 1 17.74 41.46 -1.53
C LEU H 1 16.67 40.61 -0.86
N THR H 2 15.66 40.12 -1.61
CA THR H 2 14.50 39.50 -0.99
C THR H 2 14.86 38.09 -0.50
N PRO H 3 14.27 37.64 0.63
CA PRO H 3 14.51 36.29 1.11
C PRO H 3 13.95 35.24 0.14
N LYS H 4 14.74 34.18 -0.11
CA LYS H 4 14.27 32.99 -0.79
C LYS H 4 13.97 31.94 0.28
N VAL H 5 12.74 31.42 0.29
CA VAL H 5 12.22 30.69 1.44
C VAL H 5 11.77 29.29 1.03
N GLN H 6 12.10 28.30 1.86
CA GLN H 6 11.64 26.91 1.68
C GLN H 6 11.12 26.39 3.01
N VAL H 7 10.04 25.59 2.94
CA VAL H 7 9.44 24.97 4.10
C VAL H 7 9.40 23.46 3.88
N TYR H 8 9.85 22.69 4.88
CA TYR H 8 10.10 21.27 4.71
C TYR H 8 10.18 20.65 6.09
N SER H 9 9.91 19.34 6.17
CA SER H 9 10.04 18.64 7.43
C SER H 9 11.34 17.84 7.50
N ARG H 10 11.82 17.61 8.72
CA ARG H 10 13.05 16.86 8.95
C ARG H 10 12.98 15.47 8.31
N PHE H 11 11.88 14.78 8.62
CA PHE H 11 11.61 13.44 8.11
C PHE H 11 10.44 13.49 7.13
N PRO H 12 10.35 12.55 6.18
CA PRO H 12 9.15 12.44 5.35
C PRO H 12 7.96 12.25 6.29
N ALA H 13 6.91 13.03 6.09
CA ALA H 13 5.86 13.17 7.09
C ALA H 13 4.82 12.05 6.95
N SER H 14 4.17 11.75 8.08
CA SER H 14 2.98 10.90 8.15
C SER H 14 2.12 11.42 9.30
N ALA H 15 0.80 11.33 9.16
CA ALA H 15 -0.11 11.83 10.19
C ALA H 15 0.17 11.15 11.53
N GLY H 16 0.21 11.95 12.59
CA GLY H 16 0.37 11.43 13.94
C GLY H 16 1.76 10.92 14.27
N THR H 17 2.76 11.17 13.39
CA THR H 17 4.13 10.79 13.67
C THR H 17 4.99 12.02 13.96
N LYS H 18 5.72 11.97 15.07
CA LYS H 18 6.53 13.10 15.52
C LYS H 18 7.58 13.45 14.47
N ASN H 19 7.80 14.76 14.34
CA ASN H 19 8.61 15.30 13.26
C ASN H 19 9.12 16.68 13.69
N VAL H 20 9.78 17.37 12.74
CA VAL H 20 10.25 18.72 12.95
C VAL H 20 9.92 19.53 11.69
N LEU H 21 9.33 20.70 11.85
CA LEU H 21 9.01 21.55 10.72
C LEU H 21 10.09 22.65 10.60
N ASN H 22 10.61 22.78 9.39
CA ASN H 22 11.67 23.72 9.12
C ASN H 22 11.23 24.81 8.16
N CYS H 23 11.72 26.03 8.41
CA CYS H 23 11.58 27.13 7.48
C CYS H 23 12.94 27.80 7.31
N PHE H 24 13.42 27.85 6.06
CA PHE H 24 14.74 28.33 5.74
C PHE H 24 14.61 29.52 4.81
N ALA H 25 15.14 30.67 5.22
CA ALA H 25 15.22 31.86 4.37
C ALA H 25 16.69 32.15 4.10
N ALA H 26 17.00 32.45 2.83
CA ALA H 26 18.37 32.72 2.42
C ALA H 26 18.42 33.85 1.40
N GLY H 27 19.63 34.38 1.18
CA GLY H 27 19.91 35.30 0.11
C GLY H 27 19.47 36.73 0.36
N PHE H 28 19.23 37.12 1.63
CA PHE H 28 18.60 38.41 1.91
C PHE H 28 19.58 39.39 2.56
N HIS H 29 19.17 40.67 2.46
CA HIS H 29 19.87 41.79 3.08
C HIS H 29 18.87 42.93 3.16
N PRO H 30 18.75 43.69 4.26
CA PRO H 30 19.53 43.53 5.48
C PRO H 30 19.19 42.31 6.32
N PRO H 31 19.97 42.04 7.39
CA PRO H 31 19.76 40.81 8.16
C PRO H 31 18.48 40.74 9.00
N LYS H 32 17.89 41.89 9.35
CA LYS H 32 16.66 41.87 10.13
C LYS H 32 15.57 41.15 9.32
N ILE H 33 14.88 40.20 9.98
CA ILE H 33 13.87 39.41 9.30
C ILE H 33 13.00 38.76 10.36
N SER H 34 11.71 38.62 10.03
CA SER H 34 10.78 37.92 10.89
C SER H 34 10.33 36.65 10.17
N ILE H 35 10.59 35.51 10.79
CA ILE H 35 10.25 34.22 10.25
C ILE H 35 9.46 33.50 11.32
N THR H 36 8.22 33.11 11.01
CA THR H 36 7.37 32.49 12.00
C THR H 36 6.71 31.24 11.47
N LEU H 37 6.91 30.11 12.16
CA LEU H 37 6.21 28.88 11.84
C LEU H 37 4.78 28.96 12.36
N MET H 38 3.83 28.53 11.52
CA MET H 38 2.41 28.72 11.81
C MET H 38 1.66 27.41 11.59
N LYS H 39 0.70 27.16 12.47
CA LYS H 39 -0.25 26.07 12.30
C LYS H 39 -1.65 26.67 12.32
N ASP H 40 -2.39 26.48 11.23
CA ASP H 40 -3.75 27.00 11.13
C ASP H 40 -3.77 28.49 11.44
N GLY H 41 -2.76 29.23 10.96
CA GLY H 41 -2.74 30.68 11.07
C GLY H 41 -2.28 31.21 12.43
N VAL H 42 -1.86 30.32 13.35
CA VAL H 42 -1.44 30.67 14.69
C VAL H 42 0.03 30.25 14.85
N PRO H 43 0.92 31.09 15.45
CA PRO H 43 2.30 30.66 15.67
C PRO H 43 2.40 29.33 16.40
N MET H 44 3.28 28.46 15.90
CA MET H 44 3.57 27.18 16.54
C MET H 44 4.37 27.38 17.82
N GLU H 45 4.08 26.57 18.84
CA GLU H 45 4.82 26.58 20.10
C GLU H 45 6.16 25.87 19.93
N GLY H 46 7.20 26.33 20.66
CA GLY H 46 8.48 25.64 20.75
C GLY H 46 9.43 25.87 19.56
N ALA H 47 9.19 26.94 18.78
CA ALA H 47 10.06 27.26 17.66
C ALA H 47 11.46 27.59 18.16
N GLN H 48 12.48 27.07 17.46
CA GLN H 48 13.88 27.29 17.75
C GLN H 48 14.56 27.95 16.55
N TYR H 49 15.40 28.93 16.83
CA TYR H 49 16.03 29.73 15.80
C TYR H 49 17.50 29.37 15.77
N SER H 50 17.93 28.69 14.70
CA SER H 50 19.34 28.33 14.58
C SER H 50 20.14 29.63 14.51
N ASP H 51 21.43 29.57 14.88
CA ASP H 51 22.23 30.78 14.82
C ASP H 51 22.21 31.29 13.37
N MET H 52 22.04 32.61 13.21
CA MET H 52 22.00 33.20 11.88
C MET H 52 23.36 32.98 11.22
N SER H 53 23.40 32.97 9.89
CA SER H 53 24.66 32.86 9.17
C SER H 53 24.68 33.79 7.95
N PHE H 54 25.75 33.77 7.19
CA PHE H 54 25.75 34.36 5.87
C PHE H 54 26.72 33.59 4.99
N ASN H 55 26.51 33.73 3.69
CA ASN H 55 27.24 33.00 2.69
C ASN H 55 28.40 33.79 2.12
N ASP H 56 29.16 33.17 1.20
CA ASP H 56 30.33 33.79 0.61
C ASP H 56 30.01 35.10 -0.10
N ASP H 57 28.78 35.27 -0.56
CA ASP H 57 28.37 36.49 -1.24
C ASP H 57 27.79 37.53 -0.27
N TRP H 58 27.96 37.31 1.04
CA TRP H 58 27.54 38.19 2.12
C TRP H 58 26.05 38.16 2.43
N THR H 59 25.24 37.43 1.65
CA THR H 59 23.81 37.40 1.90
C THR H 59 23.50 36.51 3.10
N PHE H 60 22.46 36.91 3.85
CA PHE H 60 22.12 36.31 5.13
C PHE H 60 21.18 35.13 4.94
N GLN H 61 21.20 34.26 5.94
CA GLN H 61 20.27 33.14 5.98
C GLN H 61 19.91 32.80 7.42
N ARG H 62 18.71 32.26 7.60
CA ARG H 62 18.19 31.87 8.89
C ARG H 62 17.35 30.60 8.75
N LEU H 63 17.58 29.66 9.66
CA LEU H 63 16.73 28.49 9.84
C LEU H 63 15.90 28.64 11.10
N VAL H 64 14.60 28.30 11.00
CA VAL H 64 13.74 28.13 12.15
C VAL H 64 13.17 26.71 12.09
N HIS H 65 13.11 26.04 13.23
CA HIS H 65 12.59 24.69 13.30
C HIS H 65 11.81 24.47 14.60
N ALA H 66 10.74 23.67 14.51
CA ALA H 66 9.91 23.37 15.66
C ALA H 66 9.49 21.90 15.61
N ASP H 67 9.60 21.23 16.76
CA ASP H 67 9.02 19.91 16.92
C ASP H 67 7.52 20.01 16.69
N PHE H 68 6.98 19.04 15.96
CA PHE H 68 5.54 18.98 15.79
C PHE H 68 5.13 17.57 15.40
N THR H 69 3.82 17.32 15.56
CA THR H 69 3.23 16.13 15.02
C THR H 69 2.21 16.58 13.99
N PRO H 70 2.45 16.38 12.68
CA PRO H 70 1.52 16.87 11.67
C PRO H 70 0.18 16.14 11.78
N SER H 71 -0.90 16.92 11.67
CA SER H 71 -2.24 16.36 11.51
C SER H 71 -2.73 16.62 10.10
N SER H 72 -3.46 15.67 9.51
CA SER H 72 -4.24 15.97 8.32
C SER H 72 -5.31 16.97 8.70
N GLY H 73 -5.62 17.91 7.80
CA GLY H 73 -6.65 18.90 8.11
C GLY H 73 -6.16 20.09 8.93
N SER H 74 -4.88 20.07 9.37
CA SER H 74 -4.21 21.32 9.71
C SER H 74 -3.32 21.76 8.55
N THR H 75 -3.10 23.07 8.45
CA THR H 75 -2.20 23.59 7.45
C THR H 75 -1.05 24.32 8.15
N TYR H 76 0.16 24.02 7.67
CA TYR H 76 1.37 24.51 8.28
C TYR H 76 2.06 25.42 7.27
N ALA H 77 2.59 26.52 7.77
CA ALA H 77 3.18 27.51 6.91
C ALA H 77 4.28 28.26 7.64
N CYS H 78 5.02 29.01 6.87
CA CYS H 78 6.03 29.93 7.37
C CYS H 78 5.66 31.33 6.90
N LYS H 79 5.54 32.27 7.84
CA LYS H 79 5.25 33.65 7.50
C LYS H 79 6.53 34.47 7.61
N VAL H 80 6.84 35.21 6.56
CA VAL H 80 8.09 35.95 6.48
C VAL H 80 7.82 37.42 6.25
N GLU H 81 8.44 38.26 7.07
CA GLU H 81 8.42 39.70 6.87
C GLU H 81 9.84 40.21 6.75
N HIS H 82 10.07 41.10 5.79
CA HIS H 82 11.38 41.63 5.50
C HIS H 82 11.18 42.98 4.82
N GLU H 83 12.14 43.89 4.98
CA GLU H 83 12.03 45.24 4.44
C GLU H 83 11.83 45.28 2.93
N THR H 84 12.28 44.23 2.25
CA THR H 84 12.15 44.17 0.80
C THR H 84 10.74 43.80 0.34
N LEU H 85 9.86 43.42 1.27
CA LEU H 85 8.53 42.94 0.94
C LEU H 85 7.49 43.93 1.46
N LYS H 86 6.55 44.34 0.59
CA LYS H 86 5.50 45.28 0.97
C LYS H 86 4.59 44.65 2.02
N GLU H 87 4.32 43.34 1.88
CA GLU H 87 3.46 42.62 2.78
C GLU H 87 4.15 41.34 3.23
N PRO H 88 3.76 40.73 4.36
CA PRO H 88 4.22 39.40 4.73
C PRO H 88 3.94 38.39 3.62
N GLN H 89 4.89 37.46 3.45
CA GLN H 89 4.76 36.36 2.50
C GLN H 89 4.57 35.08 3.30
N VAL H 90 3.59 34.26 2.90
CA VAL H 90 3.28 33.02 3.60
C VAL H 90 3.61 31.86 2.66
N TYR H 91 4.46 30.94 3.15
CA TYR H 91 4.89 29.78 2.40
C TYR H 91 4.32 28.54 3.04
N LYS H 92 3.49 27.82 2.27
CA LYS H 92 2.77 26.69 2.80
C LYS H 92 3.64 25.45 2.71
N TRP H 93 3.61 24.64 3.75
CA TRP H 93 4.24 23.34 3.75
C TRP H 93 3.35 22.34 3.02
N ASP H 94 3.96 21.57 2.11
CA ASP H 94 3.31 20.45 1.47
C ASP H 94 3.64 19.20 2.27
N PRO H 95 2.68 18.57 2.96
CA PRO H 95 2.98 17.37 3.72
C PRO H 95 3.15 16.40 2.56
N GLU H 96 3.86 15.35 2.62
CA GLU H 96 3.67 14.74 1.31
C GLU H 96 2.95 13.45 1.60
N PHE H 97 1.73 13.56 2.17
CA PHE H 97 1.01 12.35 2.60
C PHE H 97 -0.51 12.51 2.53
N SER I 1 1.77 -13.44 24.11
CA SER I 1 1.80 -14.06 25.47
C SER I 1 2.30 -15.50 25.41
N ALA I 2 3.20 -15.85 26.34
CA ALA I 2 3.57 -17.25 26.52
C ALA I 2 2.40 -18.01 27.14
N LEU I 3 2.50 -19.33 27.09
CA LEU I 3 1.55 -20.25 27.68
C LEU I 3 2.13 -20.92 28.93
N GLN I 4 1.44 -20.84 30.06
CA GLN I 4 1.89 -21.59 31.20
C GLN I 4 1.65 -23.07 30.98
N ALA I 5 2.66 -23.92 31.18
CA ALA I 5 2.51 -25.36 30.98
C ALA I 5 1.42 -25.90 31.88
N PHE I 6 0.65 -26.87 31.35
CA PHE I 6 -0.55 -27.38 32.02
C PHE I 6 -0.22 -28.57 32.91
N ARG I 7 0.96 -29.22 32.72
CA ARG I 7 1.28 -30.41 33.48
C ARG I 7 2.73 -30.77 33.18
N GLU I 8 3.40 -31.37 34.17
CA GLU I 8 4.71 -31.98 33.96
C GLU I 8 4.58 -33.23 33.07
N VAL I 9 5.71 -33.67 32.51
CA VAL I 9 5.81 -34.85 31.62
C VAL I 9 5.58 -36.17 32.38
N SER J 1 5.65 -17.03 -15.79
CA SER J 1 5.65 -17.89 -17.01
C SER J 1 5.42 -19.34 -16.63
N ALA J 2 4.68 -20.06 -17.48
CA ALA J 2 4.58 -21.49 -17.33
C ALA J 2 5.90 -22.14 -17.70
N LEU J 3 6.02 -23.45 -17.43
CA LEU J 3 7.19 -24.24 -17.84
C LEU J 3 6.75 -25.27 -18.86
N GLN J 4 7.49 -25.37 -19.98
CA GLN J 4 7.26 -26.49 -20.90
C GLN J 4 7.74 -27.79 -20.28
N ALA J 5 6.90 -28.82 -20.20
CA ALA J 5 7.33 -30.11 -19.68
C ALA J 5 8.56 -30.58 -20.47
N PHE J 6 9.50 -31.16 -19.72
CA PHE J 6 10.82 -31.47 -20.22
C PHE J 6 10.85 -32.85 -20.90
N ARG J 7 9.92 -33.74 -20.51
CA ARG J 7 9.86 -35.11 -21.00
C ARG J 7 8.50 -35.68 -20.65
N GLU J 8 7.99 -36.65 -21.43
CA GLU J 8 6.80 -37.41 -21.07
C GLU J 8 7.12 -38.28 -19.87
N VAL J 9 6.09 -38.76 -19.18
CA VAL J 9 6.24 -39.68 -18.04
C VAL J 9 6.79 -41.06 -18.45
N SER K 1 -48.72 2.68 -21.25
CA SER K 1 -48.62 2.82 -22.73
C SER K 1 -48.41 4.29 -23.11
N ALA K 2 -47.59 4.51 -24.12
CA ALA K 2 -47.50 5.81 -24.77
C ALA K 2 -48.81 6.17 -25.50
N LEU K 3 -48.92 7.41 -25.92
CA LEU K 3 -50.07 7.92 -26.69
C LEU K 3 -49.61 8.30 -28.09
N GLN K 4 -50.35 7.86 -29.10
CA GLN K 4 -50.04 8.31 -30.44
C GLN K 4 -50.55 9.75 -30.60
N ALA K 5 -49.69 10.67 -31.06
CA ALA K 5 -50.08 12.03 -31.27
C ALA K 5 -51.28 12.05 -32.23
N PHE K 6 -52.27 12.85 -31.92
CA PHE K 6 -53.55 12.88 -32.61
C PHE K 6 -53.49 13.77 -33.85
N ARG K 7 -52.51 14.64 -33.94
CA ARG K 7 -52.48 15.59 -35.04
C ARG K 7 -51.15 16.33 -35.01
N GLU K 8 -50.67 16.72 -36.20
CA GLU K 8 -49.48 17.56 -36.27
C GLU K 8 -49.83 18.96 -35.74
N VAL K 9 -48.80 19.75 -35.46
CA VAL K 9 -48.96 21.10 -34.94
C VAL K 9 -49.41 22.09 -36.05
N SER L 1 40.72 28.65 16.84
CA SER L 1 40.66 29.92 17.60
C SER L 1 40.31 31.04 16.67
N ALA L 2 39.47 31.94 17.16
CA ALA L 2 39.19 33.20 16.53
C ALA L 2 40.44 34.08 16.59
N LEU L 3 40.41 35.14 15.78
CA LEU L 3 41.47 36.18 15.78
C LEU L 3 40.97 37.50 16.34
N GLN L 4 41.70 38.09 17.32
CA GLN L 4 41.39 39.45 17.76
C GLN L 4 41.71 40.44 16.65
N ALA L 5 40.73 41.28 16.26
CA ALA L 5 41.01 42.35 15.30
C ALA L 5 42.20 43.20 15.77
N PHE L 6 43.08 43.50 14.82
CA PHE L 6 44.37 44.13 15.13
C PHE L 6 44.27 45.67 15.09
N ARG L 7 43.20 46.23 14.51
CA ARG L 7 43.04 47.68 14.41
C ARG L 7 41.60 47.94 13.97
N GLU L 8 41.07 49.10 14.34
CA GLU L 8 39.78 49.55 13.83
C GLU L 8 39.92 49.85 12.35
N VAL L 9 38.80 49.94 11.63
CA VAL L 9 38.81 50.35 10.24
C VAL L 9 39.19 51.84 10.07
#